data_5F97
#
_entry.id   5F97
#
_cell.length_a   102.900
_cell.length_b   134.910
_cell.length_c   123.800
_cell.angle_alpha   90.00
_cell.angle_beta   102.52
_cell.angle_gamma   90.00
#
_symmetry.space_group_name_H-M   'P 1 21 1'
#
loop_
_entity.id
_entity.type
_entity.pdbx_description
1 polymer 'Adhesin binding fucosylated histo-blood group antigen,Adhesin,Adhesin binding fucosylated histo-blood group antigen'
2 polymer 'Nanbody Nb-ER19'
3 branched alpha-L-fucopyranose-(1-2)-[2-acetamido-2-deoxy-alpha-D-galactopyranose-(1-3)]beta-D-galactopyranose-(1-3)-2-acetamido-2-deoxy-beta-D-glucopyranose-(1-3)-beta-D-galactopyranose-(1-4)-beta-D-glucopyranose
4 water water
#
loop_
_entity_poly.entity_id
_entity_poly.type
_entity_poly.pdbx_seq_one_letter_code
_entity_poly.pdbx_strand_id
1 'polypeptide(L)'
;ASWSHPQFEKSGGGGGLVPRGSGIQDLSDNYENLSKLLTRYSTLNTLIKLSADPSAINAARENLGASAKNLIGDTKNSPA
YQAVLLAINAAVGFWNVLGYATQCGGNANGQESTSSTTIFNNEPGYRSTSITCSLNRYKPGYYGPMSIENFKKLNEAYQI
LQTALNKGLPALKENNGTIKDVTYSYICYGEGNNNCEIKLADGQKLQQNGGSETTTQTIDGKTVSTTISSKVVDSTAADN
TYKQSYTEITNALKDVPDSAQALLAQASTLINTINTACPYFSVTNKSGGPQMEPTRGKLCGFTEEISAIQKMITDAQELV
NQTSVINEHEQSTPVGGNNGKPFNPFTDASFAQGMLANASAQAKMLNLAHQVGQTINPDNLTGTFKNFVTGFLATCNNKS
TAGTSGTQGSPPGTVTTQTFASGCAYVEQTITNLNNSIAHFGTQEQQIQQAENIADTLVNFGSHHHHHH
;
A,B,C,D
2 'polypeptide(L)'
;QVQLQESGGGLVQPGGSLRLSCAASGSIFSGNVMGWYRQAPGKLREWVAAITPQGVPNYADSVKGRFTISRDNAKNMLYL
QMSSLKPEDTALYYCNRLPNYRSWGQGTQVTVSSHHHHHH
;
E,F,G,H
#
# COMPACT_ATOMS: atom_id res chain seq x y z
N ASN A 30 27.10 15.14 -47.50
CA ASN A 30 28.53 15.12 -47.02
C ASN A 30 29.43 16.11 -47.78
N TYR A 31 29.72 17.27 -47.18
CA TYR A 31 30.49 18.36 -47.85
C TYR A 31 31.99 18.04 -47.89
N GLU A 32 32.57 18.36 -49.05
CA GLU A 32 33.96 18.03 -49.34
C GLU A 32 34.85 19.02 -48.63
N ASN A 33 34.54 20.32 -48.75
CA ASN A 33 35.38 21.36 -48.18
C ASN A 33 34.69 22.58 -47.59
N LEU A 34 35.47 23.33 -46.87
CA LEU A 34 34.96 24.39 -46.04
C LEU A 34 34.28 25.52 -46.82
N SER A 35 34.82 25.89 -47.96
CA SER A 35 34.21 26.96 -48.75
C SER A 35 32.84 26.58 -49.23
N LYS A 36 32.62 25.31 -49.54
CA LYS A 36 31.28 24.90 -49.95
C LYS A 36 30.40 24.87 -48.71
N LEU A 37 31.02 24.60 -47.58
CA LEU A 37 30.30 24.57 -46.35
C LEU A 37 29.94 25.98 -45.86
N LEU A 38 30.83 26.95 -46.07
CA LEU A 38 30.59 28.33 -45.64
C LEU A 38 29.85 29.20 -46.67
N THR A 39 29.71 28.68 -47.90
CA THR A 39 28.82 29.28 -48.92
C THR A 39 27.40 29.24 -48.39
N ARG A 40 26.98 28.04 -47.95
CA ARG A 40 25.66 27.81 -47.45
C ARG A 40 25.42 28.48 -46.07
N TYR A 41 26.26 28.18 -45.07
CA TYR A 41 26.09 28.69 -43.70
C TYR A 41 27.04 29.87 -43.38
N SER A 42 26.68 31.07 -43.81
CA SER A 42 27.64 32.15 -43.72
C SER A 42 27.98 32.57 -42.27
N THR A 43 27.09 32.32 -41.30
CA THR A 43 27.37 32.71 -39.91
C THR A 43 28.50 31.91 -39.33
N LEU A 44 28.79 30.79 -39.97
CA LEU A 44 29.81 29.89 -39.49
C LEU A 44 31.21 30.43 -39.79
N ASN A 45 31.33 31.07 -40.92
CA ASN A 45 32.53 31.79 -41.26
C ASN A 45 32.82 32.84 -40.20
N THR A 46 31.81 33.63 -39.86
CA THR A 46 31.97 34.62 -38.81
C THR A 46 32.44 34.01 -37.49
N LEU A 47 31.84 32.92 -37.13
CA LEU A 47 32.11 32.31 -35.85
C LEU A 47 33.52 31.78 -35.78
N ILE A 48 34.07 31.43 -36.92
CA ILE A 48 35.46 30.98 -37.00
C ILE A 48 36.42 32.15 -36.84
N LYS A 49 36.14 33.25 -37.55
CA LYS A 49 36.83 34.53 -37.39
C LYS A 49 36.81 34.99 -35.92
N LEU A 50 35.68 34.91 -35.24
CA LEU A 50 35.69 35.23 -33.81
C LEU A 50 36.50 34.22 -32.93
N SER A 51 36.54 32.96 -33.32
CA SER A 51 37.27 32.00 -32.57
C SER A 51 38.78 32.20 -32.69
N ALA A 52 39.22 33.03 -33.62
CA ALA A 52 40.63 33.17 -33.86
C ALA A 52 41.14 34.47 -33.33
N ASP A 53 40.26 35.23 -32.71
CA ASP A 53 40.51 36.63 -32.38
C ASP A 53 40.37 36.83 -30.88
N PRO A 54 41.47 36.69 -30.12
CA PRO A 54 41.40 36.77 -28.67
C PRO A 54 40.66 37.96 -28.12
N SER A 55 40.49 39.03 -28.88
CA SER A 55 39.76 40.17 -28.34
C SER A 55 38.26 39.87 -28.42
N ALA A 56 37.80 39.32 -29.53
CA ALA A 56 36.45 38.70 -29.54
C ALA A 56 36.24 37.66 -28.44
N ILE A 57 37.15 36.71 -28.31
CA ILE A 57 37.00 35.73 -27.25
C ILE A 57 36.91 36.39 -25.89
N ASN A 58 37.75 37.38 -25.63
CA ASN A 58 37.77 38.06 -24.32
C ASN A 58 36.52 38.87 -24.07
N ALA A 59 35.96 39.45 -25.12
CA ALA A 59 34.66 40.10 -25.03
C ALA A 59 33.57 39.08 -24.63
N ALA A 60 33.56 37.92 -25.27
CA ALA A 60 32.58 36.92 -24.89
C ALA A 60 32.70 36.56 -23.44
N ARG A 61 33.94 36.46 -22.93
CA ARG A 61 34.21 36.02 -21.57
C ARG A 61 33.81 37.09 -20.56
N GLU A 62 33.94 38.36 -20.95
CA GLU A 62 33.43 39.46 -20.16
C GLU A 62 31.91 39.32 -20.07
N ASN A 63 31.26 39.06 -21.21
CA ASN A 63 29.80 38.94 -21.21
C ASN A 63 29.35 37.87 -20.24
N LEU A 64 30.06 36.76 -20.25
CA LEU A 64 29.72 35.66 -19.36
C LEU A 64 29.87 36.09 -17.93
N GLY A 65 30.89 36.89 -17.66
CA GLY A 65 30.99 37.52 -16.35
C GLY A 65 29.74 38.29 -15.96
N ALA A 66 29.29 39.15 -16.87
CA ALA A 66 28.23 40.09 -16.60
C ALA A 66 26.88 39.35 -16.52
N SER A 67 26.63 38.45 -17.46
CA SER A 67 25.39 37.69 -17.46
C SER A 67 25.38 36.77 -16.25
N ALA A 68 26.54 36.25 -15.83
CA ALA A 68 26.58 35.48 -14.60
C ALA A 68 26.13 36.36 -13.43
N LYS A 69 26.70 37.56 -13.32
CA LYS A 69 26.28 38.48 -12.28
C LYS A 69 24.78 38.66 -12.34
N ASN A 70 24.20 38.83 -13.53
CA ASN A 70 22.76 38.98 -13.64
C ASN A 70 21.98 37.77 -13.11
N LEU A 71 22.47 36.55 -13.38
CA LEU A 71 21.72 35.38 -12.92
C LEU A 71 21.81 35.12 -11.38
N ILE A 72 23.02 35.21 -10.82
CA ILE A 72 23.29 34.73 -9.47
C ILE A 72 23.72 35.80 -8.47
N GLY A 73 24.10 36.97 -8.94
CA GLY A 73 24.48 38.09 -8.08
C GLY A 73 23.37 39.10 -7.87
N ASP A 74 22.48 39.21 -8.84
CA ASP A 74 21.37 40.15 -8.76
C ASP A 74 20.18 39.40 -8.26
N THR A 75 19.14 40.14 -7.89
CA THR A 75 17.89 39.56 -7.44
C THR A 75 16.79 39.99 -8.39
N LYS A 76 16.21 41.17 -8.23
CA LYS A 76 15.01 41.52 -9.02
C LYS A 76 15.16 41.38 -10.50
N ASN A 77 16.29 41.74 -11.05
CA ASN A 77 16.51 41.50 -12.47
C ASN A 77 16.86 40.08 -12.99
N SER A 78 17.01 39.09 -12.09
CA SER A 78 17.44 37.74 -12.43
C SER A 78 16.26 36.80 -12.64
N PRO A 79 16.16 36.20 -13.82
CA PRO A 79 15.13 35.19 -14.04
C PRO A 79 15.26 34.05 -13.10
N ALA A 80 16.51 33.67 -12.80
CA ALA A 80 16.82 32.55 -11.87
C ALA A 80 16.24 32.85 -10.50
N TYR A 81 16.52 34.04 -10.01
CA TYR A 81 15.98 34.47 -8.72
C TYR A 81 14.45 34.41 -8.74
N GLN A 82 13.80 34.99 -9.77
CA GLN A 82 12.35 35.03 -9.84
C GLN A 82 11.74 33.68 -9.92
N ALA A 83 12.41 32.78 -10.63
CA ALA A 83 11.92 31.43 -10.76
C ALA A 83 11.96 30.69 -9.44
N VAL A 84 13.07 30.80 -8.71
CA VAL A 84 13.12 30.27 -7.35
C VAL A 84 12.07 30.88 -6.43
N LEU A 85 11.96 32.19 -6.43
CA LEU A 85 10.98 32.83 -5.60
C LEU A 85 9.56 32.33 -5.97
N LEU A 86 9.33 32.11 -7.25
CA LEU A 86 8.04 31.72 -7.73
C LEU A 86 7.66 30.37 -7.24
N ALA A 87 8.61 29.45 -7.22
CA ALA A 87 8.38 28.05 -6.80
C ALA A 87 8.04 27.98 -5.34
N ILE A 88 8.76 28.77 -4.57
CA ILE A 88 8.50 28.90 -3.14
C ILE A 88 7.15 29.53 -2.92
N ASN A 89 6.87 30.61 -3.62
CA ASN A 89 5.59 31.28 -3.39
C ASN A 89 4.37 30.39 -3.73
N ALA A 90 4.49 29.56 -4.75
CA ALA A 90 3.37 28.74 -5.15
C ALA A 90 3.09 27.70 -4.08
N ALA A 91 4.14 27.19 -3.41
CA ALA A 91 3.95 26.22 -2.33
C ALA A 91 3.26 26.87 -1.14
N VAL A 92 3.79 27.99 -0.71
CA VAL A 92 3.17 28.77 0.36
C VAL A 92 1.72 29.16 0.04
N GLY A 93 1.49 29.67 -1.17
CA GLY A 93 0.17 30.13 -1.55
C GLY A 93 -0.89 29.03 -1.54
N PHE A 94 -0.52 27.89 -2.09
CA PHE A 94 -1.33 26.68 -1.99
C PHE A 94 -1.84 26.44 -0.58
N TRP A 95 -0.97 26.45 0.41
CA TRP A 95 -1.41 26.27 1.76
C TRP A 95 -2.23 27.47 2.29
N ASN A 96 -1.81 28.70 1.99
CA ASN A 96 -2.63 29.87 2.33
C ASN A 96 -4.04 29.74 1.75
N VAL A 97 -4.18 29.07 0.63
CA VAL A 97 -5.48 28.97 0.02
C VAL A 97 -6.35 27.99 0.74
N LEU A 98 -5.75 26.85 1.11
CA LEU A 98 -6.51 25.70 1.53
C LEU A 98 -6.37 25.31 2.98
N GLY A 99 -5.33 25.77 3.65
CA GLY A 99 -5.10 25.33 5.03
C GLY A 99 -6.26 25.55 5.97
N TYR A 100 -7.00 26.63 5.82
CA TYR A 100 -8.14 26.88 6.71
C TYR A 100 -9.29 25.88 6.56
N ALA A 101 -9.35 25.23 5.43
CA ALA A 101 -10.47 24.36 5.15
C ALA A 101 -10.08 22.95 5.41
N THR A 102 -8.86 22.76 5.88
CA THR A 102 -8.28 21.46 5.98
C THR A 102 -8.47 20.99 7.38
N GLN A 103 -9.04 19.80 7.51
CA GLN A 103 -9.48 19.36 8.83
C GLN A 103 -8.29 18.71 9.51
N CYS A 104 -8.10 18.98 10.79
CA CYS A 104 -6.91 18.44 11.49
C CYS A 104 -7.28 18.23 12.91
N GLY A 105 -6.61 17.31 13.57
CA GLY A 105 -6.97 16.97 14.97
C GLY A 105 -6.24 15.80 15.58
N GLY A 106 -6.61 15.48 16.81
CA GLY A 106 -6.07 14.31 17.46
C GLY A 106 -4.99 14.58 18.46
N ASN A 107 -4.34 13.49 18.86
CA ASN A 107 -3.24 13.45 19.79
C ASN A 107 -1.94 13.00 19.14
N ALA A 108 -0.91 12.90 19.94
CA ALA A 108 0.36 12.43 19.43
C ALA A 108 0.30 11.07 18.73
N ASN A 109 1.27 10.87 17.85
CA ASN A 109 1.48 9.65 17.02
C ASN A 109 0.32 9.27 16.16
N GLY A 110 -0.38 10.31 15.69
CA GLY A 110 -1.53 10.20 14.79
C GLY A 110 -2.75 9.56 15.39
N GLN A 111 -2.88 9.64 16.71
CA GLN A 111 -4.01 9.02 17.39
C GLN A 111 -5.19 9.95 17.44
N GLU A 112 -6.37 9.40 17.59
CA GLU A 112 -7.57 10.20 17.71
C GLU A 112 -7.57 10.68 19.09
N SER A 113 -8.27 11.77 19.31
CA SER A 113 -8.38 12.36 20.62
C SER A 113 -9.83 12.49 20.99
N THR A 114 -10.06 12.71 22.28
CA THR A 114 -11.40 12.89 22.79
C THR A 114 -11.78 14.35 23.01
N SER A 115 -10.86 15.15 23.51
CA SER A 115 -11.12 16.57 23.69
C SER A 115 -9.80 17.34 23.66
N SER A 116 -9.15 17.27 22.50
CA SER A 116 -7.84 17.87 22.26
C SER A 116 -8.02 19.03 21.29
N THR A 117 -7.68 20.23 21.74
CA THR A 117 -7.65 21.39 20.89
C THR A 117 -6.22 21.83 20.75
N THR A 118 -5.75 21.94 19.53
CA THR A 118 -4.39 22.35 19.36
C THR A 118 -4.32 23.50 18.39
N ILE A 119 -3.57 24.54 18.73
CA ILE A 119 -3.59 25.78 17.95
C ILE A 119 -2.23 26.26 17.52
N PHE A 120 -2.04 26.39 16.22
CA PHE A 120 -0.79 26.92 15.71
C PHE A 120 -0.87 28.39 15.38
N ASN A 121 0.01 29.20 15.99
CA ASN A 121 0.03 30.65 15.75
C ASN A 121 0.63 30.98 14.41
N ASN A 122 0.19 32.09 13.84
CA ASN A 122 0.71 32.57 12.57
C ASN A 122 0.49 31.59 11.42
N GLU A 123 -0.77 31.26 11.25
CA GLU A 123 -1.18 30.32 10.22
C GLU A 123 -2.50 30.85 9.77
N PRO A 124 -2.83 30.62 8.49
CA PRO A 124 -3.96 31.25 7.86
C PRO A 124 -5.22 30.52 8.11
N GLY A 125 -5.74 30.70 9.31
CA GLY A 125 -7.04 30.15 9.69
C GLY A 125 -8.18 31.04 9.22
N TYR A 126 -9.38 30.53 9.38
CA TYR A 126 -10.60 31.20 9.02
C TYR A 126 -10.78 32.44 9.84
N ARG A 127 -10.73 33.60 9.23
CA ARG A 127 -10.89 34.86 9.96
C ARG A 127 -9.95 34.89 11.17
N SER A 128 -8.70 34.52 10.99
CA SER A 128 -7.79 34.35 12.13
C SER A 128 -6.32 34.26 11.68
N THR A 129 -5.40 34.46 12.62
CA THR A 129 -4.00 34.26 12.30
C THR A 129 -3.50 32.98 12.96
N SER A 130 -4.45 32.12 13.26
CA SER A 130 -4.17 30.81 13.77
C SER A 130 -5.02 29.76 13.08
N ILE A 131 -4.53 28.53 13.06
CA ILE A 131 -5.35 27.38 12.71
C ILE A 131 -5.55 26.56 13.97
N THR A 132 -6.82 26.43 14.32
CA THR A 132 -7.27 25.48 15.32
C THR A 132 -7.43 24.08 14.71
N CYS A 133 -6.91 23.09 15.40
CA CYS A 133 -7.09 21.69 15.08
C CYS A 133 -7.77 21.08 16.25
N SER A 134 -9.07 20.86 16.15
CA SER A 134 -9.85 20.41 17.28
C SER A 134 -10.86 19.35 16.91
N LEU A 135 -10.64 18.68 15.78
CA LEU A 135 -11.52 17.62 15.35
C LEU A 135 -11.29 16.34 16.14
N ASN A 136 -12.20 16.02 17.04
CA ASN A 136 -12.03 14.85 17.87
C ASN A 136 -12.67 13.59 17.29
N ARG A 137 -12.23 12.46 17.84
CA ARG A 137 -12.76 11.13 17.57
C ARG A 137 -12.33 10.44 16.26
N TYR A 138 -12.28 11.15 15.14
CA TYR A 138 -11.97 10.52 13.86
C TYR A 138 -10.50 10.22 13.82
N LYS A 139 -10.12 9.13 13.18
CA LYS A 139 -8.70 8.79 13.17
C LYS A 139 -7.98 9.71 12.19
N PRO A 140 -6.86 10.31 12.58
CA PRO A 140 -6.15 11.07 11.56
C PRO A 140 -5.65 10.11 10.47
N GLY A 141 -5.47 10.61 9.24
CA GLY A 141 -5.03 9.80 8.11
C GLY A 141 -5.58 10.31 6.78
N TYR A 142 -5.47 9.49 5.76
CA TYR A 142 -6.01 9.77 4.44
C TYR A 142 -7.47 10.17 4.48
N TYR A 143 -7.89 11.11 3.65
CA TYR A 143 -9.28 11.56 3.57
C TYR A 143 -9.84 11.74 4.97
N GLY A 144 -9.00 12.08 5.90
CA GLY A 144 -9.38 12.21 7.30
C GLY A 144 -8.68 13.43 7.86
N PRO A 145 -8.71 13.60 9.18
CA PRO A 145 -7.97 14.73 9.71
C PRO A 145 -6.48 14.61 9.53
N MET A 146 -5.80 15.74 9.33
CA MET A 146 -4.36 15.75 9.39
C MET A 146 -3.94 15.51 10.83
N SER A 147 -2.94 14.62 11.01
CA SER A 147 -2.38 14.42 12.32
C SER A 147 -1.66 15.71 12.74
N ILE A 148 -1.59 15.92 14.04
CA ILE A 148 -0.89 17.05 14.61
C ILE A 148 0.58 16.89 14.33
N GLU A 149 1.05 15.67 14.21
CA GLU A 149 2.45 15.34 13.88
C GLU A 149 2.74 15.94 12.50
N ASN A 150 1.85 15.67 11.56
CA ASN A 150 2.02 16.20 10.21
C ASN A 150 1.84 17.70 10.19
N PHE A 151 0.94 18.26 10.98
CA PHE A 151 0.76 19.71 10.99
C PHE A 151 2.06 20.37 11.44
N LYS A 152 2.58 19.87 12.54
CA LYS A 152 3.83 20.36 13.11
C LYS A 152 4.96 20.47 12.07
N LYS A 153 5.01 19.43 11.22
CA LYS A 153 6.04 19.25 10.24
C LYS A 153 5.87 20.26 9.11
N LEU A 154 4.61 20.42 8.71
CA LEU A 154 4.16 21.44 7.77
C LEU A 154 4.36 22.86 8.30
N ASN A 155 3.97 23.08 9.54
CA ASN A 155 4.00 24.42 10.10
C ASN A 155 5.42 24.98 10.22
N GLU A 156 6.35 24.13 10.59
CA GLU A 156 7.70 24.59 10.70
C GLU A 156 8.23 25.02 9.32
N ALA A 157 7.99 24.22 8.31
CA ALA A 157 8.37 24.60 6.94
C ALA A 157 7.72 25.94 6.54
N TYR A 158 6.44 26.08 6.89
CA TYR A 158 5.70 27.29 6.62
C TYR A 158 6.29 28.49 7.33
N GLN A 159 6.63 28.33 8.62
CA GLN A 159 7.12 29.45 9.42
C GLN A 159 8.45 29.96 8.90
N ILE A 160 9.28 29.04 8.49
CA ILE A 160 10.54 29.36 7.95
C ILE A 160 10.42 30.04 6.59
N LEU A 161 9.51 29.56 5.74
CA LEU A 161 9.36 30.15 4.41
C LEU A 161 8.81 31.60 4.57
N GLN A 162 7.72 31.77 5.32
CA GLN A 162 7.20 33.09 5.53
C GLN A 162 8.27 34.03 6.10
N THR A 163 9.03 33.57 7.09
CA THR A 163 10.02 34.41 7.70
C THR A 163 11.01 34.81 6.59
N ALA A 164 11.40 33.87 5.74
CA ALA A 164 12.38 34.20 4.70
C ALA A 164 11.79 35.14 3.66
N LEU A 165 10.51 34.96 3.33
CA LEU A 165 9.89 35.76 2.27
C LEU A 165 9.80 37.15 2.82
N ASN A 166 9.57 37.27 4.12
CA ASN A 166 9.36 38.57 4.69
C ASN A 166 10.66 39.35 4.79
N LYS A 167 11.73 38.64 4.96
CA LYS A 167 13.04 39.23 5.03
C LYS A 167 13.60 39.38 3.62
N GLY A 168 13.02 38.68 2.64
CA GLY A 168 13.49 38.78 1.26
C GLY A 168 14.65 37.84 1.03
N LEU A 169 14.61 37.13 -0.08
CA LEU A 169 15.54 36.10 -0.36
C LEU A 169 16.82 36.71 -0.93
N PRO A 170 17.96 36.04 -0.69
CA PRO A 170 19.24 36.47 -1.21
C PRO A 170 19.49 36.02 -2.63
N ALA A 171 20.40 36.72 -3.31
CA ALA A 171 20.87 36.27 -4.60
C ALA A 171 21.35 34.82 -4.54
N LEU A 172 21.26 34.15 -5.66
CA LEU A 172 21.55 32.73 -5.77
C LEU A 172 22.92 32.35 -5.25
N LYS A 173 23.95 33.16 -5.52
CA LYS A 173 25.28 32.76 -5.14
C LYS A 173 25.49 32.96 -3.68
N GLU A 174 24.70 33.84 -3.04
CA GLU A 174 24.85 34.12 -1.61
C GLU A 174 24.14 33.05 -0.85
N ASN A 175 24.74 31.87 -0.84
CA ASN A 175 24.16 30.69 -0.20
C ASN A 175 24.75 30.39 1.15
N ASN A 176 25.31 31.39 1.82
CA ASN A 176 25.96 31.16 3.10
C ASN A 176 25.36 32.01 4.24
N GLY A 177 24.25 32.67 3.96
CA GLY A 177 23.57 33.51 4.92
C GLY A 177 22.50 32.77 5.67
N THR A 178 21.96 33.45 6.65
CA THR A 178 21.04 32.82 7.57
C THR A 178 20.04 33.85 8.02
N ILE A 179 18.96 33.36 8.60
CA ILE A 179 17.94 34.15 9.24
C ILE A 179 18.28 34.04 10.73
N LYS A 180 18.42 35.17 11.42
CA LYS A 180 18.90 35.17 12.79
C LYS A 180 17.99 34.30 13.58
N ASP A 181 16.70 34.53 13.38
CA ASP A 181 15.68 34.08 14.30
C ASP A 181 14.39 33.78 13.53
N VAL A 182 13.95 32.51 13.54
CA VAL A 182 12.59 32.10 13.15
C VAL A 182 11.95 31.52 14.43
N THR A 183 10.85 32.12 14.87
CA THR A 183 10.19 31.72 16.11
C THR A 183 8.72 31.47 15.88
N TYR A 184 8.21 30.38 16.41
CA TYR A 184 6.79 30.03 16.25
C TYR A 184 6.32 29.31 17.50
N SER A 185 5.02 29.39 17.73
CA SER A 185 4.43 28.77 18.89
C SER A 185 3.15 28.01 18.51
N TYR A 186 2.85 26.98 19.28
CA TYR A 186 1.56 26.34 19.23
C TYR A 186 1.09 26.17 20.62
N ILE A 187 -0.19 25.91 20.83
CA ILE A 187 -0.69 25.72 22.18
C ILE A 187 -1.62 24.49 22.19
N CYS A 188 -1.56 23.69 23.26
CA CYS A 188 -2.44 22.52 23.43
C CYS A 188 -3.37 22.76 24.58
N TYR A 189 -4.66 22.48 24.43
CA TYR A 189 -5.52 22.45 25.63
C TYR A 189 -6.56 21.37 25.64
N GLY A 190 -7.18 21.18 26.80
CA GLY A 190 -8.31 20.23 26.96
C GLY A 190 -7.86 18.87 27.48
N GLU A 191 -8.83 18.10 28.01
CA GLU A 191 -8.52 16.83 28.68
C GLU A 191 -7.87 15.86 27.74
N GLY A 192 -6.78 15.24 28.19
CA GLY A 192 -6.11 14.19 27.42
C GLY A 192 -5.17 14.70 26.32
N ASN A 193 -5.11 16.02 26.12
CA ASN A 193 -4.33 16.54 25.01
C ASN A 193 -2.87 16.38 25.34
N ASN A 194 -2.19 15.63 24.50
CA ASN A 194 -0.82 15.30 24.77
C ASN A 194 0.08 15.79 23.65
N ASN A 195 -0.39 16.72 22.83
CA ASN A 195 0.46 17.17 21.73
C ASN A 195 1.64 18.11 22.12
N CYS A 196 1.71 18.56 23.39
CA CYS A 196 2.77 19.51 23.83
C CYS A 196 3.73 18.82 24.80
N GLU A 197 3.60 17.51 24.89
CA GLU A 197 4.51 16.71 25.60
C GLU A 197 5.70 16.50 24.66
N ILE A 198 6.88 16.97 25.04
CA ILE A 198 8.03 16.76 24.20
C ILE A 198 9.01 15.76 24.77
N LYS A 199 9.30 14.74 23.97
CA LYS A 199 10.04 13.61 24.41
C LYS A 199 11.53 13.93 24.57
N LEU A 200 12.26 14.39 23.54
CA LEU A 200 13.76 14.52 23.68
C LEU A 200 14.56 13.22 23.54
N ALA A 201 15.81 13.33 23.13
CA ALA A 201 16.59 12.16 22.77
C ALA A 201 17.12 11.26 23.91
N ASP A 202 17.37 11.80 25.13
CA ASP A 202 17.71 10.97 26.32
C ASP A 202 16.47 10.09 26.68
N GLY A 203 15.29 10.47 26.18
CA GLY A 203 14.02 9.86 26.59
C GLY A 203 13.34 10.56 27.76
N GLN A 204 13.84 11.74 28.14
CA GLN A 204 13.26 12.54 29.23
C GLN A 204 12.18 13.48 28.66
N LYS A 205 11.09 13.70 29.41
CA LYS A 205 10.11 14.71 29.03
C LYS A 205 10.68 16.10 29.21
N LEU A 206 10.47 16.99 28.27
CA LEU A 206 10.70 18.42 28.52
C LEU A 206 9.80 18.89 29.68
N GLN A 207 10.43 19.48 30.69
CA GLN A 207 9.71 20.01 31.82
C GLN A 207 8.63 20.98 31.28
N GLN A 208 7.37 20.71 31.67
CA GLN A 208 6.19 21.37 31.12
C GLN A 208 6.04 22.83 31.62
N ASN A 209 6.28 23.09 32.90
CA ASN A 209 6.31 24.50 33.33
C ASN A 209 7.71 25.08 33.30
N GLY A 210 8.05 25.77 32.21
CA GLY A 210 9.31 26.47 32.07
C GLY A 210 10.50 25.64 31.62
N GLY A 211 10.32 24.36 31.26
CA GLY A 211 11.41 23.60 30.62
C GLY A 211 11.85 24.27 29.32
N SER A 212 13.08 24.00 28.93
CA SER A 212 13.69 24.70 27.81
C SER A 212 14.95 23.91 27.43
N GLU A 213 14.97 23.43 26.19
CA GLU A 213 15.99 22.47 25.76
C GLU A 213 16.50 22.76 24.33
N THR A 214 17.74 22.34 24.04
CA THR A 214 18.30 22.48 22.70
C THR A 214 18.22 21.20 21.83
N THR A 215 17.87 21.41 20.58
CA THR A 215 17.69 20.39 19.54
C THR A 215 18.51 20.67 18.30
N THR A 216 18.81 19.66 17.47
CA THR A 216 19.41 19.95 16.15
C THR A 216 18.78 19.21 14.97
N GLN A 217 18.98 19.78 13.80
CA GLN A 217 18.69 19.15 12.54
C GLN A 217 19.64 19.71 11.50
N THR A 218 19.70 19.03 10.36
CA THR A 218 20.54 19.48 9.26
C THR A 218 19.75 20.23 8.21
N ILE A 219 20.22 21.44 7.86
CA ILE A 219 19.60 22.24 6.78
C ILE A 219 20.70 22.69 5.82
N ASP A 220 20.49 22.40 4.54
CA ASP A 220 21.59 22.12 3.58
C ASP A 220 23.01 22.12 4.18
N GLY A 221 23.29 20.96 4.80
CA GLY A 221 24.61 20.55 5.25
C GLY A 221 25.12 21.31 6.43
N LYS A 222 24.24 22.09 7.08
CA LYS A 222 24.56 22.87 8.28
C LYS A 222 23.73 22.43 9.46
N THR A 223 24.27 22.60 10.64
CA THR A 223 23.62 22.16 11.83
C THR A 223 22.96 23.37 12.43
N VAL A 224 21.65 23.27 12.65
CA VAL A 224 20.84 24.37 13.13
C VAL A 224 20.23 23.96 14.44
N SER A 225 20.47 24.77 15.47
CA SER A 225 19.90 24.59 16.79
C SER A 225 18.58 25.31 16.92
N THR A 226 17.72 24.71 17.69
CA THR A 226 16.43 25.19 18.00
C THR A 226 16.33 25.21 19.51
N THR A 227 15.81 26.26 20.07
CA THR A 227 15.55 26.29 21.48
C THR A 227 14.06 26.04 21.67
N ILE A 228 13.75 24.86 22.17
CA ILE A 228 12.35 24.50 22.42
C ILE A 228 12.01 24.66 23.89
N SER A 229 10.85 25.25 24.17
CA SER A 229 10.51 25.69 25.53
C SER A 229 9.03 25.45 25.78
N SER A 230 8.66 25.26 27.05
CA SER A 230 7.28 24.95 27.47
C SER A 230 6.85 25.88 28.61
N LYS A 231 5.62 26.38 28.49
CA LYS A 231 4.99 27.32 29.42
C LYS A 231 3.60 26.76 29.70
N VAL A 232 3.19 26.72 30.97
CA VAL A 232 1.77 26.49 31.29
C VAL A 232 1.07 27.79 31.76
N VAL A 233 -0.15 27.97 31.32
CA VAL A 233 -0.93 29.15 31.65
C VAL A 233 -2.23 28.67 32.23
N ASP A 234 -2.51 28.97 33.49
CA ASP A 234 -3.75 28.50 34.10
C ASP A 234 -5.00 29.16 33.48
N SER A 235 -6.16 28.51 33.61
CA SER A 235 -7.50 29.02 33.22
C SER A 235 -7.88 30.39 33.77
N THR A 236 -7.57 30.59 35.04
CA THR A 236 -7.87 31.83 35.73
C THR A 236 -6.79 32.92 35.58
N ALA A 237 -5.73 32.65 34.82
CA ALA A 237 -4.76 33.70 34.50
C ALA A 237 -5.49 34.86 33.82
N ALA A 238 -5.02 36.08 34.09
CA ALA A 238 -5.69 37.28 33.65
C ALA A 238 -5.62 37.35 32.13
N ASP A 239 -6.77 37.37 31.47
CA ASP A 239 -6.85 37.49 30.01
C ASP A 239 -6.17 36.32 29.26
N ASN A 240 -6.29 35.12 29.83
CA ASN A 240 -6.23 33.87 29.08
C ASN A 240 -7.66 33.66 28.55
N THR A 241 -7.86 34.02 27.28
CA THR A 241 -9.20 34.19 26.72
C THR A 241 -9.95 32.89 26.40
N TYR A 242 -9.26 31.76 26.52
CA TYR A 242 -9.90 30.43 26.38
C TYR A 242 -10.52 29.95 27.71
N LYS A 243 -10.39 30.73 28.78
CA LYS A 243 -10.86 30.30 30.10
C LYS A 243 -10.68 28.78 30.29
N GLN A 244 -9.52 28.31 29.84
CA GLN A 244 -9.11 26.91 29.89
C GLN A 244 -7.61 26.89 30.01
N SER A 245 -7.09 26.01 30.84
CA SER A 245 -5.65 26.02 31.06
C SER A 245 -4.88 25.33 29.91
N TYR A 246 -3.72 25.87 29.56
CA TYR A 246 -3.04 25.39 28.36
C TYR A 246 -1.52 25.34 28.41
N THR A 247 -0.93 24.49 27.58
CA THR A 247 0.53 24.44 27.44
C THR A 247 0.90 25.14 26.13
N GLU A 248 1.86 26.07 26.18
CA GLU A 248 2.35 26.72 24.97
C GLU A 248 3.80 26.26 24.65
N ILE A 249 3.98 25.75 23.43
CA ILE A 249 5.32 25.34 23.00
C ILE A 249 5.89 26.41 22.09
N THR A 250 7.01 27.01 22.50
CA THR A 250 7.73 27.96 21.64
C THR A 250 8.92 27.21 21.04
N ASN A 251 9.11 27.39 19.73
CA ASN A 251 10.30 26.90 19.03
C ASN A 251 11.13 28.09 18.49
N ALA A 252 12.34 28.28 18.98
CA ALA A 252 13.17 29.35 18.48
C ALA A 252 14.36 28.80 17.63
N LEU A 253 14.22 28.81 16.32
CA LEU A 253 15.35 28.39 15.55
C LEU A 253 16.33 29.54 15.47
N LYS A 254 17.61 29.20 15.52
CA LYS A 254 18.64 30.18 15.39
C LYS A 254 19.51 29.90 14.18
N ASP A 255 19.83 30.97 13.45
CA ASP A 255 20.73 30.94 12.28
C ASP A 255 20.27 29.91 11.28
N VAL A 256 19.05 30.15 10.80
CA VAL A 256 18.44 29.29 9.80
C VAL A 256 18.93 29.66 8.41
N PRO A 257 19.46 28.68 7.64
CA PRO A 257 19.99 29.04 6.32
C PRO A 257 18.90 29.46 5.36
N ASP A 258 19.17 30.50 4.57
CA ASP A 258 18.20 31.06 3.65
C ASP A 258 18.65 30.93 2.20
N SER A 259 19.58 30.03 1.92
CA SER A 259 19.96 29.79 0.55
C SER A 259 18.75 29.27 -0.18
N ALA A 260 18.80 29.41 -1.48
CA ALA A 260 17.83 28.84 -2.32
C ALA A 260 17.64 27.36 -1.97
N GLN A 261 18.75 26.66 -1.86
CA GLN A 261 18.69 25.21 -1.82
C GLN A 261 18.02 24.81 -0.53
N ALA A 262 18.19 25.65 0.47
CA ALA A 262 17.56 25.49 1.77
C ALA A 262 16.07 25.73 1.78
N LEU A 263 15.63 26.83 1.17
CA LEU A 263 14.22 27.19 1.20
C LEU A 263 13.38 26.37 0.23
N LEU A 264 14.01 25.88 -0.82
CA LEU A 264 13.34 24.96 -1.71
C LEU A 264 13.08 23.62 -0.97
N ALA A 265 14.03 23.18 -0.16
CA ALA A 265 13.87 21.96 0.58
C ALA A 265 12.75 22.09 1.59
N GLN A 266 12.59 23.28 2.13
CA GLN A 266 11.46 23.51 3.03
C GLN A 266 10.17 23.53 2.27
N ALA A 267 10.17 24.19 1.11
CA ALA A 267 8.98 24.25 0.30
C ALA A 267 8.55 22.82 -0.06
N SER A 268 9.54 22.03 -0.43
CA SER A 268 9.32 20.67 -0.80
C SER A 268 8.69 19.86 0.36
N THR A 269 9.12 20.16 1.57
CA THR A 269 8.60 19.51 2.74
C THR A 269 7.16 19.97 2.97
N LEU A 270 6.91 21.27 2.79
CA LEU A 270 5.59 21.81 2.94
C LEU A 270 4.59 21.07 2.06
N ILE A 271 4.85 21.02 0.76
CA ILE A 271 3.89 20.50 -0.18
C ILE A 271 3.83 18.97 -0.15
N ASN A 272 4.96 18.30 0.04
CA ASN A 272 4.97 16.84 0.17
C ASN A 272 4.31 16.37 1.45
N THR A 273 4.35 17.22 2.46
CA THR A 273 3.66 16.87 3.70
C THR A 273 2.17 16.88 3.45
N ILE A 274 1.70 17.95 2.81
CA ILE A 274 0.30 18.11 2.50
C ILE A 274 -0.16 16.95 1.61
N ASN A 275 0.71 16.55 0.70
CA ASN A 275 0.35 15.62 -0.29
C ASN A 275 0.32 14.18 0.26
N THR A 276 1.31 13.81 1.04
CA THR A 276 1.36 12.47 1.66
C THR A 276 0.29 12.28 2.74
N ALA A 277 0.09 13.31 3.56
CA ALA A 277 -0.96 13.28 4.59
C ALA A 277 -2.36 13.23 3.95
N CYS A 278 -2.54 13.94 2.83
CA CYS A 278 -3.78 13.87 2.07
C CYS A 278 -5.02 13.89 2.97
N PRO A 279 -5.12 14.91 3.83
CA PRO A 279 -6.28 15.14 4.68
C PRO A 279 -7.53 15.53 3.95
N TYR A 280 -8.66 15.37 4.63
CA TYR A 280 -9.95 15.83 4.14
C TYR A 280 -9.99 17.31 4.30
N PHE A 281 -10.69 17.96 3.38
CA PHE A 281 -10.94 19.41 3.47
C PHE A 281 -12.30 19.72 2.90
N SER A 282 -12.79 20.89 3.27
CA SER A 282 -14.12 21.30 2.88
C SER A 282 -14.15 22.80 3.03
N VAL A 283 -14.42 23.48 1.92
CA VAL A 283 -14.57 24.92 1.89
C VAL A 283 -16.04 25.16 1.63
N THR A 284 -16.63 26.22 2.17
CA THR A 284 -18.01 26.61 1.70
C THR A 284 -17.93 27.72 0.64
N ASN A 285 -18.58 27.48 -0.49
CA ASN A 285 -18.32 28.34 -1.64
C ASN A 285 -19.01 29.69 -1.61
N LYS A 286 -20.30 29.72 -1.26
CA LYS A 286 -21.06 30.99 -1.23
C LYS A 286 -21.41 31.48 -2.64
N SER A 287 -22.17 32.57 -2.68
CA SER A 287 -22.52 33.25 -3.92
C SER A 287 -21.67 34.52 -4.05
N GLY A 288 -21.14 34.73 -5.24
CA GLY A 288 -20.40 35.95 -5.55
C GLY A 288 -19.04 35.62 -6.10
N GLY A 289 -18.13 35.24 -5.22
CA GLY A 289 -16.73 35.10 -5.56
C GLY A 289 -16.36 34.07 -6.61
N PRO A 290 -15.06 33.76 -6.70
CA PRO A 290 -14.67 32.65 -7.53
C PRO A 290 -14.94 31.39 -6.70
N GLN A 291 -14.96 30.25 -7.37
CA GLN A 291 -15.62 29.06 -6.86
C GLN A 291 -14.65 27.91 -6.80
N MET A 292 -14.46 27.35 -5.61
CA MET A 292 -13.53 26.27 -5.43
C MET A 292 -14.11 24.99 -6.03
N GLU A 293 -13.29 24.32 -6.83
CA GLU A 293 -13.62 23.07 -7.50
C GLU A 293 -12.49 22.03 -7.33
N PRO A 294 -12.77 20.92 -6.62
CA PRO A 294 -13.98 20.58 -5.83
C PRO A 294 -14.09 21.40 -4.56
N THR A 295 -15.31 21.54 -4.05
CA THR A 295 -15.58 22.25 -2.79
C THR A 295 -15.07 21.48 -1.56
N ARG A 296 -15.05 20.15 -1.74
CA ARG A 296 -14.62 19.27 -0.70
C ARG A 296 -14.00 18.02 -1.28
N GLY A 297 -13.19 17.36 -0.48
CA GLY A 297 -12.55 16.16 -0.92
C GLY A 297 -11.34 15.92 -0.09
N LYS A 298 -10.22 15.66 -0.74
CA LYS A 298 -8.98 15.40 -0.10
C LYS A 298 -7.86 16.25 -0.76
N LEU A 299 -6.93 16.75 0.01
CA LEU A 299 -6.06 17.72 -0.53
C LEU A 299 -5.23 17.17 -1.65
N CYS A 300 -4.91 15.90 -1.61
CA CYS A 300 -4.05 15.36 -2.66
C CYS A 300 -4.81 15.13 -3.97
N GLY A 301 -6.12 15.34 -3.93
CA GLY A 301 -6.92 15.37 -5.11
C GLY A 301 -6.56 16.56 -5.96
N PHE A 302 -5.89 17.56 -5.42
CA PHE A 302 -5.36 18.56 -6.33
C PHE A 302 -4.09 18.06 -7.05
N THR A 303 -4.26 17.01 -7.85
CA THR A 303 -3.14 16.33 -8.42
C THR A 303 -2.36 17.23 -9.37
N GLU A 304 -3.11 17.95 -10.19
CA GLU A 304 -2.53 18.84 -11.17
C GLU A 304 -1.76 19.97 -10.47
N GLU A 305 -2.36 20.55 -9.44
CA GLU A 305 -1.74 21.66 -8.71
C GLU A 305 -0.50 21.22 -8.00
N ILE A 306 -0.64 20.15 -7.23
CA ILE A 306 0.47 19.58 -6.47
C ILE A 306 1.58 19.09 -7.36
N SER A 307 1.26 18.39 -8.43
CA SER A 307 2.30 18.04 -9.42
C SER A 307 3.10 19.23 -9.91
N ALA A 308 2.41 20.32 -10.23
CA ALA A 308 3.10 21.43 -10.82
C ALA A 308 3.99 22.06 -9.77
N ILE A 309 3.46 22.26 -8.57
CA ILE A 309 4.26 22.82 -7.51
C ILE A 309 5.53 21.97 -7.26
N GLN A 310 5.37 20.66 -7.29
CA GLN A 310 6.51 19.76 -7.12
C GLN A 310 7.48 19.90 -8.29
N LYS A 311 6.95 20.02 -9.50
CA LYS A 311 7.78 20.14 -10.65
C LYS A 311 8.50 21.46 -10.60
N MET A 312 7.84 22.51 -10.13
CA MET A 312 8.50 23.81 -10.03
C MET A 312 9.70 23.77 -9.07
N ILE A 313 9.47 23.22 -7.89
CA ILE A 313 10.48 23.00 -6.90
C ILE A 313 11.66 22.20 -7.45
N THR A 314 11.37 21.11 -8.13
CA THR A 314 12.43 20.25 -8.68
C THR A 314 13.26 20.98 -9.71
N ASP A 315 12.61 21.77 -10.55
CA ASP A 315 13.30 22.44 -11.59
C ASP A 315 14.09 23.61 -11.02
N ALA A 316 13.65 24.15 -9.88
CA ALA A 316 14.38 25.25 -9.25
C ALA A 316 15.63 24.71 -8.55
N GLN A 317 15.53 23.53 -7.97
CA GLN A 317 16.68 22.83 -7.45
C GLN A 317 17.71 22.62 -8.54
N GLU A 318 17.32 22.20 -9.74
CA GLU A 318 18.20 21.85 -10.88
CA GLU A 318 18.31 21.87 -10.76
C GLU A 318 18.88 23.14 -11.32
N LEU A 319 18.12 24.19 -11.26
CA LEU A 319 18.59 25.48 -11.76
C LEU A 319 19.63 26.06 -10.83
N VAL A 320 19.33 25.99 -9.54
CA VAL A 320 20.25 26.46 -8.53
C VAL A 320 21.58 25.67 -8.60
N ASN A 321 21.53 24.36 -8.79
CA ASN A 321 22.73 23.57 -8.99
C ASN A 321 23.63 23.99 -10.13
N GLN A 322 23.16 24.86 -11.02
CA GLN A 322 24.03 25.41 -12.02
C GLN A 322 24.93 26.50 -11.45
N THR A 323 24.57 27.04 -10.29
CA THR A 323 25.35 28.11 -9.70
C THR A 323 26.81 27.68 -9.51
N SER A 324 26.99 26.48 -8.99
CA SER A 324 28.34 26.03 -8.64
C SER A 324 29.16 25.83 -9.91
N VAL A 325 28.53 25.32 -10.97
CA VAL A 325 29.23 25.16 -12.24
C VAL A 325 29.72 26.52 -12.74
N ILE A 326 28.84 27.51 -12.70
CA ILE A 326 29.28 28.86 -13.06
C ILE A 326 30.44 29.36 -12.17
N ASN A 327 30.29 29.25 -10.86
CA ASN A 327 31.38 29.62 -9.93
C ASN A 327 32.72 28.90 -10.14
N GLU A 328 32.67 27.60 -10.38
CA GLU A 328 33.89 26.83 -10.61
C GLU A 328 34.63 27.21 -11.91
N HIS A 329 34.15 28.19 -12.66
CA HIS A 329 34.68 28.45 -13.98
C HIS A 329 34.62 29.94 -14.29
N GLU A 330 35.24 30.76 -13.41
CA GLU A 330 35.36 32.20 -13.65
C GLU A 330 35.82 32.43 -15.08
N GLN A 331 35.38 33.54 -15.68
CA GLN A 331 35.87 33.90 -16.99
C GLN A 331 36.59 35.27 -17.00
N SER A 332 37.22 35.63 -15.89
CA SER A 332 37.79 36.97 -15.76
C SER A 332 39.29 37.06 -16.08
N THR A 333 39.99 35.91 -16.19
CA THR A 333 41.38 35.88 -16.65
C THR A 333 41.45 36.09 -18.16
N PRO A 334 42.12 37.17 -18.63
CA PRO A 334 42.23 37.32 -20.09
C PRO A 334 42.98 36.16 -20.77
N VAL A 335 42.75 36.00 -22.07
CA VAL A 335 43.32 34.89 -22.82
C VAL A 335 44.05 35.44 -24.02
N GLY A 336 45.24 34.91 -24.30
CA GLY A 336 46.16 35.49 -25.30
C GLY A 336 47.01 34.44 -25.99
N GLY A 337 47.77 34.88 -26.98
CA GLY A 337 48.69 33.99 -27.71
C GLY A 337 49.94 33.69 -26.89
N ASN A 338 49.81 32.70 -25.99
CA ASN A 338 50.84 32.29 -25.01
C ASN A 338 52.29 32.48 -25.46
N ASN A 339 52.78 33.72 -25.31
CA ASN A 339 54.19 34.17 -25.55
C ASN A 339 54.36 35.47 -26.37
N GLY A 340 53.41 36.39 -26.28
CA GLY A 340 53.46 37.63 -27.09
C GLY A 340 53.20 37.43 -28.57
N LYS A 341 53.09 36.18 -29.03
CA LYS A 341 52.97 35.87 -30.46
C LYS A 341 51.53 35.53 -30.78
N PRO A 342 51.18 35.48 -32.08
CA PRO A 342 49.74 35.54 -32.40
C PRO A 342 48.92 34.37 -31.84
N PHE A 343 47.66 34.61 -31.58
CA PHE A 343 46.83 33.60 -30.98
C PHE A 343 46.60 32.39 -31.90
N ASN A 344 46.92 31.20 -31.41
CA ASN A 344 46.65 29.97 -32.16
C ASN A 344 45.44 29.14 -31.58
N PRO A 345 44.31 29.12 -32.28
CA PRO A 345 43.11 28.42 -31.79
C PRO A 345 43.30 26.94 -31.51
N PHE A 346 44.24 26.31 -32.20
CA PHE A 346 44.47 24.87 -32.04
C PHE A 346 45.35 24.52 -30.85
N THR A 347 46.12 25.46 -30.29
CA THR A 347 46.99 25.13 -29.14
C THR A 347 46.82 26.05 -27.93
N ASP A 348 46.21 27.23 -28.09
CA ASP A 348 46.27 28.25 -27.03
C ASP A 348 45.01 28.37 -26.22
N ALA A 349 44.16 27.35 -26.28
CA ALA A 349 42.77 27.52 -25.84
C ALA A 349 42.26 26.42 -24.94
N SER A 350 43.10 26.00 -24.01
CA SER A 350 42.65 25.05 -22.99
C SER A 350 41.59 25.63 -22.04
N PHE A 351 41.46 26.95 -21.97
CA PHE A 351 40.36 27.61 -21.22
C PHE A 351 38.96 27.29 -21.78
N ALA A 352 38.91 26.82 -23.02
CA ALA A 352 37.68 26.62 -23.71
C ALA A 352 36.73 25.62 -23.04
N GLN A 353 37.24 24.51 -22.51
CA GLN A 353 36.29 23.62 -21.83
C GLN A 353 35.64 24.35 -20.65
N GLY A 354 36.35 25.25 -20.00
CA GLY A 354 35.76 25.98 -18.89
C GLY A 354 34.69 26.95 -19.38
N MET A 355 35.01 27.67 -20.43
CA MET A 355 34.11 28.66 -20.99
C MET A 355 32.83 27.99 -21.55
N LEU A 356 32.98 26.86 -22.23
CA LEU A 356 31.80 26.12 -22.72
C LEU A 356 30.89 25.71 -21.57
N ALA A 357 31.47 25.26 -20.47
CA ALA A 357 30.69 24.69 -19.40
C ALA A 357 29.98 25.80 -18.65
N ASN A 358 30.63 26.93 -18.55
CA ASN A 358 30.02 28.05 -17.88
C ASN A 358 28.81 28.56 -18.67
N ALA A 359 28.97 28.70 -19.98
CA ALA A 359 27.90 29.24 -20.81
C ALA A 359 26.72 28.30 -20.86
N SER A 360 27.01 27.01 -20.89
CA SER A 360 25.96 25.98 -20.92
C SER A 360 25.25 25.96 -19.60
N ALA A 361 25.97 26.25 -18.52
CA ALA A 361 25.32 26.33 -17.23
C ALA A 361 24.37 27.54 -17.21
N GLN A 362 24.85 28.66 -17.71
CA GLN A 362 23.98 29.83 -17.77
C GLN A 362 22.76 29.59 -18.64
N ALA A 363 22.93 29.07 -19.85
CA ALA A 363 21.78 28.73 -20.68
C ALA A 363 20.84 27.83 -19.94
N LYS A 364 21.37 26.85 -19.21
CA LYS A 364 20.52 25.88 -18.59
C LYS A 364 19.74 26.55 -17.51
N MET A 365 20.37 27.44 -16.76
CA MET A 365 19.63 28.17 -15.69
C MET A 365 18.45 28.90 -16.24
N LEU A 366 18.68 29.56 -17.37
CA LEU A 366 17.72 30.43 -17.95
C LEU A 366 16.54 29.63 -18.48
N ASN A 367 16.80 28.51 -19.12
CA ASN A 367 15.71 27.63 -19.55
C ASN A 367 14.90 27.09 -18.35
N LEU A 368 15.60 26.56 -17.37
CA LEU A 368 14.95 26.06 -16.21
C LEU A 368 14.13 27.16 -15.64
N ALA A 369 14.67 28.37 -15.56
CA ALA A 369 13.87 29.45 -15.03
C ALA A 369 12.57 29.66 -15.78
N HIS A 370 12.64 29.57 -17.08
CA HIS A 370 11.48 29.76 -17.94
C HIS A 370 10.54 28.59 -17.75
N GLN A 371 11.09 27.41 -17.63
CA GLN A 371 10.23 26.26 -17.42
C GLN A 371 9.35 26.40 -16.13
N VAL A 372 9.90 27.05 -15.11
CA VAL A 372 9.26 27.11 -13.83
C VAL A 372 8.02 27.94 -13.95
N GLY A 373 8.11 29.03 -14.72
CA GLY A 373 6.96 29.94 -14.83
C GLY A 373 5.89 29.34 -15.72
N GLN A 374 6.33 28.61 -16.73
CA GLN A 374 5.41 28.03 -17.64
C GLN A 374 4.64 26.91 -16.98
N THR A 375 5.10 26.36 -15.88
CA THR A 375 4.37 25.29 -15.23
C THR A 375 3.15 25.81 -14.50
N ILE A 376 3.15 27.08 -14.11
CA ILE A 376 2.09 27.63 -13.27
C ILE A 376 1.35 28.77 -13.93
N ASN A 377 1.91 29.28 -15.01
CA ASN A 377 1.34 30.44 -15.67
C ASN A 377 -0.03 30.12 -16.25
N PRO A 378 -1.08 30.79 -15.77
CA PRO A 378 -2.44 30.47 -16.17
C PRO A 378 -2.79 30.70 -17.65
N ASP A 379 -1.98 31.42 -18.39
CA ASP A 379 -2.17 31.54 -19.81
C ASP A 379 -2.13 30.20 -20.53
N ASN A 380 -1.45 29.21 -19.96
CA ASN A 380 -1.42 27.88 -20.62
C ASN A 380 -2.15 26.83 -19.85
N LEU A 381 -2.91 27.24 -18.86
CA LEU A 381 -3.69 26.33 -18.08
C LEU A 381 -5.11 26.32 -18.56
N THR A 382 -5.80 25.30 -18.07
CA THR A 382 -7.13 24.94 -18.46
C THR A 382 -7.92 24.45 -17.26
N GLY A 383 -9.22 24.50 -17.37
CA GLY A 383 -10.07 23.67 -16.54
C GLY A 383 -10.04 24.18 -15.15
N THR A 384 -10.06 23.27 -14.20
CA THR A 384 -10.15 23.56 -12.76
C THR A 384 -8.79 23.98 -12.22
N PHE A 385 -7.74 23.52 -12.88
CA PHE A 385 -6.40 23.93 -12.54
C PHE A 385 -6.25 25.42 -12.85
N LYS A 386 -6.73 25.82 -14.02
CA LYS A 386 -6.67 27.23 -14.33
C LYS A 386 -7.52 28.01 -13.36
N ASN A 387 -8.69 27.47 -13.03
CA ASN A 387 -9.56 28.24 -12.17
CA ASN A 387 -9.62 28.11 -12.07
C ASN A 387 -8.97 28.25 -10.73
N PHE A 388 -8.12 27.30 -10.39
CA PHE A 388 -7.42 27.35 -9.12
C PHE A 388 -6.42 28.52 -9.07
N VAL A 389 -5.63 28.64 -10.11
CA VAL A 389 -4.54 29.61 -10.10
C VAL A 389 -5.10 31.02 -10.22
N THR A 390 -6.05 31.24 -11.14
CA THR A 390 -6.56 32.62 -11.37
C THR A 390 -7.57 33.02 -10.31
N GLY A 391 -8.30 32.06 -9.77
CA GLY A 391 -9.33 32.42 -8.81
C GLY A 391 -8.80 32.54 -7.41
N PHE A 392 -7.71 31.84 -7.13
CA PHE A 392 -7.26 31.68 -5.75
C PHE A 392 -5.78 31.89 -5.47
N LEU A 393 -4.95 31.10 -6.08
CA LEU A 393 -3.54 31.11 -5.82
C LEU A 393 -2.90 32.47 -6.11
N ALA A 394 -3.34 33.08 -7.19
CA ALA A 394 -2.71 34.28 -7.71
C ALA A 394 -3.56 35.44 -7.33
N THR A 395 -4.03 35.44 -6.10
CA THR A 395 -4.80 36.54 -5.54
C THR A 395 -4.35 36.72 -4.09
N CYS A 396 -4.76 37.82 -3.47
CA CYS A 396 -4.59 38.01 -2.03
C CYS A 396 -5.72 38.86 -1.46
N ASN A 397 -6.37 38.35 -0.41
CA ASN A 397 -7.38 39.13 0.31
C ASN A 397 -6.89 39.92 1.52
N ASN A 398 -5.58 39.93 1.80
CA ASN A 398 -5.02 40.83 2.80
C ASN A 398 -5.28 42.22 2.29
N LYS A 399 -5.42 43.18 3.20
CA LYS A 399 -5.68 44.58 2.86
C LYS A 399 -4.73 45.49 3.62
N GLY A 409 -0.60 46.87 -0.29
CA GLY A 409 -0.29 45.43 -0.23
C GLY A 409 0.73 45.13 0.87
N SER A 410 0.37 44.24 1.80
CA SER A 410 1.20 44.03 3.01
C SER A 410 2.52 43.34 2.62
N PRO A 411 3.55 43.45 3.47
CA PRO A 411 4.83 42.83 3.08
C PRO A 411 4.71 41.31 2.85
N PRO A 412 5.54 40.76 1.96
CA PRO A 412 5.51 39.29 1.83
C PRO A 412 5.71 38.62 3.18
N GLY A 413 5.08 37.46 3.38
CA GLY A 413 5.28 36.67 4.60
C GLY A 413 4.27 36.96 5.69
N THR A 414 3.31 37.83 5.38
CA THR A 414 2.40 38.40 6.35
C THR A 414 1.19 37.53 6.38
N VAL A 415 0.88 37.03 7.57
CA VAL A 415 -0.33 36.30 7.80
C VAL A 415 -1.26 37.21 8.54
N THR A 416 -2.48 37.39 8.01
CA THR A 416 -3.51 38.23 8.63
C THR A 416 -4.78 37.42 8.69
N THR A 417 -5.84 38.04 9.23
CA THR A 417 -7.15 37.37 9.34
C THR A 417 -7.92 37.30 8.02
N GLN A 418 -7.36 37.81 6.94
CA GLN A 418 -7.93 37.60 5.62
C GLN A 418 -7.04 36.82 4.66
N THR A 419 -5.96 36.24 5.15
CA THR A 419 -5.07 35.53 4.29
C THR A 419 -5.79 34.35 3.69
N PHE A 420 -6.61 33.69 4.48
CA PHE A 420 -7.25 32.44 4.12
C PHE A 420 -7.95 32.47 2.81
N ALA A 421 -7.91 31.34 2.11
CA ALA A 421 -8.62 31.21 0.81
C ALA A 421 -8.08 32.13 -0.27
N SER A 422 -6.86 32.59 -0.09
CA SER A 422 -6.14 33.23 -1.18
C SER A 422 -4.63 33.00 -1.03
N GLY A 423 -3.93 33.02 -2.14
CA GLY A 423 -2.50 32.84 -2.12
C GLY A 423 -1.72 33.79 -1.23
N CYS A 424 -1.87 35.10 -1.37
CA CYS A 424 -1.04 36.01 -0.59
C CYS A 424 0.46 35.65 -0.57
N ALA A 425 0.98 35.33 -1.74
CA ALA A 425 2.38 35.09 -1.90
C ALA A 425 2.87 35.66 -3.22
N TYR A 426 2.32 36.80 -3.62
CA TYR A 426 2.80 37.52 -4.77
C TYR A 426 3.01 36.65 -6.00
N VAL A 427 2.08 35.71 -6.22
CA VAL A 427 2.20 34.80 -7.34
C VAL A 427 2.07 35.47 -8.70
N GLU A 428 1.08 36.32 -8.92
CA GLU A 428 1.01 37.04 -10.21
C GLU A 428 2.21 37.98 -10.35
N GLN A 429 2.47 38.77 -9.33
CA GLN A 429 3.51 39.75 -9.42
C GLN A 429 4.82 39.03 -9.75
N THR A 430 4.99 37.84 -9.19
CA THR A 430 6.21 37.09 -9.45
C THR A 430 6.30 36.55 -10.89
N ILE A 431 5.24 35.99 -11.42
CA ILE A 431 5.22 35.66 -12.84
C ILE A 431 5.48 36.91 -13.68
N THR A 432 4.79 37.99 -13.39
CA THR A 432 5.03 39.16 -14.20
C THR A 432 6.54 39.48 -14.19
N ASN A 433 7.20 39.41 -13.03
CA ASN A 433 8.60 39.82 -12.93
C ASN A 433 9.55 38.85 -13.55
N LEU A 434 9.21 37.59 -13.47
CA LEU A 434 10.01 36.61 -14.15
C LEU A 434 9.97 36.96 -15.64
N ASN A 435 8.79 37.17 -16.17
CA ASN A 435 8.71 37.60 -17.57
C ASN A 435 9.54 38.86 -17.84
N ASN A 436 9.34 39.88 -17.02
CA ASN A 436 10.05 41.12 -17.22
C ASN A 436 11.55 40.87 -17.13
N SER A 437 11.96 40.03 -16.20
CA SER A 437 13.38 39.75 -16.13
C SER A 437 13.88 39.06 -17.39
N ILE A 438 13.12 38.09 -17.88
CA ILE A 438 13.49 37.39 -19.09
C ILE A 438 13.50 38.30 -20.28
N ALA A 439 12.50 39.16 -20.43
CA ALA A 439 12.51 40.12 -21.54
C ALA A 439 13.72 41.02 -21.47
N HIS A 440 14.17 41.34 -20.27
CA HIS A 440 15.34 42.19 -20.15
C HIS A 440 16.65 41.45 -20.17
N PHE A 441 16.62 40.18 -20.59
CA PHE A 441 17.80 39.32 -20.68
C PHE A 441 18.05 38.91 -22.13
N GLY A 442 17.39 39.55 -23.09
CA GLY A 442 17.58 39.21 -24.50
C GLY A 442 19.01 39.33 -25.02
N THR A 443 19.72 40.38 -24.67
CA THR A 443 21.06 40.54 -25.18
C THR A 443 21.90 39.47 -24.52
N GLN A 444 21.69 39.37 -23.21
CA GLN A 444 22.54 38.51 -22.41
C GLN A 444 22.43 37.10 -22.86
N GLU A 445 21.23 36.68 -23.16
CA GLU A 445 21.03 35.35 -23.68
C GLU A 445 21.74 35.15 -24.99
N GLN A 446 21.73 36.15 -25.88
CA GLN A 446 22.42 35.98 -27.16
C GLN A 446 23.92 35.91 -26.95
N GLN A 447 24.43 36.62 -25.95
CA GLN A 447 25.86 36.57 -25.69
C GLN A 447 26.23 35.19 -25.21
N ILE A 448 25.40 34.61 -24.35
CA ILE A 448 25.70 33.29 -23.84
C ILE A 448 25.80 32.30 -25.00
N GLN A 449 24.82 32.32 -25.89
CA GLN A 449 24.87 31.44 -27.06
C GLN A 449 26.14 31.62 -27.88
N GLN A 450 26.48 32.87 -28.16
CA GLN A 450 27.71 33.19 -28.88
C GLN A 450 28.94 32.69 -28.17
N ALA A 451 29.02 32.93 -26.87
CA ALA A 451 30.15 32.40 -26.09
C ALA A 451 30.28 30.86 -26.16
N GLU A 452 29.15 30.19 -25.98
CA GLU A 452 29.05 28.76 -26.10
C GLU A 452 29.57 28.26 -27.45
N ASN A 453 29.16 28.88 -28.56
CA ASN A 453 29.66 28.42 -29.86
C ASN A 453 31.13 28.67 -30.13
N ILE A 454 31.60 29.80 -29.63
CA ILE A 454 32.98 30.12 -29.67
C ILE A 454 33.79 29.10 -28.89
N ALA A 455 33.34 28.75 -27.69
CA ALA A 455 34.05 27.78 -26.87
C ALA A 455 33.99 26.43 -27.53
N ASP A 456 32.81 26.08 -27.96
CA ASP A 456 32.62 24.84 -28.65
C ASP A 456 33.57 24.75 -29.85
N THR A 457 33.61 25.80 -30.63
CA THR A 457 34.50 25.84 -31.75
C THR A 457 35.93 25.62 -31.33
N LEU A 458 36.37 26.25 -30.25
CA LEU A 458 37.73 26.12 -29.80
C LEU A 458 37.98 24.74 -29.31
N VAL A 459 36.97 24.16 -28.67
CA VAL A 459 37.15 22.84 -28.06
C VAL A 459 37.47 21.88 -29.15
N ASN A 460 36.67 21.95 -30.20
CA ASN A 460 36.96 21.20 -31.41
C ASN A 460 38.37 21.34 -31.92
N PHE A 461 38.75 22.55 -32.27
CA PHE A 461 40.09 22.79 -32.79
C PHE A 461 41.07 22.18 -31.82
N GLY A 462 40.83 22.36 -30.52
CA GLY A 462 41.67 21.86 -29.46
C GLY A 462 41.90 20.36 -29.35
N SER A 463 41.05 19.49 -29.88
CA SER A 463 41.42 18.05 -29.98
C SER A 463 42.60 17.85 -30.99
N HIS A 464 42.69 16.71 -31.67
CA HIS A 464 43.63 16.58 -32.79
C HIS A 464 45.10 16.29 -32.35
N ASN B 30 -23.64 -2.22 -52.32
CA ASN B 30 -22.26 -2.01 -51.78
C ASN B 30 -21.52 -0.83 -52.50
N TYR B 31 -20.62 -0.14 -51.78
CA TYR B 31 -19.77 0.95 -52.32
C TYR B 31 -18.31 0.58 -52.03
N GLU B 32 -17.46 0.66 -53.05
CA GLU B 32 -16.13 0.05 -52.99
C GLU B 32 -15.04 0.99 -52.49
N ASN B 33 -15.29 2.28 -52.50
CA ASN B 33 -14.35 3.21 -51.91
C ASN B 33 -15.03 4.41 -51.34
N LEU B 34 -14.28 5.20 -50.59
CA LEU B 34 -14.87 6.24 -49.78
C LEU B 34 -15.49 7.38 -50.61
N SER B 35 -14.95 7.65 -51.78
CA SER B 35 -15.40 8.78 -52.60
C SER B 35 -16.83 8.58 -53.09
N LYS B 36 -17.19 7.34 -53.37
CA LYS B 36 -18.55 7.02 -53.79
C LYS B 36 -19.45 7.23 -52.59
N LEU B 37 -19.11 6.52 -51.53
CA LEU B 37 -19.76 6.67 -50.23
C LEU B 37 -20.00 8.15 -49.86
N LEU B 38 -18.97 9.00 -49.94
CA LEU B 38 -19.07 10.39 -49.47
C LEU B 38 -19.79 11.35 -50.40
N THR B 39 -19.95 10.98 -51.68
CA THR B 39 -20.88 11.69 -52.58
C THR B 39 -22.29 11.52 -52.00
N ARG B 40 -22.74 10.27 -51.95
CA ARG B 40 -24.07 9.90 -51.45
C ARG B 40 -24.42 10.46 -50.04
N TYR B 41 -23.52 10.32 -49.07
CA TYR B 41 -23.76 10.81 -47.71
C TYR B 41 -22.84 12.00 -47.35
N SER B 42 -23.02 13.15 -47.96
CA SER B 42 -22.03 14.24 -47.84
C SER B 42 -21.82 14.79 -46.42
N THR B 43 -22.77 14.56 -45.53
CA THR B 43 -22.54 15.06 -44.19
C THR B 43 -21.36 14.27 -43.56
N LEU B 44 -21.21 13.00 -43.91
CA LEU B 44 -20.11 12.20 -43.38
C LEU B 44 -18.79 12.71 -43.84
N ASN B 45 -18.74 13.26 -45.03
CA ASN B 45 -17.55 13.95 -45.43
C ASN B 45 -17.20 15.09 -44.46
N THR B 46 -18.21 15.86 -44.11
CA THR B 46 -18.07 16.96 -43.18
C THR B 46 -17.64 16.41 -41.83
N LEU B 47 -18.27 15.32 -41.41
CA LEU B 47 -17.92 14.66 -40.15
C LEU B 47 -16.46 14.24 -40.07
N ILE B 48 -15.90 13.85 -41.20
CA ILE B 48 -14.49 13.50 -41.23
C ILE B 48 -13.61 14.75 -41.25
N LYS B 49 -14.05 15.80 -41.95
CA LYS B 49 -13.34 17.06 -41.89
C LYS B 49 -13.20 17.46 -40.42
N LEU B 50 -14.30 17.45 -39.67
CA LEU B 50 -14.26 17.91 -38.30
C LEU B 50 -13.43 16.96 -37.42
N SER B 51 -13.60 15.67 -37.60
CA SER B 51 -12.88 14.70 -36.77
C SER B 51 -11.39 14.78 -36.90
N ALA B 52 -10.88 15.45 -37.91
CA ALA B 52 -9.43 15.59 -38.08
C ALA B 52 -8.90 17.01 -37.81
N ASP B 53 -9.76 17.88 -37.27
CA ASP B 53 -9.42 19.29 -37.05
C ASP B 53 -9.49 19.54 -35.55
N PRO B 54 -8.35 19.68 -34.91
CA PRO B 54 -8.33 19.84 -33.48
C PRO B 54 -9.25 20.95 -33.00
N SER B 55 -9.31 22.07 -33.70
CA SER B 55 -10.10 23.14 -33.14
C SER B 55 -11.62 22.88 -33.31
N ALA B 56 -12.03 22.07 -34.29
CA ALA B 56 -13.41 21.59 -34.31
C ALA B 56 -13.62 20.62 -33.15
N ILE B 57 -12.71 19.70 -32.95
CA ILE B 57 -12.82 18.80 -31.78
C ILE B 57 -12.83 19.55 -30.44
N ASN B 58 -12.00 20.57 -30.33
CA ASN B 58 -12.02 21.36 -29.11
C ASN B 58 -13.26 22.18 -28.91
N ALA B 59 -13.84 22.67 -30.00
CA ALA B 59 -15.10 23.40 -29.92
C ALA B 59 -16.16 22.46 -29.36
N ALA B 60 -16.18 21.24 -29.88
CA ALA B 60 -17.16 20.26 -29.42
C ALA B 60 -16.93 19.92 -27.95
N ARG B 61 -15.69 19.88 -27.50
CA ARG B 61 -15.44 19.61 -26.10
C ARG B 61 -15.84 20.75 -25.18
N GLU B 62 -15.69 22.00 -25.62
CA GLU B 62 -16.23 23.16 -24.88
C GLU B 62 -17.73 23.01 -24.79
N ASN B 63 -18.33 22.46 -25.84
CA ASN B 63 -19.76 22.36 -25.87
C ASN B 63 -20.23 21.35 -24.90
N LEU B 64 -19.56 20.21 -24.88
CA LEU B 64 -19.90 19.17 -23.92
C LEU B 64 -19.80 19.68 -22.50
N GLY B 65 -18.77 20.50 -22.26
CA GLY B 65 -18.64 21.13 -20.96
C GLY B 65 -19.81 22.04 -20.61
N ALA B 66 -20.20 22.88 -21.55
CA ALA B 66 -21.31 23.81 -21.33
C ALA B 66 -22.72 23.13 -21.25
N SER B 67 -22.93 22.01 -21.94
CA SER B 67 -24.21 21.32 -21.82
C SER B 67 -24.18 20.41 -20.58
N ALA B 68 -23.02 19.89 -20.24
CA ALA B 68 -22.93 19.19 -18.98
C ALA B 68 -23.40 20.12 -17.87
N LYS B 69 -22.89 21.33 -17.86
CA LYS B 69 -23.30 22.31 -16.85
C LYS B 69 -24.81 22.61 -16.91
N ASN B 70 -25.39 22.69 -18.12
CA ASN B 70 -26.83 22.89 -18.27
C ASN B 70 -27.61 21.72 -17.62
N LEU B 71 -27.15 20.50 -17.79
CA LEU B 71 -27.87 19.37 -17.21
C LEU B 71 -27.71 19.21 -15.69
N ILE B 72 -26.47 19.34 -15.21
CA ILE B 72 -26.18 18.97 -13.83
C ILE B 72 -25.84 20.11 -12.88
N GLY B 73 -25.45 21.26 -13.41
CA GLY B 73 -25.25 22.44 -12.59
C GLY B 73 -26.46 23.32 -12.48
N ASP B 74 -27.29 23.35 -13.51
CA ASP B 74 -28.45 24.23 -13.53
C ASP B 74 -29.69 23.54 -12.93
N THR B 75 -30.70 24.36 -12.64
CA THR B 75 -31.96 23.85 -12.10
C THR B 75 -33.11 24.02 -13.07
N LYS B 76 -33.77 25.17 -13.07
CA LYS B 76 -34.91 25.36 -14.01
C LYS B 76 -34.65 25.05 -15.48
N ASN B 77 -33.47 25.35 -16.00
CA ASN B 77 -33.18 25.05 -17.41
C ASN B 77 -32.77 23.62 -17.74
N SER B 78 -32.71 22.75 -16.75
CA SER B 78 -32.22 21.40 -16.94
C SER B 78 -33.35 20.42 -17.06
N PRO B 79 -33.46 19.74 -18.21
CA PRO B 79 -34.41 18.65 -18.39
C PRO B 79 -34.28 17.64 -17.29
N ALA B 80 -33.03 17.36 -16.95
CA ALA B 80 -32.72 16.32 -15.99
C ALA B 80 -33.28 16.74 -14.66
N TYR B 81 -32.98 17.97 -14.26
CA TYR B 81 -33.57 18.49 -13.03
C TYR B 81 -35.10 18.37 -13.03
N GLN B 82 -35.73 18.77 -14.11
CA GLN B 82 -37.18 18.80 -14.17
C GLN B 82 -37.75 17.40 -14.07
N ALA B 83 -37.10 16.43 -14.69
CA ALA B 83 -37.59 15.05 -14.71
C ALA B 83 -37.47 14.43 -13.38
N VAL B 84 -36.38 14.73 -12.66
CA VAL B 84 -36.24 14.23 -11.29
C VAL B 84 -37.33 14.81 -10.43
N LEU B 85 -37.60 16.10 -10.66
CA LEU B 85 -38.65 16.80 -9.90
C LEU B 85 -40.03 16.20 -10.16
N LEU B 86 -40.28 15.89 -11.43
CA LEU B 86 -41.58 15.37 -11.85
C LEU B 86 -41.86 14.00 -11.24
N ALA B 87 -40.84 13.14 -11.20
CA ALA B 87 -40.98 11.82 -10.63
C ALA B 87 -41.37 11.90 -9.18
N ILE B 88 -40.63 12.67 -8.43
CA ILE B 88 -40.82 12.82 -7.02
C ILE B 88 -42.19 13.42 -6.75
N ASN B 89 -42.48 14.52 -7.44
CA ASN B 89 -43.80 15.15 -7.33
C ASN B 89 -44.98 14.26 -7.67
N ALA B 90 -44.80 13.32 -8.58
CA ALA B 90 -45.86 12.39 -8.96
C ALA B 90 -46.13 11.43 -7.85
N ALA B 91 -45.08 10.92 -7.25
CA ALA B 91 -45.24 9.98 -6.11
C ALA B 91 -45.89 10.62 -4.89
N VAL B 92 -45.43 11.82 -4.54
CA VAL B 92 -46.09 12.65 -3.49
C VAL B 92 -47.54 12.96 -3.83
N GLY B 93 -47.77 13.39 -5.08
CA GLY B 93 -49.09 13.70 -5.55
C GLY B 93 -50.04 12.52 -5.36
N PHE B 94 -49.57 11.34 -5.74
CA PHE B 94 -50.40 10.16 -5.69
C PHE B 94 -50.95 10.01 -4.31
N TRP B 95 -50.07 10.19 -3.32
CA TRP B 95 -50.47 10.05 -1.94
C TRP B 95 -51.35 11.20 -1.45
N ASN B 96 -51.20 12.40 -2.00
CA ASN B 96 -52.11 13.49 -1.67
C ASN B 96 -53.50 13.22 -2.21
N VAL B 97 -53.57 12.53 -3.34
CA VAL B 97 -54.87 12.23 -3.92
C VAL B 97 -55.65 11.25 -3.07
N LEU B 98 -54.97 10.21 -2.58
CA LEU B 98 -55.63 9.04 -2.02
C LEU B 98 -55.48 8.75 -0.52
N GLY B 99 -54.47 9.34 0.14
CA GLY B 99 -54.21 9.08 1.56
C GLY B 99 -55.40 9.32 2.47
N TYR B 100 -56.10 10.44 2.31
CA TYR B 100 -57.35 10.68 3.08
C TYR B 100 -58.35 9.50 3.01
N ALA B 101 -58.39 8.82 1.88
CA ALA B 101 -59.34 7.75 1.61
C ALA B 101 -58.85 6.36 1.97
N THR B 102 -57.61 6.26 2.42
CA THR B 102 -56.94 4.99 2.64
C THR B 102 -57.17 4.56 4.07
N GLN B 103 -57.63 3.34 4.33
CA GLN B 103 -57.82 3.01 5.74
C GLN B 103 -56.52 2.59 6.45
N CYS B 104 -56.47 2.82 7.75
CA CYS B 104 -55.31 2.41 8.56
C CYS B 104 -55.70 2.24 10.03
N GLY B 105 -54.96 1.42 10.74
CA GLY B 105 -55.30 1.18 12.14
C GLY B 105 -54.51 0.08 12.78
N GLY B 106 -54.89 -0.23 14.02
CA GLY B 106 -54.23 -1.28 14.76
C GLY B 106 -53.15 -0.84 15.75
N ASN B 107 -52.49 -1.83 16.31
CA ASN B 107 -51.43 -1.64 17.24
C ASN B 107 -50.19 -2.01 16.46
N ALA B 108 -49.05 -2.11 17.13
CA ALA B 108 -47.78 -2.31 16.49
C ALA B 108 -47.62 -3.74 15.95
N ASN B 109 -46.51 -3.98 15.25
CA ASN B 109 -46.25 -5.24 14.56
C ASN B 109 -47.46 -5.78 13.77
N GLY B 110 -48.32 -4.88 13.30
CA GLY B 110 -49.32 -5.23 12.31
C GLY B 110 -50.57 -5.93 12.82
N GLN B 111 -50.94 -5.65 14.08
CA GLN B 111 -51.97 -6.38 14.81
C GLN B 111 -53.21 -5.56 14.87
N GLU B 112 -54.34 -6.22 14.94
CA GLU B 112 -55.59 -5.50 15.04
C GLU B 112 -55.56 -4.84 16.39
N SER B 113 -56.35 -3.78 16.57
CA SER B 113 -56.52 -3.19 17.87
C SER B 113 -57.98 -3.19 18.32
N THR B 114 -58.15 -3.17 19.62
CA THR B 114 -59.45 -2.94 20.21
C THR B 114 -59.90 -1.46 20.20
N SER B 115 -59.02 -0.56 20.58
CA SER B 115 -59.40 0.85 20.75
C SER B 115 -58.16 1.74 20.70
N SER B 116 -57.57 1.80 19.51
CA SER B 116 -56.38 2.55 19.24
C SER B 116 -56.69 3.49 18.10
N THR B 117 -56.55 4.78 18.40
CA THR B 117 -56.49 5.86 17.45
C THR B 117 -55.00 6.32 17.44
N THR B 118 -54.47 6.51 16.23
CA THR B 118 -53.12 7.00 16.04
C THR B 118 -53.21 8.04 14.95
N ILE B 119 -52.67 9.22 15.26
CA ILE B 119 -52.87 10.38 14.41
C ILE B 119 -51.55 10.91 13.97
N PHE B 120 -51.40 11.05 12.66
CA PHE B 120 -50.14 11.53 12.10
C PHE B 120 -50.29 12.93 11.55
N ASN B 121 -49.42 13.83 12.02
CA ASN B 121 -49.57 15.22 11.68
C ASN B 121 -48.89 15.48 10.35
N ASN B 122 -49.32 16.55 9.71
CA ASN B 122 -48.83 17.00 8.43
C ASN B 122 -48.97 15.95 7.33
N GLU B 123 -50.20 15.43 7.22
CA GLU B 123 -50.61 14.47 6.20
C GLU B 123 -51.93 14.96 5.60
N PRO B 124 -52.16 14.70 4.31
CA PRO B 124 -53.30 15.23 3.65
C PRO B 124 -54.54 14.36 3.86
N GLY B 125 -55.04 14.43 5.11
CA GLY B 125 -56.28 13.74 5.52
C GLY B 125 -57.52 14.57 5.26
N TYR B 126 -58.71 13.95 5.45
CA TYR B 126 -60.00 14.57 5.15
C TYR B 126 -60.29 15.86 5.94
N ARG B 127 -60.49 16.95 5.23
CA ARG B 127 -60.69 18.27 5.83
C ARG B 127 -59.71 18.50 6.97
N SER B 128 -58.48 18.06 6.75
CA SER B 128 -57.52 18.02 7.83
C SER B 128 -56.08 17.97 7.32
N THR B 129 -55.19 18.47 8.16
CA THR B 129 -53.77 18.31 7.96
C THR B 129 -53.22 17.18 8.87
N SER B 130 -54.08 16.35 9.44
CA SER B 130 -53.65 15.13 10.07
C SER B 130 -54.34 13.98 9.39
N ILE B 131 -53.74 12.80 9.50
CA ILE B 131 -54.46 11.58 9.16
C ILE B 131 -54.64 10.73 10.39
N THR B 132 -55.89 10.27 10.55
CA THR B 132 -56.34 9.49 11.71
C THR B 132 -56.47 8.06 11.29
N CYS B 133 -55.85 7.17 12.06
CA CYS B 133 -55.79 5.77 11.79
C CYS B 133 -56.42 5.18 13.01
N SER B 134 -57.71 4.87 12.92
CA SER B 134 -58.42 4.34 14.08
C SER B 134 -59.32 3.21 13.73
N LEU B 135 -59.02 2.48 12.67
CA LEU B 135 -59.84 1.33 12.35
C LEU B 135 -59.53 0.14 13.30
N ASN B 136 -60.47 -0.13 14.19
CA ASN B 136 -60.28 -1.19 15.14
C ASN B 136 -60.81 -2.54 14.65
N ARG B 137 -60.28 -3.61 15.27
CA ARG B 137 -60.69 -5.00 15.13
C ARG B 137 -60.27 -5.62 13.81
N TYR B 138 -60.41 -4.92 12.69
CA TYR B 138 -60.03 -5.51 11.41
C TYR B 138 -58.51 -5.77 11.35
N LYS B 139 -58.11 -6.85 10.68
CA LYS B 139 -56.72 -7.22 10.62
C LYS B 139 -55.99 -6.31 9.64
N PRO B 140 -54.94 -5.62 10.10
CA PRO B 140 -54.17 -4.84 9.12
C PRO B 140 -53.52 -5.72 8.07
N GLY B 141 -53.46 -5.25 6.83
CA GLY B 141 -52.85 -6.03 5.79
C GLY B 141 -53.48 -5.80 4.44
N TYR B 142 -53.20 -6.72 3.52
CA TYR B 142 -53.67 -6.65 2.17
C TYR B 142 -55.19 -6.51 2.08
N TYR B 143 -55.67 -5.55 1.31
CA TYR B 143 -57.11 -5.26 1.18
C TYR B 143 -57.77 -4.99 2.52
N GLY B 144 -57.03 -4.44 3.45
CA GLY B 144 -57.57 -4.00 4.74
C GLY B 144 -56.79 -2.80 5.25
N PRO B 145 -56.91 -2.51 6.53
CA PRO B 145 -56.19 -1.31 6.99
C PRO B 145 -54.66 -1.40 6.82
N MET B 146 -54.02 -0.27 6.46
CA MET B 146 -52.55 -0.23 6.46
C MET B 146 -52.10 -0.27 7.88
N SER B 147 -51.07 -1.05 8.16
CA SER B 147 -50.57 -1.12 9.53
C SER B 147 -49.92 0.21 9.90
N ILE B 148 -49.77 0.43 11.18
CA ILE B 148 -49.07 1.59 11.65
C ILE B 148 -47.59 1.53 11.33
N GLU B 149 -47.00 0.34 11.38
CA GLU B 149 -45.59 0.14 10.99
C GLU B 149 -45.39 0.69 9.57
N ASN B 150 -46.22 0.24 8.63
CA ASN B 150 -46.18 0.73 7.24
C ASN B 150 -46.49 2.24 7.13
N PHE B 151 -47.48 2.68 7.89
CA PHE B 151 -47.81 4.07 7.83
C PHE B 151 -46.58 4.87 8.25
N LYS B 152 -46.03 4.55 9.42
CA LYS B 152 -44.84 5.23 9.93
C LYS B 152 -43.73 5.39 8.89
N LYS B 153 -43.56 4.36 8.08
CA LYS B 153 -42.62 4.28 7.00
C LYS B 153 -43.01 5.26 5.92
N LEU B 154 -44.25 5.14 5.48
CA LEU B 154 -44.74 6.01 4.42
C LEU B 154 -44.57 7.46 4.86
N ASN B 155 -45.03 7.77 6.04
CA ASN B 155 -45.01 9.09 6.57
C ASN B 155 -43.61 9.74 6.61
N GLU B 156 -42.62 9.02 7.11
CA GLU B 156 -41.27 9.56 7.17
C GLU B 156 -40.82 10.08 5.79
N ALA B 157 -41.02 9.27 4.78
CA ALA B 157 -40.72 9.63 3.44
C ALA B 157 -41.57 10.80 2.94
N TYR B 158 -42.86 10.77 3.24
CA TYR B 158 -43.70 11.89 2.86
C TYR B 158 -43.10 13.14 3.45
N GLN B 159 -42.65 13.07 4.72
CA GLN B 159 -42.27 14.29 5.43
C GLN B 159 -40.97 14.80 4.88
N ILE B 160 -40.05 13.90 4.60
CA ILE B 160 -38.81 14.31 4.05
C ILE B 160 -39.07 14.94 2.71
N LEU B 161 -39.83 14.24 1.88
CA LEU B 161 -40.02 14.74 0.54
C LEU B 161 -40.67 16.11 0.53
N GLN B 162 -41.67 16.30 1.37
CA GLN B 162 -42.37 17.57 1.36
C GLN B 162 -41.48 18.72 1.87
N THR B 163 -40.57 18.41 2.81
CA THR B 163 -39.66 19.38 3.30
C THR B 163 -38.66 19.73 2.20
N ALA B 164 -38.05 18.73 1.58
CA ALA B 164 -37.14 18.99 0.45
C ALA B 164 -37.78 19.90 -0.61
N LEU B 165 -39.02 19.57 -0.99
CA LEU B 165 -39.70 20.29 -2.04
C LEU B 165 -39.90 21.73 -1.65
N ASN B 166 -40.29 21.94 -0.41
CA ASN B 166 -40.57 23.26 0.08
C ASN B 166 -39.31 24.13 0.11
N LYS B 167 -38.17 23.54 0.44
CA LYS B 167 -36.89 24.22 0.47
C LYS B 167 -36.32 24.41 -0.96
N GLY B 168 -36.49 23.38 -1.80
CA GLY B 168 -36.12 23.43 -3.21
C GLY B 168 -35.11 22.34 -3.47
N LEU B 169 -35.24 21.61 -4.56
CA LEU B 169 -34.27 20.59 -4.85
C LEU B 169 -33.03 21.23 -5.41
N PRO B 170 -31.87 20.63 -5.14
CA PRO B 170 -30.62 21.14 -5.60
C PRO B 170 -30.27 20.55 -6.93
N ALA B 171 -29.30 21.18 -7.57
CA ALA B 171 -28.92 20.75 -8.89
C ALA B 171 -28.30 19.37 -8.76
N LEU B 172 -28.24 18.63 -9.85
CA LEU B 172 -27.83 17.22 -9.82
C LEU B 172 -26.40 16.93 -9.40
N LYS B 173 -25.51 17.84 -9.73
CA LYS B 173 -24.15 17.68 -9.31
C LYS B 173 -24.13 17.67 -7.78
N GLU B 174 -25.04 18.42 -7.14
CA GLU B 174 -25.00 18.68 -5.70
C GLU B 174 -25.38 17.52 -4.80
N ASN B 175 -24.51 16.50 -4.63
CA ASN B 175 -24.83 15.41 -3.71
C ASN B 175 -24.23 15.44 -2.31
N ASN B 176 -23.74 16.58 -1.85
CA ASN B 176 -23.37 16.72 -0.44
C ASN B 176 -24.31 17.67 0.32
N GLY B 177 -25.43 18.05 -0.27
CA GLY B 177 -26.34 18.98 0.37
C GLY B 177 -27.20 18.30 1.41
N THR B 178 -27.80 19.07 2.29
CA THR B 178 -28.69 18.51 3.27
C THR B 178 -29.83 19.43 3.65
N ILE B 179 -30.87 18.85 4.24
CA ILE B 179 -32.00 19.57 4.77
C ILE B 179 -31.64 19.65 6.25
N LYS B 180 -31.67 20.85 6.82
CA LYS B 180 -31.14 21.00 8.16
C LYS B 180 -31.98 20.21 9.15
N ASP B 181 -33.28 20.23 8.93
CA ASP B 181 -34.22 19.74 9.91
C ASP B 181 -35.52 19.25 9.22
N VAL B 182 -35.86 17.97 9.37
CA VAL B 182 -37.19 17.47 8.97
C VAL B 182 -37.83 17.01 10.28
N THR B 183 -38.95 17.62 10.65
CA THR B 183 -39.56 17.33 11.97
C THR B 183 -41.02 16.96 11.84
N TYR B 184 -41.40 15.83 12.40
CA TYR B 184 -42.79 15.40 12.29
C TYR B 184 -43.16 14.67 13.55
N SER B 185 -44.46 14.60 13.75
CA SER B 185 -44.98 14.06 14.97
C SER B 185 -46.25 13.23 14.70
N TYR B 186 -46.49 12.30 15.60
CA TYR B 186 -47.76 11.66 15.67
C TYR B 186 -48.17 11.54 17.13
N ILE B 187 -49.42 11.21 17.35
CA ILE B 187 -49.92 11.04 18.71
C ILE B 187 -50.77 9.75 18.82
N CYS B 188 -50.63 9.06 19.96
CA CYS B 188 -51.43 7.88 20.32
C CYS B 188 -52.43 8.09 21.43
N TYR B 189 -53.69 7.74 21.19
CA TYR B 189 -54.60 7.61 22.30
C TYR B 189 -55.39 6.30 22.26
N GLY B 190 -56.03 6.00 23.40
CA GLY B 190 -56.90 4.85 23.56
C GLY B 190 -56.30 3.74 24.36
N GLU B 191 -57.13 3.03 25.11
CA GLU B 191 -56.64 1.86 25.84
C GLU B 191 -56.03 0.81 24.90
N GLY B 192 -54.86 0.32 25.29
CA GLY B 192 -54.16 -0.72 24.55
C GLY B 192 -53.33 -0.17 23.40
N ASN B 193 -53.43 1.13 23.14
CA ASN B 193 -52.66 1.69 22.03
C ASN B 193 -51.23 1.63 22.42
N ASN B 194 -50.43 0.98 21.58
CA ASN B 194 -49.00 0.82 21.85
C ASN B 194 -48.09 1.24 20.67
N ASN B 195 -48.57 2.15 19.84
CA ASN B 195 -47.82 2.55 18.69
C ASN B 195 -46.83 3.62 19.06
N CYS B 196 -46.98 4.20 20.24
CA CYS B 196 -46.11 5.29 20.66
C CYS B 196 -45.00 4.85 21.62
N GLU B 197 -44.99 3.56 21.91
CA GLU B 197 -43.97 2.94 22.75
C GLU B 197 -42.75 2.71 21.86
N ILE B 198 -41.64 3.35 22.18
CA ILE B 198 -40.46 3.23 21.30
C ILE B 198 -39.34 2.38 21.93
N LYS B 199 -38.94 1.31 21.25
CA LYS B 199 -37.81 0.51 21.69
C LYS B 199 -36.55 1.19 21.18
N LEU B 200 -35.51 1.25 22.01
CA LEU B 200 -34.26 1.79 21.54
C LEU B 200 -33.28 0.69 21.16
N ALA B 201 -32.29 1.08 20.35
CA ALA B 201 -31.26 0.17 19.82
C ALA B 201 -30.56 -0.60 20.94
N ASP B 202 -30.31 0.06 22.08
CA ASP B 202 -29.76 -0.61 23.27
C ASP B 202 -30.68 -1.71 23.85
N GLY B 203 -32.00 -1.46 23.79
CA GLY B 203 -33.02 -2.39 24.31
C GLY B 203 -33.90 -1.87 25.44
N GLN B 204 -33.88 -0.55 25.66
CA GLN B 204 -34.62 0.11 26.75
C GLN B 204 -35.83 0.91 26.22
N LYS B 205 -37.01 0.69 26.80
CA LYS B 205 -38.21 1.44 26.44
C LYS B 205 -37.95 2.93 26.70
N LEU B 206 -37.97 3.73 25.64
CA LEU B 206 -37.86 5.19 25.73
C LEU B 206 -38.87 5.73 26.73
N GLN B 207 -38.43 6.68 27.56
CA GLN B 207 -39.25 7.16 28.65
C GLN B 207 -40.44 7.98 28.15
N GLN B 208 -41.62 7.43 28.38
CA GLN B 208 -42.84 7.94 27.80
C GLN B 208 -43.14 9.39 28.12
N ASN B 209 -42.78 9.81 29.31
CA ASN B 209 -43.05 11.17 29.70
C ASN B 209 -41.74 11.95 29.82
N GLY B 210 -41.55 12.92 28.92
CA GLY B 210 -40.29 13.69 28.83
C GLY B 210 -39.03 12.98 28.29
N GLY B 211 -39.12 11.71 27.88
CA GLY B 211 -37.94 10.96 27.41
C GLY B 211 -37.37 11.56 26.14
N SER B 212 -36.05 11.56 26.00
CA SER B 212 -35.42 12.13 24.81
C SER B 212 -34.07 11.50 24.50
N GLU B 213 -33.92 11.07 23.27
CA GLU B 213 -32.87 10.14 22.88
C GLU B 213 -32.63 10.20 21.36
N THR B 214 -31.53 9.60 20.92
CA THR B 214 -31.01 9.73 19.57
C THR B 214 -30.86 8.43 18.75
N THR B 215 -31.82 8.13 17.88
CA THR B 215 -31.60 7.08 16.89
C THR B 215 -30.81 7.64 15.71
N THR B 216 -30.12 6.76 15.00
CA THR B 216 -29.42 7.14 13.78
C THR B 216 -29.77 6.14 12.68
N GLN B 217 -29.75 6.61 11.46
CA GLN B 217 -30.03 5.71 10.36
C GLN B 217 -29.21 6.14 9.19
N THR B 218 -29.30 5.40 8.12
CA THR B 218 -28.44 5.62 6.98
C THR B 218 -29.25 6.02 5.73
N ILE B 219 -28.89 7.09 5.05
CA ILE B 219 -29.59 7.50 3.84
C ILE B 219 -28.58 7.98 2.85
N ASP B 220 -28.69 7.53 1.62
CA ASP B 220 -27.71 7.82 0.55
C ASP B 220 -26.31 7.73 1.13
N GLY B 221 -26.03 6.63 1.83
CA GLY B 221 -24.66 6.32 2.26
C GLY B 221 -24.07 7.17 3.36
N LYS B 222 -24.90 8.01 3.98
CA LYS B 222 -24.47 8.98 4.99
C LYS B 222 -25.29 8.73 6.23
N THR B 223 -24.94 9.39 7.30
CA THR B 223 -25.50 9.07 8.58
C THR B 223 -26.29 10.23 9.09
N VAL B 224 -27.46 9.92 9.67
CA VAL B 224 -28.43 10.92 10.07
C VAL B 224 -28.91 10.67 11.49
N SER B 225 -28.67 11.64 12.38
CA SER B 225 -29.29 11.61 13.72
C SER B 225 -30.75 11.87 13.52
N THR B 226 -31.54 11.22 14.36
CA THR B 226 -32.90 11.56 14.58
C THR B 226 -33.05 11.73 16.12
N THR B 227 -33.78 12.77 16.57
CA THR B 227 -34.06 12.91 18.00
C THR B 227 -35.52 12.54 18.22
N ILE B 228 -35.73 11.34 18.75
CA ILE B 228 -37.07 10.89 19.09
C ILE B 228 -37.32 11.27 20.55
N SER B 229 -38.33 12.09 20.78
CA SER B 229 -38.72 12.47 22.13
C SER B 229 -40.23 12.22 22.32
N SER B 230 -40.64 11.94 23.56
CA SER B 230 -42.01 11.53 23.87
C SER B 230 -42.61 12.35 25.02
N LYS B 231 -43.90 12.57 24.98
CA LYS B 231 -44.57 13.10 26.14
C LYS B 231 -46.05 12.72 26.23
N VAL B 232 -46.59 12.90 27.43
CA VAL B 232 -47.98 12.63 27.71
C VAL B 232 -48.73 13.91 28.01
N VAL B 233 -49.87 14.09 27.37
CA VAL B 233 -50.81 15.15 27.69
C VAL B 233 -51.99 14.41 28.31
N ASP B 234 -52.31 14.71 29.56
CA ASP B 234 -53.41 14.00 30.24
C ASP B 234 -54.78 14.49 29.78
N SER B 235 -55.79 13.65 30.01
CA SER B 235 -57.21 13.98 29.76
C SER B 235 -57.65 15.31 30.31
N THR B 236 -57.13 15.65 31.48
CA THR B 236 -57.54 16.86 32.19
C THR B 236 -57.07 18.11 31.44
N ALA B 237 -55.84 18.04 30.90
CA ALA B 237 -55.20 19.17 30.24
C ALA B 237 -56.15 20.00 29.39
N ALA B 238 -56.11 21.32 29.60
CA ALA B 238 -56.80 22.26 28.74
C ALA B 238 -56.02 22.36 27.43
N ASP B 239 -56.69 22.76 26.36
CA ASP B 239 -56.17 22.70 24.96
C ASP B 239 -56.29 21.31 24.33
N ASN B 240 -56.90 20.37 25.04
CA ASN B 240 -56.94 18.98 24.59
C ASN B 240 -58.30 18.62 23.95
N THR B 241 -58.50 18.95 22.67
CA THR B 241 -59.70 18.53 21.94
C THR B 241 -60.06 17.10 22.25
N TYR B 242 -59.11 16.19 22.06
CA TYR B 242 -59.34 14.79 22.37
C TYR B 242 -59.56 14.76 23.88
N LYS B 243 -60.75 14.38 24.32
CA LYS B 243 -61.02 14.26 25.76
C LYS B 243 -59.88 13.56 26.48
N GLN B 244 -59.06 12.79 25.76
CA GLN B 244 -58.34 11.68 26.35
C GLN B 244 -56.85 11.83 26.42
N SER B 245 -56.27 11.17 27.41
CA SER B 245 -54.85 11.24 27.69
C SER B 245 -54.15 10.63 26.50
N TYR B 246 -53.12 11.30 26.02
CA TYR B 246 -52.42 10.88 24.81
C TYR B 246 -50.92 11.00 24.90
N THR B 247 -50.24 10.21 24.09
CA THR B 247 -48.78 10.25 23.96
C THR B 247 -48.42 10.87 22.63
N GLU B 248 -47.44 11.74 22.61
CA GLU B 248 -47.04 12.38 21.36
C GLU B 248 -45.61 12.04 21.07
N ILE B 249 -45.33 11.47 19.91
CA ILE B 249 -43.92 11.30 19.51
C ILE B 249 -43.55 12.43 18.61
N THR B 250 -42.36 12.96 18.82
CA THR B 250 -41.75 13.92 17.91
C THR B 250 -40.52 13.26 17.35
N ASN B 251 -40.33 13.39 16.05
CA ASN B 251 -39.14 12.92 15.37
C ASN B 251 -38.52 14.10 14.66
N ALA B 252 -37.26 14.33 14.98
CA ALA B 252 -36.55 15.48 14.53
C ALA B 252 -35.29 14.93 13.88
N LEU B 253 -35.31 14.90 12.56
CA LEU B 253 -34.17 14.43 11.80
C LEU B 253 -33.30 15.64 11.54
N LYS B 254 -31.99 15.41 11.48
CA LYS B 254 -31.06 16.47 11.30
C LYS B 254 -30.07 16.15 10.20
N ASP B 255 -30.01 17.04 9.21
CA ASP B 255 -29.02 16.95 8.12
C ASP B 255 -29.36 15.77 7.24
N VAL B 256 -30.59 15.80 6.76
CA VAL B 256 -31.09 14.79 5.86
C VAL B 256 -30.52 15.07 4.47
N PRO B 257 -29.88 14.08 3.87
CA PRO B 257 -29.43 14.30 2.49
C PRO B 257 -30.58 14.62 1.53
N ASP B 258 -30.30 15.55 0.61
CA ASP B 258 -31.29 16.06 -0.32
C ASP B 258 -30.86 15.93 -1.76
N SER B 259 -29.88 15.05 -2.00
CA SER B 259 -29.41 14.80 -3.34
C SER B 259 -30.53 14.09 -4.07
N ALA B 260 -30.47 14.08 -5.38
CA ALA B 260 -31.55 13.48 -6.12
C ALA B 260 -31.68 11.98 -5.77
N GLN B 261 -30.56 11.29 -5.59
CA GLN B 261 -30.62 9.88 -5.31
C GLN B 261 -31.31 9.67 -4.00
N ALA B 262 -31.02 10.54 -3.05
CA ALA B 262 -31.67 10.44 -1.76
C ALA B 262 -33.15 10.60 -1.91
N LEU B 263 -33.59 11.64 -2.59
CA LEU B 263 -35.02 11.90 -2.63
C LEU B 263 -35.77 10.85 -3.53
N LEU B 264 -35.14 10.33 -4.58
CA LEU B 264 -35.76 9.27 -5.40
C LEU B 264 -36.01 8.03 -4.55
N ALA B 265 -35.04 7.70 -3.72
CA ALA B 265 -35.13 6.58 -2.78
C ALA B 265 -36.30 6.73 -1.79
N GLN B 266 -36.51 7.95 -1.34
CA GLN B 266 -37.66 8.24 -0.49
C GLN B 266 -38.96 8.19 -1.30
N ALA B 267 -38.95 8.69 -2.53
CA ALA B 267 -40.14 8.56 -3.33
C ALA B 267 -40.42 7.09 -3.54
N SER B 268 -39.35 6.34 -3.73
CA SER B 268 -39.49 4.96 -4.09
C SER B 268 -40.14 4.22 -2.94
N THR B 269 -39.54 4.39 -1.78
CA THR B 269 -40.06 3.89 -0.55
C THR B 269 -41.52 4.22 -0.37
N LEU B 270 -41.88 5.48 -0.68
CA LEU B 270 -43.25 5.96 -0.50
C LEU B 270 -44.17 5.15 -1.36
N ILE B 271 -43.97 5.23 -2.65
CA ILE B 271 -44.86 4.52 -3.56
C ILE B 271 -44.84 2.99 -3.37
N ASN B 272 -43.69 2.42 -3.07
CA ASN B 272 -43.60 0.98 -2.85
C ASN B 272 -44.26 0.48 -1.58
N THR B 273 -44.16 1.29 -0.53
CA THR B 273 -44.82 0.98 0.70
C THR B 273 -46.32 0.99 0.43
N ILE B 274 -46.81 1.97 -0.31
CA ILE B 274 -48.24 1.97 -0.68
C ILE B 274 -48.55 0.70 -1.46
N ASN B 275 -47.80 0.43 -2.52
CA ASN B 275 -48.14 -0.70 -3.36
C ASN B 275 -48.04 -2.08 -2.71
N THR B 276 -47.04 -2.28 -1.84
CA THR B 276 -46.86 -3.55 -1.12
C THR B 276 -47.93 -3.77 -0.04
N ALA B 277 -48.21 -2.72 0.70
CA ALA B 277 -49.16 -2.81 1.78
C ALA B 277 -50.57 -3.00 1.26
N CYS B 278 -50.81 -2.44 0.07
CA CYS B 278 -52.05 -2.56 -0.69
C CYS B 278 -53.31 -2.48 0.13
N PRO B 279 -53.45 -1.40 0.90
CA PRO B 279 -54.58 -1.25 1.79
C PRO B 279 -55.88 -0.98 1.09
N TYR B 280 -56.94 -1.10 1.85
CA TYR B 280 -58.28 -0.80 1.36
C TYR B 280 -58.49 0.71 1.29
N PHE B 281 -59.11 1.20 0.22
CA PHE B 281 -59.51 2.62 0.14
C PHE B 281 -60.92 2.85 -0.34
N SER B 282 -61.46 3.98 0.10
CA SER B 282 -62.84 4.32 -0.16
C SER B 282 -62.94 5.81 -0.27
N VAL B 283 -63.23 6.30 -1.46
CA VAL B 283 -63.39 7.75 -1.61
C VAL B 283 -64.84 8.14 -1.51
N THR B 284 -65.07 9.32 -0.97
CA THR B 284 -66.41 9.86 -0.79
C THR B 284 -67.05 10.21 -2.17
N ASN B 285 -66.28 10.92 -3.01
CA ASN B 285 -66.70 11.31 -4.39
C ASN B 285 -67.65 12.53 -4.36
N LYS B 286 -68.41 12.78 -5.43
CA LYS B 286 -69.40 13.89 -5.42
C LYS B 286 -70.28 13.88 -6.66
N SER B 287 -71.22 14.83 -6.71
CA SER B 287 -71.75 15.38 -7.96
C SER B 287 -71.07 16.73 -8.18
N GLY B 288 -70.71 17.02 -9.44
CA GLY B 288 -70.02 18.25 -9.76
C GLY B 288 -68.60 18.13 -9.23
N GLY B 289 -67.73 17.63 -10.09
CA GLY B 289 -66.32 17.42 -9.78
C GLY B 289 -65.77 16.55 -10.88
N PRO B 290 -64.53 16.07 -10.72
CA PRO B 290 -64.12 14.94 -11.54
C PRO B 290 -64.35 13.67 -10.72
N GLN B 291 -64.60 12.56 -11.39
CA GLN B 291 -65.14 11.38 -10.74
C GLN B 291 -64.10 10.28 -10.60
N MET B 292 -63.81 9.89 -9.36
CA MET B 292 -62.82 8.84 -9.10
C MET B 292 -63.28 7.44 -9.55
N GLU B 293 -62.41 6.79 -10.33
CA GLU B 293 -62.68 5.49 -10.99
C GLU B 293 -61.60 4.43 -10.63
N PRO B 294 -61.99 3.39 -9.87
CA PRO B 294 -63.32 3.15 -9.25
C PRO B 294 -63.45 3.84 -7.88
N THR B 295 -64.67 3.89 -7.33
CA THR B 295 -64.91 4.60 -6.05
C THR B 295 -64.28 3.97 -4.77
N ARG B 296 -64.02 2.68 -4.81
CA ARG B 296 -63.54 1.95 -3.67
C ARG B 296 -62.74 0.74 -4.18
N GLY B 297 -61.99 0.10 -3.30
CA GLY B 297 -61.15 -1.02 -3.70
C GLY B 297 -59.89 -1.15 -2.87
N LYS B 298 -58.77 -1.34 -3.55
CA LYS B 298 -57.49 -1.55 -2.91
C LYS B 298 -56.45 -0.76 -3.64
N LEU B 299 -55.60 -0.06 -2.90
CA LEU B 299 -54.70 0.92 -3.51
C LEU B 299 -53.82 0.35 -4.58
N CYS B 300 -53.31 -0.86 -4.43
CA CYS B 300 -52.44 -1.41 -5.47
C CYS B 300 -53.26 -1.79 -6.68
N GLY B 301 -54.56 -1.51 -6.62
CA GLY B 301 -55.43 -1.64 -7.77
C GLY B 301 -55.19 -0.60 -8.85
N PHE B 302 -54.58 0.52 -8.48
CA PHE B 302 -54.19 1.56 -9.45
C PHE B 302 -52.87 1.12 -10.08
N THR B 303 -52.96 0.15 -10.99
CA THR B 303 -51.75 -0.50 -11.46
C THR B 303 -51.08 0.29 -12.55
N GLU B 304 -51.83 0.97 -13.37
CA GLU B 304 -51.22 1.78 -14.39
C GLU B 304 -50.46 2.94 -13.73
N GLU B 305 -51.06 3.54 -12.70
CA GLU B 305 -50.55 4.76 -12.06
C GLU B 305 -49.36 4.41 -11.21
N ILE B 306 -49.48 3.38 -10.39
CA ILE B 306 -48.33 2.93 -9.65
C ILE B 306 -47.22 2.49 -10.61
N SER B 307 -47.55 1.93 -11.76
CA SER B 307 -46.46 1.54 -12.67
C SER B 307 -45.76 2.72 -13.26
N ALA B 308 -46.53 3.69 -13.68
CA ALA B 308 -45.93 4.83 -14.26
C ALA B 308 -45.02 5.47 -13.23
N ILE B 309 -45.53 5.66 -12.03
CA ILE B 309 -44.78 6.28 -10.98
C ILE B 309 -43.51 5.51 -10.63
N GLN B 310 -43.56 4.21 -10.64
CA GLN B 310 -42.31 3.48 -10.44
C GLN B 310 -41.33 3.67 -11.59
N LYS B 311 -41.87 3.68 -12.80
CA LYS B 311 -41.02 3.68 -13.96
C LYS B 311 -40.28 5.01 -13.96
N MET B 312 -41.04 6.08 -13.74
CA MET B 312 -40.51 7.40 -13.64
C MET B 312 -39.39 7.47 -12.62
N ILE B 313 -39.57 6.83 -11.49
CA ILE B 313 -38.52 6.85 -10.46
C ILE B 313 -37.28 6.09 -10.91
N THR B 314 -37.49 4.95 -11.55
CA THR B 314 -36.39 4.16 -12.00
C THR B 314 -35.57 4.94 -13.01
N ASP B 315 -36.26 5.54 -13.98
CA ASP B 315 -35.61 6.21 -15.07
C ASP B 315 -34.89 7.45 -14.56
N ALA B 316 -35.44 8.08 -13.56
CA ALA B 316 -34.78 9.19 -12.97
C ALA B 316 -33.56 8.70 -12.18
N GLN B 317 -33.64 7.53 -11.56
CA GLN B 317 -32.42 6.93 -10.99
C GLN B 317 -31.37 6.65 -12.09
N GLU B 318 -31.76 5.99 -13.20
CA GLU B 318 -30.93 5.72 -14.39
CA GLU B 318 -30.77 5.72 -14.24
C GLU B 318 -30.23 7.05 -14.75
N LEU B 319 -31.04 8.09 -14.79
CA LEU B 319 -30.64 9.40 -15.29
C LEU B 319 -29.61 10.13 -14.41
N VAL B 320 -29.91 10.16 -13.13
CA VAL B 320 -28.96 10.65 -12.18
C VAL B 320 -27.62 9.86 -12.17
N ASN B 321 -27.62 8.54 -12.37
CA ASN B 321 -26.35 7.81 -12.51
C ASN B 321 -25.45 8.28 -13.63
N GLN B 322 -25.99 8.94 -14.64
CA GLN B 322 -25.15 9.37 -15.72
C GLN B 322 -24.22 10.53 -15.30
N THR B 323 -24.59 11.17 -14.20
CA THR B 323 -23.79 12.24 -13.65
C THR B 323 -22.38 11.82 -13.36
N SER B 324 -22.19 10.62 -12.83
CA SER B 324 -20.83 10.17 -12.49
C SER B 324 -19.99 9.90 -13.74
N VAL B 325 -20.63 9.44 -14.80
CA VAL B 325 -19.95 9.17 -16.07
C VAL B 325 -19.44 10.46 -16.67
N ILE B 326 -20.31 11.46 -16.68
CA ILE B 326 -19.93 12.82 -17.09
C ILE B 326 -18.85 13.47 -16.23
N ASN B 327 -18.96 13.34 -14.91
CA ASN B 327 -17.94 13.92 -14.01
C ASN B 327 -16.59 13.23 -14.19
N GLU B 328 -16.61 11.89 -14.26
CA GLU B 328 -15.40 11.08 -14.54
C GLU B 328 -14.72 11.36 -15.90
N HIS B 329 -15.30 12.21 -16.75
CA HIS B 329 -14.75 12.47 -18.09
C HIS B 329 -14.83 13.96 -18.44
N GLU B 330 -14.24 14.80 -17.58
CA GLU B 330 -13.98 16.20 -17.88
C GLU B 330 -13.48 16.26 -19.31
N GLN B 331 -13.82 17.36 -19.97
CA GLN B 331 -13.57 17.57 -21.39
C GLN B 331 -12.85 18.89 -21.61
N SER B 332 -12.25 19.45 -20.58
CA SER B 332 -11.73 20.81 -20.65
C SER B 332 -10.32 20.87 -21.21
N THR B 333 -9.57 19.80 -21.12
CA THR B 333 -8.20 19.73 -21.62
C THR B 333 -8.03 19.73 -23.15
N PRO B 334 -7.47 20.82 -23.75
CA PRO B 334 -7.33 20.87 -25.22
C PRO B 334 -6.61 19.70 -25.80
N VAL B 335 -7.04 19.25 -26.98
CA VAL B 335 -6.44 18.13 -27.64
C VAL B 335 -5.65 18.51 -28.86
N GLY B 336 -4.70 17.63 -29.17
CA GLY B 336 -3.94 17.68 -30.42
C GLY B 336 -2.80 18.68 -30.45
N GLY B 337 -2.47 19.27 -29.28
CA GLY B 337 -1.31 20.15 -29.06
C GLY B 337 -1.29 21.42 -29.89
N ASN B 338 -0.24 22.23 -29.68
CA ASN B 338 0.03 23.42 -30.51
C ASN B 338 1.37 23.28 -31.28
N ASN B 339 1.55 22.06 -31.81
CA ASN B 339 2.76 21.52 -32.49
C ASN B 339 3.74 20.76 -31.57
N GLY B 340 3.35 19.54 -31.22
CA GLY B 340 4.27 18.39 -31.12
C GLY B 340 4.32 17.66 -32.48
N LYS B 341 3.38 18.01 -33.39
CA LYS B 341 3.29 17.63 -34.83
C LYS B 341 1.89 18.14 -35.31
N PRO B 342 1.50 17.92 -36.59
CA PRO B 342 0.06 17.92 -36.80
C PRO B 342 -0.64 16.72 -36.19
N PHE B 343 -1.94 16.89 -36.01
CA PHE B 343 -2.78 15.94 -35.33
C PHE B 343 -3.08 14.75 -36.23
N ASN B 344 -2.86 13.55 -35.69
CA ASN B 344 -3.17 12.32 -36.39
C ASN B 344 -4.38 11.59 -35.73
N PRO B 345 -5.54 11.64 -36.37
CA PRO B 345 -6.73 10.93 -35.87
C PRO B 345 -6.53 9.43 -35.58
N PHE B 346 -5.53 8.82 -36.21
CA PHE B 346 -5.32 7.39 -36.02
C PHE B 346 -4.48 7.08 -34.80
N THR B 347 -3.77 8.05 -34.26
CA THR B 347 -2.88 7.80 -33.11
C THR B 347 -2.99 8.77 -31.94
N ASP B 348 -3.49 9.99 -32.16
CA ASP B 348 -3.42 11.01 -31.11
C ASP B 348 -4.71 11.20 -30.38
N ALA B 349 -5.56 10.17 -30.34
CA ALA B 349 -6.96 10.36 -29.92
C ALA B 349 -7.41 9.43 -28.83
N SER B 350 -6.57 9.22 -27.84
CA SER B 350 -6.94 8.36 -26.73
C SER B 350 -8.04 9.02 -25.86
N PHE B 351 -8.16 10.35 -25.94
CA PHE B 351 -9.32 11.07 -25.33
C PHE B 351 -10.71 10.70 -25.87
N ALA B 352 -10.79 10.13 -27.07
CA ALA B 352 -12.08 9.87 -27.71
C ALA B 352 -13.03 8.99 -26.90
N GLN B 353 -12.50 7.93 -26.30
CA GLN B 353 -13.34 7.05 -25.50
C GLN B 353 -14.02 7.88 -24.40
N GLY B 354 -13.27 8.74 -23.73
CA GLY B 354 -13.79 9.58 -22.67
C GLY B 354 -14.82 10.52 -23.23
N MET B 355 -14.48 11.11 -24.35
CA MET B 355 -15.37 12.06 -24.99
C MET B 355 -16.68 11.40 -25.36
N LEU B 356 -16.61 10.19 -25.91
CA LEU B 356 -17.81 9.42 -26.30
C LEU B 356 -18.71 9.05 -25.13
N ALA B 357 -18.07 8.66 -24.04
CA ALA B 357 -18.80 8.22 -22.87
C ALA B 357 -19.56 9.42 -22.37
N ASN B 358 -18.86 10.55 -22.31
CA ASN B 358 -19.47 11.76 -21.80
C ASN B 358 -20.67 12.17 -22.65
N ALA B 359 -20.43 12.37 -23.93
CA ALA B 359 -21.49 12.70 -24.83
C ALA B 359 -22.65 11.71 -24.79
N SER B 360 -22.35 10.42 -24.79
CA SER B 360 -23.41 9.41 -24.70
C SER B 360 -24.17 9.47 -23.41
N ALA B 361 -23.50 9.90 -22.35
CA ALA B 361 -24.16 10.09 -21.10
C ALA B 361 -25.12 11.27 -21.12
N GLN B 362 -24.70 12.32 -21.80
CA GLN B 362 -25.57 13.48 -21.90
C GLN B 362 -26.79 13.12 -22.68
N ALA B 363 -26.60 12.53 -23.84
CA ALA B 363 -27.74 12.06 -24.63
C ALA B 363 -28.61 11.06 -23.85
N LYS B 364 -28.03 10.23 -22.99
CA LYS B 364 -28.91 9.28 -22.30
C LYS B 364 -29.75 10.05 -21.31
N MET B 365 -29.15 11.05 -20.65
CA MET B 365 -29.86 11.82 -19.61
C MET B 365 -31.02 12.55 -20.19
N LEU B 366 -30.79 13.18 -21.33
CA LEU B 366 -31.85 13.88 -22.05
C LEU B 366 -32.92 12.94 -22.50
N ASN B 367 -32.56 11.84 -23.12
CA ASN B 367 -33.61 10.86 -23.47
C ASN B 367 -34.41 10.36 -22.25
N LEU B 368 -33.77 10.06 -21.12
CA LEU B 368 -34.52 9.64 -19.96
C LEU B 368 -35.35 10.76 -19.37
N ALA B 369 -34.87 12.00 -19.47
CA ALA B 369 -35.69 13.11 -18.99
C ALA B 369 -36.99 13.23 -19.80
N HIS B 370 -36.90 13.07 -21.10
CA HIS B 370 -38.07 13.05 -21.96
C HIS B 370 -38.95 11.86 -21.63
N GLN B 371 -38.37 10.68 -21.59
CA GLN B 371 -39.16 9.48 -21.30
C GLN B 371 -39.99 9.62 -20.01
N VAL B 372 -39.42 10.35 -19.03
CA VAL B 372 -40.09 10.52 -17.77
C VAL B 372 -41.34 11.36 -17.95
N GLY B 373 -41.20 12.50 -18.62
CA GLY B 373 -42.33 13.30 -18.99
C GLY B 373 -43.38 12.50 -19.76
N GLN B 374 -42.96 11.66 -20.70
CA GLN B 374 -43.90 10.94 -21.57
C GLN B 374 -44.67 9.88 -20.85
N THR B 375 -44.18 9.42 -19.72
CA THR B 375 -44.86 8.39 -18.97
C THR B 375 -46.16 8.89 -18.30
N ILE B 376 -46.18 10.15 -17.89
CA ILE B 376 -47.25 10.71 -17.05
C ILE B 376 -48.02 11.81 -17.79
N ASN B 377 -47.44 12.38 -18.84
CA ASN B 377 -48.12 13.43 -19.58
C ASN B 377 -49.51 13.00 -20.11
N PRO B 378 -50.57 13.64 -19.60
CA PRO B 378 -51.90 13.19 -19.97
C PRO B 378 -52.23 13.31 -21.45
N ASP B 379 -51.46 14.05 -22.22
CA ASP B 379 -51.65 14.08 -23.68
C ASP B 379 -51.61 12.74 -24.40
N ASN B 380 -50.96 11.75 -23.82
CA ASN B 380 -50.85 10.46 -24.44
C ASN B 380 -51.47 9.41 -23.60
N LEU B 381 -52.23 9.80 -22.61
CA LEU B 381 -52.84 8.83 -21.74
C LEU B 381 -54.25 8.66 -22.19
N THR B 382 -54.79 7.49 -21.89
CA THR B 382 -56.16 7.21 -22.28
C THR B 382 -57.02 6.67 -21.12
N GLY B 383 -58.34 6.70 -21.30
CA GLY B 383 -59.24 6.03 -20.37
C GLY B 383 -59.06 6.48 -18.94
N THR B 384 -58.98 5.50 -18.04
CA THR B 384 -59.05 5.76 -16.59
C THR B 384 -57.75 6.39 -16.05
N PHE B 385 -56.62 6.04 -16.64
CA PHE B 385 -55.34 6.56 -16.14
C PHE B 385 -55.32 8.06 -16.43
N LYS B 386 -55.70 8.42 -17.64
CA LYS B 386 -55.74 9.81 -18.04
C LYS B 386 -56.60 10.59 -17.10
N ASN B 387 -57.78 10.04 -16.80
CA ASN B 387 -58.71 10.81 -16.03
CA ASN B 387 -58.75 10.72 -15.93
C ASN B 387 -58.21 10.93 -14.56
N PHE B 388 -57.36 10.01 -14.11
CA PHE B 388 -56.74 10.12 -12.81
C PHE B 388 -55.75 11.29 -12.83
N VAL B 389 -54.92 11.34 -13.87
CA VAL B 389 -53.96 12.40 -13.98
C VAL B 389 -54.59 13.79 -14.17
N THR B 390 -55.55 13.94 -15.11
CA THR B 390 -56.05 15.31 -15.46
C THR B 390 -57.03 15.77 -14.42
N GLY B 391 -57.68 14.81 -13.80
CA GLY B 391 -58.78 15.08 -12.87
C GLY B 391 -58.33 15.27 -11.45
N PHE B 392 -57.34 14.47 -11.02
CA PHE B 392 -56.85 14.52 -9.63
C PHE B 392 -55.37 14.83 -9.41
N LEU B 393 -54.50 14.06 -10.03
CA LEU B 393 -53.07 14.22 -9.76
C LEU B 393 -52.51 15.59 -10.13
N ALA B 394 -53.01 16.15 -11.21
CA ALA B 394 -52.45 17.38 -11.77
C ALA B 394 -53.38 18.52 -11.45
N THR B 395 -53.73 18.62 -10.17
CA THR B 395 -54.64 19.60 -9.67
C THR B 395 -54.26 19.88 -8.23
N CYS B 396 -54.69 21.03 -7.72
CA CYS B 396 -54.51 21.38 -6.31
C CYS B 396 -55.72 22.12 -5.80
N ASN B 397 -56.25 21.67 -4.67
CA ASN B 397 -57.38 22.31 -4.05
C ASN B 397 -56.97 23.18 -2.86
N ASN B 398 -55.68 23.45 -2.67
CA ASN B 398 -55.29 24.51 -1.76
C ASN B 398 -55.63 25.86 -2.42
N LYS B 399 -55.26 26.99 -1.80
CA LYS B 399 -55.62 28.32 -2.34
C LYS B 399 -54.41 29.22 -2.62
N GLY B 409 -50.66 30.69 -5.77
CA GLY B 409 -50.32 29.29 -5.45
C GLY B 409 -49.36 29.14 -4.27
N SER B 410 -49.74 28.31 -3.28
CA SER B 410 -48.94 28.12 -2.03
C SER B 410 -47.65 27.37 -2.32
N PRO B 411 -46.59 27.54 -1.46
CA PRO B 411 -45.28 26.96 -1.83
C PRO B 411 -45.30 25.43 -1.89
N PRO B 412 -44.36 24.81 -2.63
CA PRO B 412 -44.34 23.35 -2.64
C PRO B 412 -44.27 22.80 -1.22
N GLY B 413 -44.84 21.61 -1.01
CA GLY B 413 -44.67 20.90 0.23
C GLY B 413 -45.66 21.32 1.29
N THR B 414 -46.62 22.14 0.89
CA THR B 414 -47.66 22.61 1.78
C THR B 414 -48.86 21.62 1.86
N VAL B 415 -49.08 21.12 3.07
CA VAL B 415 -50.26 20.35 3.44
C VAL B 415 -51.28 21.33 4.03
N THR B 416 -52.50 21.31 3.56
CA THR B 416 -53.55 22.14 4.15
C THR B 416 -54.77 21.25 4.32
N THR B 417 -55.82 21.81 4.89
CA THR B 417 -57.05 21.05 5.02
C THR B 417 -57.77 20.78 3.69
N GLN B 418 -57.34 21.38 2.61
CA GLN B 418 -58.01 21.15 1.32
C GLN B 418 -57.12 20.33 0.43
N THR B 419 -55.99 19.87 0.95
CA THR B 419 -55.01 19.21 0.09
C THR B 419 -55.56 17.90 -0.44
N PHE B 420 -56.27 17.16 0.40
CA PHE B 420 -56.73 15.81 0.09
C PHE B 420 -57.49 15.75 -1.21
N ALA B 421 -57.37 14.63 -1.91
CA ALA B 421 -58.10 14.37 -3.14
C ALA B 421 -57.60 15.19 -4.34
N SER B 422 -56.44 15.82 -4.18
CA SER B 422 -55.76 16.54 -5.23
C SER B 422 -54.25 16.29 -5.11
N GLY B 423 -53.52 16.29 -6.21
CA GLY B 423 -52.08 16.09 -6.11
C GLY B 423 -51.30 17.12 -5.28
N CYS B 424 -51.60 18.39 -5.49
CA CYS B 424 -50.91 19.49 -4.84
C CYS B 424 -49.44 19.27 -4.82
N ALA B 425 -48.91 18.93 -5.98
CA ALA B 425 -47.48 18.79 -6.13
C ALA B 425 -46.99 19.37 -7.46
N TYR B 426 -47.61 20.40 -7.96
CA TYR B 426 -47.04 21.08 -9.11
C TYR B 426 -46.79 20.14 -10.30
N VAL B 427 -47.58 19.05 -10.38
CA VAL B 427 -47.34 18.07 -11.42
C VAL B 427 -47.48 18.69 -12.81
N GLU B 428 -48.55 19.44 -13.08
CA GLU B 428 -48.71 20.06 -14.41
C GLU B 428 -47.62 21.08 -14.72
N GLN B 429 -47.40 22.01 -13.80
CA GLN B 429 -46.32 22.98 -13.91
C GLN B 429 -44.98 22.29 -14.21
N THR B 430 -44.72 21.16 -13.60
CA THR B 430 -43.44 20.50 -13.78
C THR B 430 -43.35 19.85 -15.16
N ILE B 431 -44.41 19.19 -15.61
CA ILE B 431 -44.49 18.75 -16.99
C ILE B 431 -44.24 19.91 -17.93
N THR B 432 -44.86 21.04 -17.66
CA THR B 432 -44.75 22.17 -18.57
C THR B 432 -43.31 22.63 -18.62
N ASN B 433 -42.70 22.74 -17.45
CA ASN B 433 -41.32 23.23 -17.35
C ASN B 433 -40.30 22.26 -17.86
N LEU B 434 -40.59 20.98 -17.77
CA LEU B 434 -39.73 20.02 -18.38
C LEU B 434 -39.70 20.35 -19.87
N ASN B 435 -40.88 20.60 -20.43
CA ASN B 435 -40.96 20.82 -21.85
C ASN B 435 -40.22 22.06 -22.20
N ASN B 436 -40.50 23.13 -21.47
CA ASN B 436 -39.77 24.38 -21.67
C ASN B 436 -38.27 24.13 -21.58
N SER B 437 -37.85 23.37 -20.59
CA SER B 437 -36.42 23.05 -20.49
C SER B 437 -35.87 22.29 -21.75
N ILE B 438 -36.60 21.28 -22.21
CA ILE B 438 -36.23 20.54 -23.41
C ILE B 438 -36.28 21.42 -24.68
N ALA B 439 -37.29 22.27 -24.84
CA ALA B 439 -37.27 23.20 -25.98
C ALA B 439 -36.05 24.12 -25.94
N HIS B 440 -35.57 24.48 -24.75
CA HIS B 440 -34.40 25.37 -24.66
C HIS B 440 -33.12 24.60 -24.63
N PHE B 441 -33.19 23.33 -24.96
CA PHE B 441 -32.05 22.49 -25.09
C PHE B 441 -31.75 22.06 -26.53
N GLY B 442 -32.45 22.64 -27.48
CA GLY B 442 -32.34 22.21 -28.86
C GLY B 442 -30.97 22.25 -29.46
N THR B 443 -30.26 23.33 -29.14
CA THR B 443 -28.91 23.57 -29.67
C THR B 443 -27.97 22.61 -28.99
N GLN B 444 -28.12 22.50 -27.68
CA GLN B 444 -27.21 21.66 -26.91
C GLN B 444 -27.37 20.23 -27.35
N GLU B 445 -28.58 19.80 -27.65
CA GLU B 445 -28.77 18.44 -28.12
C GLU B 445 -28.01 18.18 -29.39
N GLN B 446 -28.02 19.13 -30.30
CA GLN B 446 -27.29 18.93 -31.56
C GLN B 446 -25.82 18.82 -31.28
N GLN B 447 -25.33 19.76 -30.48
CA GLN B 447 -23.96 19.76 -30.06
C GLN B 447 -23.53 18.42 -29.40
N ILE B 448 -24.37 17.84 -28.58
CA ILE B 448 -24.05 16.55 -28.01
C ILE B 448 -23.91 15.49 -29.08
N GLN B 449 -24.91 15.41 -29.95
CA GLN B 449 -24.89 14.49 -31.12
C GLN B 449 -23.66 14.67 -32.00
N GLN B 450 -23.27 15.89 -32.29
CA GLN B 450 -22.07 16.12 -33.10
C GLN B 450 -20.81 15.63 -32.41
N ALA B 451 -20.74 15.96 -31.12
CA ALA B 451 -19.61 15.54 -30.33
C ALA B 451 -19.60 14.06 -30.20
N GLU B 452 -20.77 13.45 -29.99
CA GLU B 452 -20.87 12.00 -29.97
C GLU B 452 -20.38 11.40 -31.27
N ASN B 453 -20.69 11.99 -32.41
CA ASN B 453 -20.21 11.42 -33.71
C ASN B 453 -18.75 11.63 -34.06
N ILE B 454 -18.21 12.79 -33.67
CA ILE B 454 -16.78 13.07 -33.86
C ILE B 454 -15.99 12.10 -33.00
N ALA B 455 -16.49 11.87 -31.79
CA ALA B 455 -15.77 11.01 -30.85
C ALA B 455 -15.80 9.60 -31.39
N ASP B 456 -16.96 9.19 -31.88
CA ASP B 456 -17.13 7.83 -32.40
C ASP B 456 -16.27 7.63 -33.66
N THR B 457 -16.16 8.63 -34.49
CA THR B 457 -15.28 8.53 -35.65
C THR B 457 -13.87 8.23 -35.21
N LEU B 458 -13.41 8.93 -34.19
CA LEU B 458 -12.03 8.77 -33.72
C LEU B 458 -11.76 7.44 -33.02
N VAL B 459 -12.71 6.96 -32.25
CA VAL B 459 -12.57 5.67 -31.60
C VAL B 459 -12.35 4.61 -32.69
N ASN B 460 -13.08 4.80 -33.79
CA ASN B 460 -13.03 3.93 -34.93
C ASN B 460 -11.71 3.99 -35.67
N PHE B 461 -11.26 5.20 -36.03
CA PHE B 461 -9.92 5.32 -36.62
C PHE B 461 -8.85 4.72 -35.74
N GLY B 462 -8.96 4.97 -34.44
CA GLY B 462 -7.93 4.64 -33.50
C GLY B 462 -7.93 3.17 -33.20
N SER B 463 -8.91 2.43 -33.69
CA SER B 463 -9.01 1.01 -33.39
C SER B 463 -8.27 0.11 -34.41
N HIS B 464 -7.20 0.59 -35.06
CA HIS B 464 -6.62 -0.10 -36.23
C HIS B 464 -5.14 -0.53 -36.08
N ASN C 30 -17.07 -15.43 39.60
CA ASN C 30 -18.48 -15.94 39.79
C ASN C 30 -19.54 -14.80 39.68
N TYR C 31 -20.23 -14.75 38.54
CA TYR C 31 -21.01 -13.56 38.12
C TYR C 31 -22.48 -13.55 38.56
N GLU C 32 -22.83 -12.57 39.38
CA GLU C 32 -24.16 -12.47 40.00
C GLU C 32 -25.27 -13.00 39.08
N ASN C 33 -25.72 -12.19 38.12
CA ASN C 33 -26.92 -12.52 37.36
C ASN C 33 -26.72 -12.30 35.88
N LEU C 34 -27.80 -12.35 35.13
CA LEU C 34 -27.67 -12.46 33.69
C LEU C 34 -27.41 -11.13 33.03
N SER C 35 -28.10 -10.06 33.44
CA SER C 35 -27.83 -8.74 32.83
C SER C 35 -26.35 -8.44 32.79
N LYS C 36 -25.65 -8.78 33.88
CA LYS C 36 -24.24 -8.40 34.05
C LYS C 36 -23.30 -9.28 33.22
N LEU C 37 -23.71 -10.50 32.93
CA LEU C 37 -23.05 -11.29 31.90
C LEU C 37 -23.15 -10.63 30.54
N LEU C 38 -24.39 -10.33 30.15
CA LEU C 38 -24.72 -9.89 28.80
C LEU C 38 -24.31 -8.42 28.61
N THR C 39 -24.04 -7.73 29.72
CA THR C 39 -23.17 -6.53 29.74
C THR C 39 -21.89 -6.84 28.97
N ARG C 40 -21.08 -7.74 29.54
CA ARG C 40 -19.76 -8.00 28.99
C ARG C 40 -19.76 -8.75 27.65
N TYR C 41 -20.71 -9.68 27.45
CA TYR C 41 -20.61 -10.61 26.31
C TYR C 41 -21.82 -10.54 25.48
N SER C 42 -21.90 -9.52 24.61
CA SER C 42 -23.16 -9.26 23.87
C SER C 42 -23.42 -10.17 22.67
N THR C 43 -22.38 -10.85 22.18
CA THR C 43 -22.59 -11.99 21.30
C THR C 43 -23.51 -13.04 21.92
N LEU C 44 -23.47 -13.21 23.23
CA LEU C 44 -24.33 -14.17 23.93
C LEU C 44 -25.78 -13.67 24.03
N ASN C 45 -25.97 -12.38 24.22
CA ASN C 45 -27.27 -11.83 24.16
C ASN C 45 -27.87 -11.99 22.74
N THR C 46 -27.02 -11.85 21.72
CA THR C 46 -27.49 -12.08 20.38
C THR C 46 -27.85 -13.57 20.25
N LEU C 47 -26.97 -14.42 20.75
CA LEU C 47 -27.12 -15.85 20.58
C LEU C 47 -28.43 -16.35 21.17
N ILE C 48 -28.78 -15.77 22.31
CA ILE C 48 -30.00 -16.12 23.02
C ILE C 48 -31.25 -15.66 22.27
N LYS C 49 -31.28 -14.39 21.87
CA LYS C 49 -32.33 -13.87 21.01
C LYS C 49 -32.54 -14.78 19.79
N LEU C 50 -31.48 -15.20 19.15
CA LEU C 50 -31.63 -16.03 17.98
C LEU C 50 -32.20 -17.41 18.36
N SER C 51 -31.77 -17.95 19.50
CA SER C 51 -32.24 -19.21 19.98
C SER C 51 -33.68 -19.26 20.40
N ALA C 52 -34.27 -18.11 20.67
CA ALA C 52 -35.71 -18.07 20.91
C ALA C 52 -36.55 -17.74 19.67
N ASP C 53 -35.94 -17.67 18.49
CA ASP C 53 -36.62 -17.28 17.25
C ASP C 53 -36.59 -18.44 16.22
N PRO C 54 -37.74 -19.09 15.98
CA PRO C 54 -37.77 -20.20 15.03
C PRO C 54 -37.22 -19.83 13.67
N SER C 55 -37.48 -18.64 13.17
CA SER C 55 -37.01 -18.38 11.83
C SER C 55 -35.48 -18.33 11.79
N ALA C 56 -34.82 -17.86 12.85
CA ALA C 56 -33.35 -17.95 12.87
C ALA C 56 -32.85 -19.38 13.05
N ILE C 57 -33.57 -20.16 13.82
CA ILE C 57 -33.20 -21.54 13.96
C ILE C 57 -33.36 -22.27 12.63
N ASN C 58 -34.47 -21.98 11.95
CA ASN C 58 -34.71 -22.55 10.61
C ASN C 58 -33.70 -22.05 9.58
N ALA C 59 -33.29 -20.80 9.67
CA ALA C 59 -32.26 -20.34 8.76
C ALA C 59 -30.98 -21.15 9.01
N ALA C 60 -30.71 -21.39 10.29
CA ALA C 60 -29.47 -22.04 10.64
C ALA C 60 -29.59 -23.50 10.25
N ARG C 61 -30.77 -24.11 10.41
CA ARG C 61 -30.93 -25.46 9.90
C ARG C 61 -30.81 -25.52 8.38
N GLU C 62 -31.31 -24.53 7.64
CA GLU C 62 -31.11 -24.59 6.18
C GLU C 62 -29.61 -24.55 5.89
N ASN C 63 -28.89 -23.63 6.54
CA ASN C 63 -27.48 -23.53 6.34
C ASN C 63 -26.76 -24.85 6.53
N LEU C 64 -27.11 -25.58 7.59
CA LEU C 64 -26.52 -26.90 7.78
C LEU C 64 -26.79 -27.81 6.61
N GLY C 65 -27.93 -27.67 5.98
CA GLY C 65 -28.21 -28.51 4.81
C GLY C 65 -27.30 -28.17 3.66
N ALA C 66 -27.14 -26.88 3.42
CA ALA C 66 -26.34 -26.44 2.31
C ALA C 66 -24.84 -26.77 2.56
N SER C 67 -24.35 -26.55 3.79
CA SER C 67 -22.95 -26.80 4.06
C SER C 67 -22.69 -28.27 4.01
N ALA C 68 -23.68 -29.05 4.41
CA ALA C 68 -23.57 -30.49 4.33
C ALA C 68 -23.45 -30.88 2.89
N LYS C 69 -24.22 -30.23 2.03
CA LYS C 69 -24.09 -30.52 0.58
C LYS C 69 -22.70 -30.18 0.06
N ASN C 70 -22.14 -29.02 0.43
CA ASN C 70 -20.80 -28.59 0.00
C ASN C 70 -19.71 -29.57 0.44
N LEU C 71 -19.85 -30.21 1.60
CA LEU C 71 -18.83 -31.14 2.08
C LEU C 71 -18.93 -32.55 1.52
N ILE C 72 -20.12 -33.15 1.64
CA ILE C 72 -20.34 -34.57 1.30
C ILE C 72 -20.94 -34.78 -0.10
N GLY C 73 -21.49 -33.72 -0.66
CA GLY C 73 -22.13 -33.77 -1.97
C GLY C 73 -21.25 -33.24 -3.08
N ASP C 74 -20.64 -32.08 -2.88
CA ASP C 74 -19.75 -31.49 -3.88
C ASP C 74 -18.41 -32.23 -3.91
N THR C 75 -17.69 -32.09 -5.01
CA THR C 75 -16.35 -32.69 -5.15
C THR C 75 -15.26 -31.64 -5.09
N LYS C 76 -15.10 -30.81 -6.12
CA LYS C 76 -14.00 -29.82 -6.05
C LYS C 76 -14.11 -28.80 -4.92
N ASN C 77 -15.30 -28.36 -4.60
CA ASN C 77 -15.45 -27.34 -3.59
C ASN C 77 -15.38 -27.85 -2.16
N SER C 78 -15.27 -29.16 -1.96
CA SER C 78 -15.30 -29.70 -0.63
C SER C 78 -13.92 -29.85 -0.01
N PRO C 79 -13.71 -29.20 1.12
CA PRO C 79 -12.46 -29.44 1.81
C PRO C 79 -12.31 -30.89 2.17
N ALA C 80 -13.40 -31.54 2.48
CA ALA C 80 -13.36 -32.92 2.89
C ALA C 80 -12.90 -33.80 1.71
N TYR C 81 -13.45 -33.55 0.52
CA TYR C 81 -13.05 -34.27 -0.69
C TYR C 81 -11.57 -34.04 -0.99
N GLN C 82 -11.09 -32.80 -0.85
CA GLN C 82 -9.70 -32.57 -1.16
C GLN C 82 -8.78 -33.28 -0.17
N ALA C 83 -9.14 -33.25 1.10
CA ALA C 83 -8.37 -33.99 2.11
C ALA C 83 -8.29 -35.47 1.83
N VAL C 84 -9.39 -36.07 1.38
CA VAL C 84 -9.40 -37.50 1.07
C VAL C 84 -8.51 -37.72 -0.15
N LEU C 85 -8.72 -36.91 -1.17
CA LEU C 85 -7.89 -37.00 -2.35
C LEU C 85 -6.41 -36.77 -2.00
N LEU C 86 -6.11 -35.87 -1.07
CA LEU C 86 -4.71 -35.70 -0.66
C LEU C 86 -4.12 -36.92 0.01
N ALA C 87 -4.90 -37.51 0.93
CA ALA C 87 -4.44 -38.67 1.69
C ALA C 87 -4.05 -39.82 0.76
N ILE C 88 -4.91 -40.03 -0.24
CA ILE C 88 -4.64 -41.07 -1.21
C ILE C 88 -3.49 -40.66 -2.10
N ASN C 89 -3.54 -39.46 -2.64
CA ASN C 89 -2.46 -39.03 -3.49
C ASN C 89 -1.07 -39.15 -2.83
N ALA C 90 -0.95 -38.76 -1.55
CA ALA C 90 0.32 -38.83 -0.83
C ALA C 90 0.92 -40.22 -0.79
N ALA C 91 0.04 -41.22 -0.69
CA ALA C 91 0.42 -42.59 -0.52
C ALA C 91 0.90 -43.14 -1.83
N VAL C 92 0.13 -42.88 -2.85
CA VAL C 92 0.51 -43.28 -4.18
C VAL C 92 1.81 -42.60 -4.56
N GLY C 93 1.87 -41.28 -4.39
CA GLY C 93 3.06 -40.53 -4.69
C GLY C 93 4.29 -41.12 -4.03
N PHE C 94 4.13 -41.59 -2.80
CA PHE C 94 5.24 -42.14 -2.05
C PHE C 94 5.87 -43.30 -2.80
N TRP C 95 5.02 -44.20 -3.27
CA TRP C 95 5.52 -45.35 -4.05
C TRP C 95 6.12 -44.95 -5.39
N ASN C 96 5.50 -44.00 -6.09
CA ASN C 96 6.02 -43.57 -7.38
C ASN C 96 7.44 -43.05 -7.23
N VAL C 97 7.66 -42.27 -6.18
CA VAL C 97 9.01 -41.79 -5.87
C VAL C 97 10.06 -42.90 -5.63
N LEU C 98 9.67 -43.99 -4.98
CA LEU C 98 10.63 -44.94 -4.44
C LEU C 98 10.56 -46.36 -5.00
N GLY C 99 9.43 -46.73 -5.60
CA GLY C 99 9.24 -48.06 -6.18
C GLY C 99 10.44 -48.48 -7.01
N TYR C 100 10.93 -47.58 -7.85
CA TYR C 100 12.05 -47.92 -8.77
C TYR C 100 13.37 -48.33 -8.09
N ALA C 101 13.63 -47.76 -6.93
CA ALA C 101 14.82 -48.02 -6.21
C ALA C 101 14.64 -49.15 -5.20
N THR C 102 13.45 -49.72 -5.12
CA THR C 102 13.18 -50.72 -4.10
C THR C 102 13.54 -52.06 -4.65
N GLN C 103 14.33 -52.83 -3.91
CA GLN C 103 14.69 -54.14 -4.38
C GLN C 103 13.66 -55.16 -3.98
N CYS C 104 13.56 -56.21 -4.79
CA CYS C 104 12.50 -57.18 -4.66
C CYS C 104 12.86 -58.36 -5.53
N GLY C 105 12.51 -59.55 -5.04
CA GLY C 105 12.77 -60.77 -5.77
C GLY C 105 12.35 -62.04 -5.05
N GLY C 106 12.71 -63.16 -5.65
CA GLY C 106 12.47 -64.46 -5.08
C GLY C 106 11.28 -65.16 -5.67
N ASN C 107 10.79 -66.13 -4.90
CA ASN C 107 9.69 -67.00 -5.28
C ASN C 107 8.56 -66.93 -4.26
N ALA C 108 7.55 -67.75 -4.46
CA ALA C 108 6.36 -67.78 -3.62
C ALA C 108 6.69 -67.96 -2.15
N ASN C 109 5.82 -67.40 -1.32
CA ASN C 109 5.96 -67.47 0.13
C ASN C 109 7.29 -66.93 0.63
N GLY C 110 7.82 -65.93 -0.07
CA GLY C 110 8.99 -65.21 0.38
C GLY C 110 10.26 -66.01 0.50
N GLN C 111 10.46 -66.98 -0.40
CA GLN C 111 11.70 -67.76 -0.38
C GLN C 111 12.67 -67.11 -1.32
N GLU C 112 13.95 -67.40 -1.15
CA GLU C 112 14.93 -66.93 -2.11
C GLU C 112 14.69 -67.63 -3.45
N SER C 113 15.31 -67.13 -4.51
CA SER C 113 15.27 -67.77 -5.81
C SER C 113 16.69 -67.97 -6.32
N THR C 114 16.93 -69.05 -7.07
CA THR C 114 18.21 -69.20 -7.74
C THR C 114 18.21 -68.45 -9.08
N SER C 115 17.08 -68.40 -9.80
CA SER C 115 17.06 -67.66 -11.07
C SER C 115 15.67 -67.21 -11.54
N SER C 116 15.01 -66.42 -10.70
CA SER C 116 13.64 -65.98 -10.96
C SER C 116 13.55 -64.49 -11.30
N THR C 117 12.91 -64.19 -12.44
CA THR C 117 12.57 -62.81 -12.78
C THR C 117 11.07 -62.73 -12.93
N THR C 118 10.50 -61.79 -12.14
CA THR C 118 9.06 -61.58 -12.04
C THR C 118 8.79 -60.11 -12.35
N ILE C 119 7.90 -59.81 -13.29
CA ILE C 119 7.74 -58.40 -13.76
C ILE C 119 6.30 -57.86 -13.72
N PHE C 120 6.15 -56.64 -13.19
CA PHE C 120 4.85 -56.06 -12.90
C PHE C 120 4.59 -54.86 -13.77
N ASN C 121 3.50 -54.93 -14.54
CA ASN C 121 3.17 -53.91 -15.55
C ASN C 121 2.40 -52.78 -14.95
N ASN C 122 2.51 -51.61 -15.58
CA ASN C 122 1.91 -50.40 -15.07
C ASN C 122 2.39 -50.10 -13.63
N GLU C 123 3.70 -50.20 -13.44
CA GLU C 123 4.38 -49.76 -12.22
C GLU C 123 5.53 -48.83 -12.59
N PRO C 124 5.97 -47.98 -11.66
CA PRO C 124 6.94 -46.92 -12.00
C PRO C 124 8.41 -47.32 -11.85
N GLY C 125 8.84 -48.20 -12.75
CA GLY C 125 10.22 -48.63 -12.85
C GLY C 125 11.15 -47.62 -13.49
N TYR C 126 12.45 -47.84 -13.29
CA TYR C 126 13.49 -47.00 -13.88
C TYR C 126 13.31 -46.93 -15.39
N ARG C 127 13.06 -45.75 -15.92
CA ARG C 127 12.90 -45.61 -17.37
C ARG C 127 11.97 -46.69 -17.92
N SER C 128 10.86 -46.98 -17.24
CA SER C 128 10.03 -48.13 -17.62
C SER C 128 8.67 -48.10 -16.92
N THR C 129 7.66 -48.64 -17.60
CA THR C 129 6.31 -48.68 -16.99
C THR C 129 6.04 -50.01 -16.29
N SER C 130 7.13 -50.64 -15.86
CA SER C 130 7.12 -51.96 -15.29
C SER C 130 8.21 -52.04 -14.26
N ILE C 131 7.89 -52.66 -13.14
CA ILE C 131 8.93 -52.94 -12.15
C ILE C 131 9.36 -54.40 -12.25
N THR C 132 10.67 -54.57 -12.23
CA THR C 132 11.32 -55.82 -12.48
C THR C 132 11.89 -56.30 -11.14
N CYS C 133 11.36 -57.40 -10.63
CA CYS C 133 11.92 -58.00 -9.43
C CYS C 133 12.79 -59.19 -9.84
N SER C 134 14.09 -58.99 -9.90
CA SER C 134 14.94 -60.09 -10.33
C SER C 134 15.91 -60.60 -9.28
N LEU C 135 15.93 -59.96 -8.11
CA LEU C 135 16.93 -60.29 -7.12
C LEU C 135 16.82 -61.74 -6.74
N ASN C 136 17.97 -62.40 -6.76
CA ASN C 136 18.10 -63.79 -6.45
C ASN C 136 18.96 -64.03 -5.25
N ARG C 137 18.76 -65.21 -4.65
CA ARG C 137 19.66 -65.82 -3.62
C ARG C 137 19.49 -65.24 -2.23
N TYR C 138 19.48 -63.91 -2.19
CA TYR C 138 19.15 -63.17 -0.98
C TYR C 138 17.72 -63.52 -0.62
N LYS C 139 17.49 -63.71 0.67
CA LYS C 139 16.18 -64.05 1.18
C LYS C 139 15.35 -62.78 1.38
N PRO C 140 14.13 -62.77 0.83
CA PRO C 140 13.25 -61.64 1.06
C PRO C 140 13.05 -61.30 2.55
N GLY C 141 12.97 -60.01 2.83
CA GLY C 141 12.65 -59.51 4.14
C GLY C 141 13.14 -58.11 4.47
N TYR C 142 13.22 -57.87 5.76
CA TYR C 142 13.44 -56.56 6.32
C TYR C 142 14.87 -56.12 5.94
N TYR C 143 15.03 -54.88 5.49
CA TYR C 143 16.29 -54.42 4.95
C TYR C 143 16.81 -55.40 3.91
N GLY C 144 15.90 -56.11 3.28
CA GLY C 144 16.26 -57.08 2.25
C GLY C 144 15.39 -56.77 1.04
N PRO C 145 15.25 -57.74 0.13
CA PRO C 145 14.32 -57.56 -0.99
C PRO C 145 12.90 -57.69 -0.55
N MET C 146 12.00 -56.89 -1.11
CA MET C 146 10.58 -57.15 -0.91
C MET C 146 10.21 -58.48 -1.54
N SER C 147 9.53 -59.34 -0.78
CA SER C 147 9.00 -60.55 -1.35
C SER C 147 7.98 -60.26 -2.44
N ILE C 148 7.89 -61.19 -3.37
CA ILE C 148 6.92 -61.11 -4.43
C ILE C 148 5.50 -61.17 -3.86
N GLU C 149 5.29 -61.81 -2.71
CA GLU C 149 3.95 -61.91 -2.13
C GLU C 149 3.51 -60.53 -1.62
N ASN C 150 4.43 -59.86 -0.94
CA ASN C 150 4.20 -58.50 -0.59
C ASN C 150 4.11 -57.58 -1.84
N PHE C 151 4.88 -57.87 -2.88
CA PHE C 151 4.77 -57.03 -4.05
C PHE C 151 3.40 -57.21 -4.67
N LYS C 152 2.88 -58.44 -4.69
CA LYS C 152 1.54 -58.71 -5.22
C LYS C 152 0.49 -57.89 -4.50
N LYS C 153 0.62 -57.77 -3.18
CA LYS C 153 -0.40 -57.14 -2.33
C LYS C 153 -0.39 -55.64 -2.51
N LEU C 154 0.82 -55.09 -2.62
CA LEU C 154 1.11 -53.68 -2.94
C LEU C 154 0.64 -53.25 -4.32
N ASN C 155 0.85 -54.14 -5.29
CA ASN C 155 0.51 -53.90 -6.66
C ASN C 155 -0.98 -53.74 -6.82
N GLU C 156 -1.73 -54.70 -6.29
CA GLU C 156 -3.18 -54.65 -6.43
C GLU C 156 -3.73 -53.35 -5.82
N ALA C 157 -3.17 -52.93 -4.70
CA ALA C 157 -3.63 -51.69 -4.11
C ALA C 157 -3.27 -50.50 -4.98
N TYR C 158 -2.08 -50.51 -5.57
CA TYR C 158 -1.61 -49.40 -6.40
C TYR C 158 -2.40 -49.31 -7.68
N GLN C 159 -2.72 -50.48 -8.24
CA GLN C 159 -3.49 -50.55 -9.47
C GLN C 159 -4.87 -50.00 -9.23
N ILE C 160 -5.45 -50.34 -8.10
CA ILE C 160 -6.81 -49.92 -7.84
C ILE C 160 -6.84 -48.42 -7.71
N LEU C 161 -5.92 -47.86 -6.95
CA LEU C 161 -5.95 -46.42 -6.64
C LEU C 161 -5.67 -45.61 -7.86
N GLN C 162 -4.71 -46.06 -8.65
CA GLN C 162 -4.33 -45.33 -9.84
C GLN C 162 -5.46 -45.32 -10.89
N THR C 163 -6.12 -46.46 -11.04
CA THR C 163 -7.33 -46.57 -11.84
C THR C 163 -8.38 -45.60 -11.29
N ALA C 164 -8.72 -45.73 -10.00
CA ALA C 164 -9.64 -44.78 -9.31
C ALA C 164 -9.30 -43.28 -9.45
N LEU C 165 -8.03 -42.94 -9.22
CA LEU C 165 -7.60 -41.55 -9.38
C LEU C 165 -7.85 -41.13 -10.82
N ASN C 166 -7.58 -42.03 -11.74
CA ASN C 166 -7.79 -41.77 -13.18
C ASN C 166 -9.25 -41.55 -13.54
N LYS C 167 -10.13 -42.31 -12.94
CA LYS C 167 -11.56 -42.15 -13.18
C LYS C 167 -12.11 -40.91 -12.47
N GLY C 168 -11.37 -40.35 -11.50
CA GLY C 168 -11.90 -39.32 -10.60
C GLY C 168 -12.67 -39.92 -9.45
N LEU C 169 -12.64 -39.27 -8.29
CA LEU C 169 -13.26 -39.80 -7.11
C LEU C 169 -14.65 -39.30 -6.93
N PRO C 170 -15.55 -40.15 -6.44
CA PRO C 170 -16.92 -39.76 -6.19
C PRO C 170 -16.99 -38.84 -4.98
N ALA C 171 -18.07 -38.07 -4.86
CA ALA C 171 -18.30 -37.28 -3.65
C ALA C 171 -18.37 -38.21 -2.46
N LEU C 172 -18.11 -37.67 -1.27
CA LEU C 172 -18.04 -38.51 -0.08
C LEU C 172 -19.26 -39.35 0.17
N LYS C 173 -20.46 -38.79 -0.03
CA LYS C 173 -21.68 -39.50 0.28
C LYS C 173 -21.90 -40.70 -0.65
N GLU C 174 -21.32 -40.70 -1.85
CA GLU C 174 -21.47 -41.83 -2.77
C GLU C 174 -20.81 -43.08 -2.25
N ASN C 175 -21.42 -43.71 -1.27
CA ASN C 175 -21.01 -45.01 -0.76
C ASN C 175 -21.15 -46.20 -1.70
N ASN C 176 -22.02 -46.11 -2.71
CA ASN C 176 -22.28 -47.27 -3.58
C ASN C 176 -21.53 -47.36 -4.91
N GLY C 177 -20.97 -46.26 -5.40
CA GLY C 177 -20.24 -46.24 -6.66
C GLY C 177 -19.22 -47.36 -6.80
N THR C 178 -18.80 -47.60 -8.04
CA THR C 178 -17.84 -48.65 -8.33
C THR C 178 -17.01 -48.32 -9.55
N ILE C 179 -15.85 -48.96 -9.61
CA ILE C 179 -15.03 -48.91 -10.78
C ILE C 179 -15.40 -50.15 -11.57
N LYS C 180 -15.74 -49.97 -12.85
CA LYS C 180 -16.15 -51.08 -13.71
C LYS C 180 -15.01 -52.14 -13.88
N ASP C 181 -13.87 -51.73 -14.44
CA ASP C 181 -12.72 -52.65 -14.60
C ASP C 181 -11.39 -52.11 -13.98
N VAL C 182 -10.80 -52.88 -13.07
CA VAL C 182 -9.39 -52.70 -12.70
C VAL C 182 -8.67 -53.95 -13.23
N THR C 183 -7.80 -53.75 -14.22
CA THR C 183 -7.14 -54.86 -14.89
C THR C 183 -5.63 -54.68 -14.74
N TYR C 184 -4.92 -55.71 -14.28
CA TYR C 184 -3.45 -55.69 -14.24
C TYR C 184 -2.80 -57.05 -14.49
N SER C 185 -1.57 -57.00 -14.97
CA SER C 185 -0.87 -58.17 -15.42
C SER C 185 0.54 -58.19 -14.86
N TYR C 186 1.02 -59.37 -14.53
CA TYR C 186 2.44 -59.59 -14.28
C TYR C 186 2.93 -60.79 -15.10
N ILE C 187 4.25 -60.91 -15.26
CA ILE C 187 4.82 -62.03 -16.02
C ILE C 187 6.03 -62.63 -15.28
N CYS C 188 6.12 -63.97 -15.21
CA CYS C 188 7.24 -64.65 -14.55
C CYS C 188 8.08 -65.42 -15.57
N TYR C 189 9.39 -65.41 -15.41
CA TYR C 189 10.23 -66.22 -16.27
C TYR C 189 11.53 -66.69 -15.59
N GLY C 190 11.99 -67.87 -15.99
CA GLY C 190 13.26 -68.40 -15.50
C GLY C 190 13.16 -69.77 -14.86
N GLU C 191 14.29 -70.48 -14.81
CA GLU C 191 14.35 -71.76 -14.14
C GLU C 191 14.00 -71.53 -12.68
N GLY C 192 12.97 -72.22 -12.21
CA GLY C 192 12.62 -72.20 -10.80
C GLY C 192 11.58 -71.17 -10.42
N ASN C 193 11.33 -70.19 -11.28
CA ASN C 193 10.33 -69.20 -10.94
C ASN C 193 8.94 -69.79 -10.79
N ASN C 194 8.36 -69.65 -9.61
CA ASN C 194 7.03 -70.21 -9.33
C ASN C 194 6.02 -69.15 -8.92
N ASN C 195 6.42 -67.89 -9.01
CA ASN C 195 5.58 -66.80 -8.55
C ASN C 195 4.26 -66.66 -9.31
N CYS C 196 4.11 -67.33 -10.45
CA CYS C 196 2.77 -67.39 -11.03
C CYS C 196 2.26 -68.77 -11.32
N GLU C 197 2.51 -69.65 -10.35
CA GLU C 197 1.67 -70.80 -10.08
C GLU C 197 0.51 -70.33 -9.22
N ILE C 198 -0.73 -70.56 -9.65
CA ILE C 198 -1.91 -70.12 -8.91
C ILE C 198 -2.73 -71.29 -8.33
N LYS C 199 -2.95 -71.25 -7.01
CA LYS C 199 -3.91 -72.13 -6.28
C LYS C 199 -5.27 -71.44 -6.21
N LEU C 200 -6.34 -72.17 -5.94
CA LEU C 200 -7.71 -71.61 -6.04
C LEU C 200 -8.83 -72.45 -5.41
N ALA C 201 -9.53 -71.87 -4.42
CA ALA C 201 -10.82 -72.39 -3.95
C ALA C 201 -11.06 -73.90 -4.16
N ASP C 202 -10.11 -74.73 -3.73
CA ASP C 202 -10.20 -76.23 -3.78
C ASP C 202 -8.85 -76.94 -3.46
N GLY C 203 -7.74 -76.29 -3.82
CA GLY C 203 -6.40 -76.88 -3.67
C GLY C 203 -5.76 -77.10 -5.03
N GLN C 204 -6.58 -77.33 -6.05
CA GLN C 204 -6.11 -77.60 -7.41
C GLN C 204 -5.65 -76.34 -8.15
N LYS C 205 -4.72 -76.53 -9.09
CA LYS C 205 -4.07 -75.44 -9.82
C LYS C 205 -4.91 -74.89 -10.97
N LEU C 206 -4.48 -73.75 -11.48
CA LEU C 206 -5.11 -73.09 -12.61
C LEU C 206 -4.29 -73.45 -13.83
N GLN C 207 -4.95 -73.77 -14.93
CA GLN C 207 -4.25 -74.20 -16.14
C GLN C 207 -3.24 -73.12 -16.59
N GLN C 208 -1.94 -73.43 -16.46
CA GLN C 208 -0.86 -72.50 -16.85
C GLN C 208 -1.03 -71.91 -18.26
N ASN C 209 -1.58 -72.67 -19.19
CA ASN C 209 -1.87 -72.16 -20.54
C ASN C 209 -3.37 -72.07 -20.87
N GLY C 210 -3.88 -70.84 -20.97
CA GLY C 210 -5.26 -70.57 -21.34
C GLY C 210 -6.27 -70.74 -20.22
N GLY C 211 -5.82 -70.99 -18.99
CA GLY C 211 -6.74 -71.17 -17.85
C GLY C 211 -7.37 -69.88 -17.38
N SER C 212 -8.58 -69.96 -16.81
CA SER C 212 -9.32 -68.78 -16.35
C SER C 212 -10.35 -69.15 -15.27
N GLU C 213 -10.58 -68.23 -14.35
CA GLU C 213 -11.34 -68.52 -13.13
C GLU C 213 -12.14 -67.32 -12.65
N THR C 214 -13.08 -67.56 -11.75
CA THR C 214 -13.74 -66.48 -11.05
C THR C 214 -13.98 -66.85 -9.59
N THR C 215 -12.92 -66.66 -8.80
CA THR C 215 -13.02 -66.37 -7.36
C THR C 215 -13.99 -65.19 -7.14
N THR C 216 -14.28 -64.89 -5.88
CA THR C 216 -14.94 -63.62 -5.51
C THR C 216 -14.45 -63.20 -4.10
N GLN C 217 -13.45 -62.31 -4.07
CA GLN C 217 -12.99 -61.68 -2.81
C GLN C 217 -14.08 -60.79 -2.19
N THR C 218 -13.82 -60.18 -1.03
CA THR C 218 -14.83 -59.33 -0.35
C THR C 218 -14.25 -57.96 0.08
N ILE C 219 -14.75 -56.87 -0.53
CA ILE C 219 -14.40 -55.47 -0.10
C ILE C 219 -15.63 -54.75 0.51
N ASP C 220 -15.35 -54.02 1.60
CA ASP C 220 -16.31 -53.64 2.68
C ASP C 220 -17.82 -54.02 2.54
N GLY C 221 -18.17 -55.17 3.12
CA GLY C 221 -19.55 -55.66 3.15
C GLY C 221 -20.13 -55.99 1.79
N LYS C 222 -19.25 -56.26 0.81
CA LYS C 222 -19.63 -56.55 -0.57
C LYS C 222 -18.68 -57.57 -1.17
N THR C 223 -19.18 -58.44 -2.06
CA THR C 223 -18.34 -59.40 -2.80
C THR C 223 -18.13 -58.93 -4.27
N VAL C 224 -16.89 -59.13 -4.74
CA VAL C 224 -16.36 -58.49 -5.94
C VAL C 224 -15.67 -59.53 -6.82
N SER C 225 -16.09 -59.61 -8.09
CA SER C 225 -15.63 -60.66 -8.97
C SER C 225 -14.28 -60.36 -9.63
N THR C 226 -13.36 -61.31 -9.47
CA THR C 226 -11.99 -61.21 -9.95
C THR C 226 -11.73 -62.35 -10.93
N THR C 227 -11.36 -62.02 -12.17
CA THR C 227 -11.08 -63.02 -13.20
C THR C 227 -9.56 -63.17 -13.48
N ILE C 228 -8.93 -64.01 -12.67
CA ILE C 228 -7.53 -64.34 -12.84
C ILE C 228 -7.30 -65.30 -14.03
N SER C 229 -6.51 -64.87 -15.02
CA SER C 229 -6.26 -65.67 -16.24
C SER C 229 -4.76 -65.91 -16.45
N SER C 230 -4.38 -67.09 -16.93
CA SER C 230 -2.97 -67.41 -17.26
C SER C 230 -2.77 -67.76 -18.72
N LYS C 231 -1.53 -67.69 -19.17
CA LYS C 231 -1.23 -67.79 -20.58
C LYS C 231 0.29 -67.88 -20.74
N VAL C 232 0.75 -68.74 -21.65
CA VAL C 232 2.18 -68.95 -21.85
C VAL C 232 2.64 -68.32 -23.15
N VAL C 233 3.86 -67.81 -23.13
CA VAL C 233 4.49 -67.26 -24.30
C VAL C 233 5.89 -67.84 -24.32
N ASP C 234 6.19 -68.65 -25.34
CA ASP C 234 7.46 -69.37 -25.42
C ASP C 234 8.60 -68.55 -26.02
N SER C 235 9.85 -68.95 -25.74
CA SER C 235 11.05 -68.16 -26.05
C SER C 235 11.14 -67.68 -27.51
N THR C 236 11.45 -68.58 -28.43
CA THR C 236 11.57 -68.19 -29.84
C THR C 236 10.15 -68.01 -30.41
N ALA C 237 9.68 -66.76 -30.38
CA ALA C 237 8.28 -66.45 -30.67
C ALA C 237 8.08 -65.02 -31.18
N ALA C 238 6.98 -64.83 -31.91
CA ALA C 238 6.66 -63.59 -32.63
C ALA C 238 6.77 -62.35 -31.75
N ASP C 239 7.87 -61.61 -31.97
CA ASP C 239 8.29 -60.44 -31.17
C ASP C 239 9.05 -60.91 -29.95
N ASN C 240 8.30 -61.30 -28.90
CA ASN C 240 8.84 -61.62 -27.57
C ASN C 240 9.91 -60.65 -27.10
N THR C 241 9.52 -59.40 -26.87
CA THR C 241 10.42 -58.36 -26.34
C THR C 241 11.66 -58.97 -25.61
N TYR C 242 11.42 -59.86 -24.63
CA TYR C 242 12.50 -60.55 -23.85
C TYR C 242 13.13 -61.61 -24.75
N LYS C 243 13.70 -62.67 -24.19
CA LYS C 243 14.19 -63.77 -25.03
C LYS C 243 13.97 -65.13 -24.42
N GLN C 244 13.02 -65.21 -23.49
CA GLN C 244 12.76 -66.45 -22.75
C GLN C 244 11.27 -66.69 -22.60
N SER C 245 10.90 -67.92 -22.30
CA SER C 245 9.49 -68.25 -22.16
C SER C 245 8.98 -67.81 -20.80
N TYR C 246 7.71 -67.46 -20.75
CA TYR C 246 7.16 -66.89 -19.54
C TYR C 246 5.68 -67.11 -19.39
N THR C 247 5.25 -67.18 -18.13
CA THR C 247 3.84 -67.19 -17.78
C THR C 247 3.36 -65.77 -17.49
N GLU C 248 2.27 -65.36 -18.13
CA GLU C 248 1.66 -64.05 -17.88
C GLU C 248 0.33 -64.25 -17.15
N ILE C 249 0.14 -63.49 -16.06
CA ILE C 249 -1.04 -63.57 -15.21
C ILE C 249 -1.84 -62.29 -15.27
N THR C 250 -3.08 -62.40 -15.77
CA THR C 250 -3.97 -61.24 -15.88
C THR C 250 -5.12 -61.30 -14.87
N ASN C 251 -5.00 -60.51 -13.79
CA ASN C 251 -6.12 -60.23 -12.91
C ASN C 251 -6.93 -59.09 -13.54
N ALA C 252 -8.22 -59.37 -13.79
CA ALA C 252 -9.19 -58.37 -14.22
C ALA C 252 -10.29 -58.42 -13.16
N LEU C 253 -10.37 -57.35 -12.36
CA LEU C 253 -11.36 -57.23 -11.28
C LEU C 253 -12.54 -56.44 -11.82
N LYS C 254 -13.74 -56.86 -11.48
CA LYS C 254 -14.92 -56.16 -11.96
C LYS C 254 -15.73 -55.64 -10.80
N ASP C 255 -16.29 -54.44 -11.00
CA ASP C 255 -17.16 -53.72 -10.04
C ASP C 255 -16.52 -53.54 -8.65
N VAL C 256 -15.37 -52.88 -8.66
CA VAL C 256 -14.63 -52.57 -7.46
C VAL C 256 -15.16 -51.26 -6.90
N PRO C 257 -15.41 -51.19 -5.59
CA PRO C 257 -15.99 -49.99 -4.96
C PRO C 257 -15.04 -48.82 -4.90
N ASP C 258 -15.53 -47.61 -5.17
CA ASP C 258 -14.67 -46.41 -5.21
C ASP C 258 -15.02 -45.36 -4.13
N SER C 259 -15.73 -45.77 -3.10
CA SER C 259 -16.06 -44.90 -2.03
C SER C 259 -14.79 -44.48 -1.33
N ALA C 260 -14.86 -43.32 -0.74
CA ALA C 260 -13.72 -42.81 -0.02
C ALA C 260 -13.20 -43.90 0.91
N GLN C 261 -14.09 -44.60 1.61
CA GLN C 261 -13.64 -45.47 2.68
C GLN C 261 -12.86 -46.62 2.13
N ALA C 262 -13.33 -47.11 0.99
CA ALA C 262 -12.72 -48.28 0.34
C ALA C 262 -11.39 -47.87 -0.22
N LEU C 263 -11.36 -46.71 -0.86
CA LEU C 263 -10.10 -46.25 -1.40
C LEU C 263 -9.07 -46.01 -0.30
N LEU C 264 -9.51 -45.44 0.82
CA LEU C 264 -8.58 -45.18 1.90
C LEU C 264 -7.99 -46.47 2.48
N ALA C 265 -8.75 -47.56 2.48
CA ALA C 265 -8.25 -48.87 2.97
C ALA C 265 -7.18 -49.41 2.07
N GLN C 266 -7.34 -49.16 0.77
CA GLN C 266 -6.36 -49.58 -0.22
C GLN C 266 -5.08 -48.80 -0.02
N ALA C 267 -5.18 -47.49 0.11
CA ALA C 267 -4.02 -46.65 0.41
C ALA C 267 -3.32 -47.12 1.68
N SER C 268 -4.11 -47.48 2.70
CA SER C 268 -3.54 -48.04 3.93
C SER C 268 -2.71 -49.31 3.65
N THR C 269 -3.25 -50.16 2.79
CA THR C 269 -2.57 -51.38 2.43
C THR C 269 -1.27 -51.04 1.75
N LEU C 270 -1.35 -50.13 0.79
CA LEU C 270 -0.17 -49.72 0.06
C LEU C 270 0.93 -49.28 1.01
N ILE C 271 0.61 -48.38 1.94
CA ILE C 271 1.66 -47.77 2.73
C ILE C 271 2.06 -48.71 3.85
N ASN C 272 1.11 -49.31 4.56
CA ASN C 272 1.46 -50.28 5.62
C ASN C 272 2.19 -51.54 5.10
N THR C 273 1.99 -51.89 3.82
CA THR C 273 2.72 -52.98 3.22
C THR C 273 4.20 -52.59 3.02
N ILE C 274 4.41 -51.45 2.39
CA ILE C 274 5.73 -50.90 2.22
C ILE C 274 6.40 -50.81 3.58
N ASN C 275 5.68 -50.32 4.57
CA ASN C 275 6.27 -50.07 5.88
C ASN C 275 6.63 -51.35 6.59
N THR C 276 5.78 -52.35 6.43
CA THR C 276 5.92 -53.60 7.16
C THR C 276 6.95 -54.49 6.46
N ALA C 277 6.85 -54.62 5.14
CA ALA C 277 7.89 -55.30 4.38
C ALA C 277 9.32 -54.69 4.57
N CYS C 278 9.35 -53.39 4.76
CA CYS C 278 10.59 -52.62 4.97
C CYS C 278 11.78 -53.08 4.13
N PRO C 279 11.65 -53.04 2.81
CA PRO C 279 12.76 -53.48 1.98
C PRO C 279 13.82 -52.44 1.79
N TYR C 280 15.00 -52.91 1.38
CA TYR C 280 16.14 -52.08 1.07
C TYR C 280 15.87 -51.40 -0.25
N PHE C 281 16.49 -50.24 -0.43
CA PHE C 281 16.39 -49.46 -1.65
C PHE C 281 17.65 -48.66 -1.77
N SER C 282 17.89 -48.16 -2.97
CA SER C 282 19.15 -47.53 -3.33
C SER C 282 18.93 -46.66 -4.56
N VAL C 283 19.04 -45.35 -4.39
CA VAL C 283 18.74 -44.45 -5.51
C VAL C 283 19.99 -44.00 -6.23
N THR C 284 19.79 -43.80 -7.53
CA THR C 284 20.81 -43.27 -8.43
C THR C 284 20.71 -41.74 -8.40
N ASN C 285 21.69 -41.07 -7.81
CA ASN C 285 21.58 -39.62 -7.58
C ASN C 285 22.25 -38.74 -8.68
N LYS C 286 21.44 -37.88 -9.27
CA LYS C 286 21.86 -36.99 -10.40
C LYS C 286 22.90 -35.92 -10.03
N SER C 287 23.39 -35.22 -11.05
CA SER C 287 24.03 -33.92 -10.89
C SER C 287 22.93 -32.87 -11.03
N GLY C 288 22.85 -31.95 -10.09
CA GLY C 288 21.94 -30.80 -10.22
C GLY C 288 20.59 -30.92 -9.54
N GLY C 289 19.78 -31.89 -9.97
CA GLY C 289 18.40 -32.04 -9.47
C GLY C 289 18.29 -32.20 -7.97
N PRO C 290 17.06 -32.39 -7.45
CA PRO C 290 16.91 -32.67 -6.01
C PRO C 290 17.62 -33.98 -5.62
N GLN C 291 18.26 -33.99 -4.44
CA GLN C 291 19.09 -35.13 -3.97
C GLN C 291 18.40 -35.87 -2.84
N MET C 292 18.18 -37.17 -3.01
CA MET C 292 17.53 -37.98 -1.97
C MET C 292 18.44 -38.25 -0.77
N GLU C 293 17.90 -37.98 0.42
CA GLU C 293 18.57 -38.26 1.70
C GLU C 293 17.64 -39.15 2.55
N PRO C 294 18.13 -40.32 2.98
CA PRO C 294 19.42 -40.88 2.58
C PRO C 294 19.38 -41.48 1.15
N THR C 295 20.55 -41.61 0.52
CA THR C 295 20.64 -42.21 -0.82
C THR C 295 20.33 -43.71 -0.86
N ARG C 296 20.22 -44.35 0.31
CA ARG C 296 20.39 -45.79 0.46
C ARG C 296 19.86 -46.18 1.86
N GLY C 297 19.33 -47.37 2.01
CA GLY C 297 18.81 -47.80 3.31
C GLY C 297 17.52 -48.58 3.16
N LYS C 298 16.64 -48.42 4.14
CA LYS C 298 15.42 -49.23 4.23
C LYS C 298 14.20 -48.35 4.18
N LEU C 299 13.15 -48.84 3.54
CA LEU C 299 12.04 -47.97 3.23
C LEU C 299 11.36 -47.47 4.48
N CYS C 300 11.31 -48.31 5.50
CA CYS C 300 10.59 -47.94 6.72
C CYS C 300 11.40 -46.92 7.54
N GLY C 301 12.62 -46.59 7.09
CA GLY C 301 13.44 -45.55 7.72
C GLY C 301 12.96 -44.15 7.39
N PHE C 302 12.06 -44.04 6.39
CA PHE C 302 11.31 -42.82 6.14
C PHE C 302 10.17 -42.68 7.15
N THR C 303 10.56 -42.60 8.40
CA THR C 303 9.60 -42.78 9.45
C THR C 303 8.69 -41.58 9.43
N GLU C 304 9.25 -40.40 9.16
CA GLU C 304 8.48 -39.15 9.20
C GLU C 304 7.41 -39.13 8.13
N GLU C 305 7.84 -39.37 6.91
CA GLU C 305 7.00 -39.39 5.73
C GLU C 305 5.94 -40.43 5.92
N ILE C 306 6.36 -41.66 6.17
CA ILE C 306 5.39 -42.73 6.40
C ILE C 306 4.41 -42.39 7.54
N SER C 307 4.92 -41.89 8.67
CA SER C 307 3.99 -41.50 9.72
C SER C 307 2.95 -40.49 9.25
N ALA C 308 3.42 -39.46 8.57
CA ALA C 308 2.56 -38.42 8.05
C ALA C 308 1.48 -39.06 7.20
N ILE C 309 1.89 -39.97 6.31
CA ILE C 309 0.95 -40.56 5.39
C ILE C 309 -0.08 -41.44 6.11
N GLN C 310 0.35 -42.19 7.10
CA GLN C 310 -0.58 -42.99 7.93
C GLN C 310 -1.51 -42.08 8.71
N LYS C 311 -0.98 -40.94 9.14
CA LYS C 311 -1.77 -39.98 9.90
C LYS C 311 -2.83 -39.40 9.02
N MET C 312 -2.48 -39.09 7.77
CA MET C 312 -3.43 -38.51 6.84
C MET C 312 -4.57 -39.48 6.53
N ILE C 313 -4.23 -40.76 6.38
CA ILE C 313 -5.23 -41.76 6.07
C ILE C 313 -6.20 -41.95 7.24
N THR C 314 -5.63 -42.07 8.43
CA THR C 314 -6.39 -42.16 9.66
C THR C 314 -7.31 -40.92 9.89
N ASP C 315 -6.78 -39.73 9.69
CA ASP C 315 -7.56 -38.52 9.80
C ASP C 315 -8.70 -38.50 8.77
N ALA C 316 -8.43 -38.96 7.56
CA ALA C 316 -9.43 -38.99 6.47
C ALA C 316 -10.50 -40.02 6.76
N GLN C 317 -10.09 -41.17 7.26
CA GLN C 317 -11.02 -42.21 7.61
C GLN C 317 -11.96 -41.69 8.66
N GLU C 318 -11.41 -41.01 9.65
CA GLU C 318 -12.20 -40.48 10.74
C GLU C 318 -13.10 -39.37 10.20
N LEU C 319 -12.57 -38.55 9.32
CA LEU C 319 -13.33 -37.51 8.63
C LEU C 319 -14.50 -38.11 7.86
N VAL C 320 -14.29 -39.22 7.15
CA VAL C 320 -15.39 -39.79 6.38
C VAL C 320 -16.51 -40.33 7.26
N ASN C 321 -16.16 -41.01 8.34
CA ASN C 321 -17.16 -41.37 9.33
C ASN C 321 -18.12 -40.28 9.72
N GLN C 322 -17.72 -39.03 9.71
CA GLN C 322 -18.67 -37.97 10.06
C GLN C 322 -19.86 -37.96 9.11
N THR C 323 -19.64 -38.39 7.88
CA THR C 323 -20.71 -38.47 6.90
C THR C 323 -21.96 -39.17 7.46
N SER C 324 -21.79 -40.31 8.13
CA SER C 324 -22.97 -40.96 8.65
C SER C 324 -23.62 -40.13 9.77
N VAL C 325 -22.84 -39.42 10.58
CA VAL C 325 -23.45 -38.60 11.64
C VAL C 325 -24.32 -37.54 10.98
N ILE C 326 -23.84 -36.99 9.88
CA ILE C 326 -24.58 -35.96 9.18
C ILE C 326 -25.89 -36.53 8.57
N ASN C 327 -25.76 -37.60 7.79
CA ASN C 327 -26.92 -38.21 7.18
C ASN C 327 -28.00 -38.53 8.23
N GLU C 328 -27.56 -39.14 9.33
CA GLU C 328 -28.41 -39.57 10.44
C GLU C 328 -29.26 -38.44 11.05
N HIS C 329 -28.74 -37.22 11.06
CA HIS C 329 -29.43 -36.11 11.68
C HIS C 329 -29.69 -35.07 10.63
N GLU C 330 -30.59 -35.39 9.72
CA GLU C 330 -31.10 -34.42 8.78
C GLU C 330 -31.66 -33.27 9.57
N GLN C 331 -31.58 -32.10 8.95
CA GLN C 331 -32.15 -30.86 9.42
C GLN C 331 -33.23 -30.28 8.48
N SER C 332 -33.82 -31.07 7.61
CA SER C 332 -34.76 -30.49 6.66
C SER C 332 -36.15 -30.17 7.29
N THR C 333 -36.58 -30.92 8.32
CA THR C 333 -37.90 -30.68 8.93
C THR C 333 -37.95 -29.36 9.68
N PRO C 334 -38.90 -28.43 9.34
CA PRO C 334 -39.01 -27.17 10.10
C PRO C 334 -39.42 -27.34 11.57
N VAL C 335 -39.21 -26.28 12.34
CA VAL C 335 -39.47 -26.25 13.76
C VAL C 335 -40.31 -25.03 14.12
N GLY C 336 -41.01 -25.15 15.24
CA GLY C 336 -41.96 -24.14 15.68
C GLY C 336 -42.50 -24.50 17.05
N GLY C 337 -43.45 -23.70 17.53
CA GLY C 337 -44.16 -24.04 18.74
C GLY C 337 -45.08 -25.21 18.46
N ASN C 338 -45.95 -25.51 19.41
CA ASN C 338 -46.99 -26.45 19.15
C ASN C 338 -48.22 -26.20 20.00
N ASN C 339 -49.34 -26.83 19.62
CA ASN C 339 -50.64 -26.66 20.26
C ASN C 339 -51.04 -25.20 20.07
N GLY C 340 -50.69 -24.64 18.93
CA GLY C 340 -51.01 -23.25 18.62
C GLY C 340 -50.14 -22.16 19.24
N LYS C 341 -49.24 -22.49 20.16
CA LYS C 341 -48.55 -21.43 20.93
C LYS C 341 -47.19 -21.03 20.33
N PRO C 342 -46.67 -19.81 20.65
CA PRO C 342 -45.30 -19.47 20.25
C PRO C 342 -44.24 -20.43 20.73
N PHE C 343 -43.14 -20.44 20.00
CA PHE C 343 -42.05 -21.32 20.27
C PHE C 343 -41.52 -21.15 21.65
N ASN C 344 -41.47 -22.24 22.38
CA ASN C 344 -40.90 -22.22 23.70
C ASN C 344 -39.56 -22.98 23.74
N PRO C 345 -38.45 -22.27 23.88
CA PRO C 345 -37.11 -22.85 23.81
C PRO C 345 -36.78 -23.87 24.91
N PHE C 346 -37.54 -23.81 26.00
CA PHE C 346 -37.36 -24.72 27.09
C PHE C 346 -38.08 -26.04 26.90
N THR C 347 -39.03 -26.10 25.98
CA THR C 347 -39.88 -27.30 25.80
C THR C 347 -40.05 -27.81 24.38
N ASP C 348 -39.91 -26.96 23.38
CA ASP C 348 -40.21 -27.36 22.00
C ASP C 348 -38.95 -27.71 21.22
N ALA C 349 -37.85 -28.03 21.93
CA ALA C 349 -36.56 -28.09 21.27
C ALA C 349 -35.81 -29.42 21.39
N SER C 350 -36.51 -30.52 21.23
CA SER C 350 -35.87 -31.83 21.21
C SER C 350 -35.16 -32.09 19.89
N PHE C 351 -35.45 -31.32 18.86
CA PHE C 351 -34.60 -31.35 17.65
C PHE C 351 -33.13 -30.91 17.96
N ALA C 352 -32.86 -30.20 19.07
CA ALA C 352 -31.57 -29.61 19.26
C ALA C 352 -30.41 -30.59 19.37
N GLN C 353 -30.57 -31.72 20.05
CA GLN C 353 -29.46 -32.67 20.16
C GLN C 353 -28.96 -33.09 18.75
N GLY C 354 -29.87 -33.34 17.84
CA GLY C 354 -29.49 -33.69 16.46
C GLY C 354 -28.89 -32.55 15.70
N MET C 355 -29.39 -31.36 15.91
CA MET C 355 -28.87 -30.19 15.23
C MET C 355 -27.40 -30.02 15.64
N LEU C 356 -27.16 -30.12 16.95
CA LEU C 356 -25.81 -30.13 17.49
C LEU C 356 -24.95 -31.23 16.95
N ALA C 357 -25.47 -32.44 16.86
CA ALA C 357 -24.60 -33.53 16.44
C ALA C 357 -24.11 -33.24 15.02
N ASN C 358 -25.06 -32.78 14.22
CA ASN C 358 -24.81 -32.53 12.83
C ASN C 358 -23.83 -31.35 12.67
N ALA C 359 -24.11 -30.25 13.35
CA ALA C 359 -23.20 -29.09 13.31
C ALA C 359 -21.78 -29.49 13.71
N SER C 360 -21.68 -30.25 14.80
CA SER C 360 -20.38 -30.66 15.33
C SER C 360 -19.65 -31.55 14.38
N ALA C 361 -20.37 -32.47 13.75
CA ALA C 361 -19.74 -33.38 12.83
C ALA C 361 -19.20 -32.61 11.65
N GLN C 362 -19.95 -31.63 11.18
CA GLN C 362 -19.50 -30.87 10.04
C GLN C 362 -18.20 -30.13 10.41
N ALA C 363 -18.16 -29.53 11.60
CA ALA C 363 -17.00 -28.83 12.09
C ALA C 363 -15.86 -29.79 12.21
N LYS C 364 -16.15 -31.00 12.66
CA LYS C 364 -15.11 -32.01 12.78
C LYS C 364 -14.59 -32.39 11.40
N MET C 365 -15.45 -32.54 10.39
CA MET C 365 -14.97 -32.77 9.01
C MET C 365 -13.99 -31.70 8.58
N LEU C 366 -14.40 -30.46 8.81
CA LEU C 366 -13.64 -29.33 8.39
C LEU C 366 -12.31 -29.28 9.09
N ASN C 367 -12.27 -29.53 10.39
CA ASN C 367 -10.98 -29.52 11.10
C ASN C 367 -10.06 -30.66 10.71
N LEU C 368 -10.63 -31.83 10.46
CA LEU C 368 -9.80 -32.94 10.09
C LEU C 368 -9.23 -32.72 8.71
N ALA C 369 -10.01 -32.07 7.84
CA ALA C 369 -9.57 -31.88 6.47
C ALA C 369 -8.40 -30.92 6.47
N HIS C 370 -8.53 -29.84 7.23
CA HIS C 370 -7.42 -28.97 7.47
C HIS C 370 -6.20 -29.70 7.95
N GLN C 371 -6.41 -30.58 8.94
CA GLN C 371 -5.31 -31.28 9.62
C GLN C 371 -4.57 -32.16 8.63
N VAL C 372 -5.31 -32.70 7.67
CA VAL C 372 -4.71 -33.51 6.66
C VAL C 372 -3.70 -32.70 5.89
N GLY C 373 -4.13 -31.57 5.35
CA GLY C 373 -3.24 -30.69 4.63
C GLY C 373 -2.02 -30.36 5.45
N GLN C 374 -2.18 -29.98 6.71
CA GLN C 374 -1.03 -29.55 7.51
C GLN C 374 -0.05 -30.67 7.81
N THR C 375 -0.48 -31.90 7.77
CA THR C 375 0.41 -32.99 8.04
C THR C 375 1.47 -33.10 6.98
N ILE C 376 1.16 -32.65 5.78
CA ILE C 376 2.04 -32.88 4.62
C ILE C 376 2.52 -31.58 3.92
N ASN C 377 1.95 -30.45 4.31
CA ASN C 377 2.21 -29.23 3.61
C ASN C 377 3.61 -28.73 3.91
N PRO C 378 4.44 -28.61 2.88
CA PRO C 378 5.84 -28.29 3.08
C PRO C 378 6.11 -26.98 3.77
N ASP C 379 5.22 -25.99 3.73
CA ASP C 379 5.46 -24.72 4.45
C ASP C 379 5.75 -24.90 5.96
N ASN C 380 5.45 -26.05 6.54
CA ASN C 380 5.61 -26.25 7.97
C ASN C 380 6.56 -27.35 8.28
N LEU C 381 7.16 -27.91 7.24
CA LEU C 381 8.08 -29.03 7.36
C LEU C 381 9.53 -28.56 7.38
N THR C 382 10.44 -29.52 7.41
CA THR C 382 11.74 -29.30 8.00
C THR C 382 12.71 -30.33 7.47
N GLY C 383 13.98 -29.93 7.37
CA GLY C 383 15.06 -30.84 7.01
C GLY C 383 14.69 -31.79 5.89
N THR C 384 15.08 -33.05 6.07
CA THR C 384 14.90 -34.06 5.03
C THR C 384 13.45 -34.36 4.68
N PHE C 385 12.54 -34.19 5.63
CA PHE C 385 11.11 -34.38 5.33
C PHE C 385 10.59 -33.33 4.33
N LYS C 386 10.88 -32.06 4.58
CA LYS C 386 10.56 -31.01 3.63
C LYS C 386 11.28 -31.22 2.28
N ASN C 387 12.56 -31.54 2.32
CA ASN C 387 13.26 -31.88 1.09
C ASN C 387 12.56 -32.99 0.32
N PHE C 388 12.11 -33.99 1.06
CA PHE C 388 11.36 -35.09 0.41
C PHE C 388 10.08 -34.60 -0.30
N VAL C 389 9.28 -33.81 0.40
CA VAL C 389 8.07 -33.30 -0.19
C VAL C 389 8.39 -32.38 -1.36
N THR C 390 9.22 -31.36 -1.15
CA THR C 390 9.48 -30.38 -2.21
C THR C 390 10.22 -31.02 -3.38
N GLY C 391 11.27 -31.79 -3.09
CA GLY C 391 12.10 -32.35 -4.16
C GLY C 391 11.50 -33.50 -4.99
N PHE C 392 10.63 -34.32 -4.39
CA PHE C 392 10.16 -35.51 -5.07
C PHE C 392 8.66 -35.79 -5.04
N LEU C 393 8.07 -35.80 -3.86
CA LEU C 393 6.68 -36.20 -3.74
C LEU C 393 5.78 -35.18 -4.41
N ALA C 394 6.15 -33.92 -4.32
CA ALA C 394 5.27 -32.89 -4.76
C ALA C 394 5.61 -32.47 -6.18
N THR C 395 6.13 -33.42 -6.97
CA THR C 395 6.55 -33.15 -8.36
C THR C 395 6.08 -34.26 -9.30
N CYS C 396 6.09 -33.99 -10.58
CA CYS C 396 5.90 -35.04 -11.56
C CYS C 396 6.93 -34.90 -12.67
N ASN C 397 7.46 -36.00 -13.15
CA ASN C 397 8.40 -35.94 -14.25
C ASN C 397 7.75 -36.38 -15.57
N ASN C 398 6.49 -36.82 -15.50
CA ASN C 398 5.80 -37.19 -16.72
C ASN C 398 5.80 -36.04 -17.71
N LYS C 399 5.82 -36.35 -18.99
CA LYS C 399 5.47 -35.36 -19.99
C LYS C 399 3.96 -35.19 -20.07
N GLY C 409 -0.49 -31.29 -17.18
CA GLY C 409 -1.71 -32.04 -16.94
C GLY C 409 -1.75 -33.37 -17.68
N SER C 410 -0.93 -34.34 -17.26
CA SER C 410 -1.13 -35.78 -17.60
C SER C 410 -2.18 -36.37 -16.64
N PRO C 411 -3.21 -37.08 -17.17
CA PRO C 411 -4.29 -37.59 -16.31
C PRO C 411 -3.80 -38.17 -14.99
N PRO C 412 -4.52 -37.90 -13.89
CA PRO C 412 -4.20 -38.61 -12.64
C PRO C 412 -4.28 -40.12 -12.88
N GLY C 413 -3.30 -40.91 -12.45
CA GLY C 413 -3.28 -42.36 -12.73
C GLY C 413 -2.32 -42.78 -13.83
N THR C 414 -1.71 -41.81 -14.47
CA THR C 414 -0.83 -42.03 -15.60
C THR C 414 0.53 -42.48 -15.08
N VAL C 415 0.91 -43.73 -15.36
CA VAL C 415 2.28 -44.22 -15.15
C VAL C 415 3.03 -44.10 -16.47
N THR C 416 4.21 -43.49 -16.48
CA THR C 416 5.03 -43.52 -17.70
C THR C 416 6.43 -43.95 -17.37
N THR C 417 7.33 -43.85 -18.36
CA THR C 417 8.74 -44.17 -18.16
C THR C 417 9.46 -43.01 -17.44
N GLN C 418 8.78 -41.86 -17.33
CA GLN C 418 9.28 -40.72 -16.57
C GLN C 418 8.80 -40.74 -15.13
N THR C 419 7.77 -41.53 -14.82
CA THR C 419 7.10 -41.43 -13.52
C THR C 419 8.05 -41.67 -12.35
N PHE C 420 8.85 -42.73 -12.43
CA PHE C 420 9.73 -43.06 -11.31
C PHE C 420 10.42 -41.84 -10.74
N ALA C 421 10.59 -41.82 -9.42
CA ALA C 421 11.43 -40.80 -8.73
C ALA C 421 10.70 -39.48 -8.55
N SER C 422 9.46 -39.40 -9.00
CA SER C 422 8.66 -38.23 -8.75
C SER C 422 7.31 -38.72 -8.22
N GLY C 423 6.56 -37.85 -7.57
CA GLY C 423 5.28 -38.17 -6.99
C GLY C 423 4.25 -38.50 -8.05
N CYS C 424 4.10 -37.61 -9.04
CA CYS C 424 3.07 -37.81 -10.07
C CYS C 424 1.73 -38.23 -9.50
N ALA C 425 1.26 -37.46 -8.53
CA ALA C 425 -0.04 -37.67 -7.96
C ALA C 425 -0.63 -36.34 -7.57
N TYR C 426 -0.26 -35.26 -8.26
CA TYR C 426 -0.90 -33.97 -8.03
C TYR C 426 -0.99 -33.62 -6.55
N VAL C 427 0.10 -33.88 -5.84
CA VAL C 427 0.17 -33.58 -4.41
C VAL C 427 0.16 -32.07 -4.12
N GLU C 428 0.82 -31.30 -4.97
CA GLU C 428 0.93 -29.87 -4.75
C GLU C 428 -0.36 -29.21 -5.20
N GLN C 429 -0.91 -29.70 -6.30
CA GLN C 429 -2.18 -29.20 -6.81
C GLN C 429 -3.29 -29.47 -5.82
N THR C 430 -3.26 -30.65 -5.20
CA THR C 430 -4.31 -31.03 -4.26
C THR C 430 -4.20 -30.23 -2.98
N ILE C 431 -2.98 -29.96 -2.52
CA ILE C 431 -2.81 -29.10 -1.36
C ILE C 431 -3.34 -27.72 -1.68
N THR C 432 -2.91 -27.19 -2.82
CA THR C 432 -3.44 -25.93 -3.22
C THR C 432 -4.97 -25.91 -3.27
N ASN C 433 -5.61 -26.97 -3.78
CA ASN C 433 -7.08 -26.96 -3.90
C ASN C 433 -7.78 -27.13 -2.57
N LEU C 434 -7.13 -27.83 -1.65
CA LEU C 434 -7.62 -27.90 -0.28
C LEU C 434 -7.68 -26.50 0.30
N ASN C 435 -6.62 -25.72 0.07
CA ASN C 435 -6.53 -24.38 0.59
C ASN C 435 -7.61 -23.50 -0.02
N ASN C 436 -7.76 -23.56 -1.33
CA ASN C 436 -8.72 -22.73 -2.03
C ASN C 436 -10.11 -23.09 -1.57
N SER C 437 -10.39 -24.38 -1.46
CA SER C 437 -11.69 -24.82 -1.02
C SER C 437 -11.98 -24.34 0.41
N ILE C 438 -11.01 -24.46 1.30
CA ILE C 438 -11.21 -23.96 2.64
C ILE C 438 -11.40 -22.44 2.70
N ALA C 439 -10.65 -21.71 1.90
CA ALA C 439 -10.85 -20.28 1.77
C ALA C 439 -12.26 -19.91 1.30
N HIS C 440 -12.79 -20.72 0.38
CA HIS C 440 -14.18 -20.59 -0.12
C HIS C 440 -15.25 -21.22 0.80
N PHE C 441 -14.84 -21.70 1.98
CA PHE C 441 -15.77 -22.17 2.99
C PHE C 441 -15.93 -21.17 4.11
N GLY C 442 -15.31 -20.00 4.00
CA GLY C 442 -15.44 -18.98 5.06
C GLY C 442 -16.81 -18.83 5.69
N THR C 443 -17.83 -18.50 4.91
CA THR C 443 -19.20 -18.26 5.41
C THR C 443 -19.78 -19.52 6.03
N GLN C 444 -19.53 -20.64 5.39
CA GLN C 444 -20.11 -21.90 5.83
C GLN C 444 -19.63 -22.29 7.21
N GLU C 445 -18.34 -22.06 7.42
CA GLU C 445 -17.72 -22.29 8.70
C GLU C 445 -18.40 -21.48 9.77
N GLN C 446 -18.64 -20.20 9.52
CA GLN C 446 -19.34 -19.38 10.53
C GLN C 446 -20.74 -19.89 10.74
N GLN C 447 -21.40 -20.30 9.68
CA GLN C 447 -22.77 -20.77 9.80
C GLN C 447 -22.91 -22.00 10.66
N ILE C 448 -22.02 -22.96 10.40
CA ILE C 448 -21.92 -24.18 11.21
C ILE C 448 -21.62 -23.83 12.66
N GLN C 449 -20.73 -22.90 12.91
CA GLN C 449 -20.47 -22.50 14.31
C GLN C 449 -21.68 -21.90 14.98
N GLN C 450 -22.36 -21.02 14.27
CA GLN C 450 -23.57 -20.44 14.80
C GLN C 450 -24.64 -21.50 14.99
N ALA C 451 -24.77 -22.42 14.06
CA ALA C 451 -25.79 -23.47 14.25
C ALA C 451 -25.41 -24.30 15.46
N GLU C 452 -24.14 -24.65 15.57
CA GLU C 452 -23.66 -25.33 16.75
C GLU C 452 -23.97 -24.55 18.00
N ASN C 453 -23.74 -23.26 18.02
CA ASN C 453 -24.00 -22.51 19.26
C ASN C 453 -25.50 -22.40 19.61
N ILE C 454 -26.31 -22.31 18.57
CA ILE C 454 -27.73 -22.24 18.76
C ILE C 454 -28.27 -23.56 19.32
N ALA C 455 -27.89 -24.68 18.72
CA ALA C 455 -28.30 -25.98 19.24
C ALA C 455 -27.86 -26.10 20.69
N ASP C 456 -26.59 -25.78 20.92
CA ASP C 456 -26.01 -25.91 22.22
C ASP C 456 -26.87 -25.13 23.20
N THR C 457 -27.36 -23.99 22.78
CA THR C 457 -28.07 -23.14 23.72
C THR C 457 -29.38 -23.84 24.09
N LEU C 458 -30.05 -24.39 23.07
CA LEU C 458 -31.31 -25.08 23.23
C LEU C 458 -31.14 -26.38 23.95
N VAL C 459 -30.12 -27.16 23.67
CA VAL C 459 -29.89 -28.28 24.54
C VAL C 459 -29.85 -27.89 26.02
N ASN C 460 -29.03 -26.91 26.33
CA ASN C 460 -28.95 -26.36 27.67
C ASN C 460 -30.26 -26.01 28.27
N PHE C 461 -31.08 -25.27 27.53
CA PHE C 461 -32.38 -24.86 28.02
C PHE C 461 -33.30 -26.05 28.26
N GLY C 462 -33.18 -27.02 27.34
CA GLY C 462 -34.05 -28.17 27.25
C GLY C 462 -33.72 -29.14 28.34
N SER C 463 -32.51 -29.08 28.88
CA SER C 463 -32.15 -29.93 30.02
C SER C 463 -33.02 -29.46 31.19
N HIS C 464 -32.72 -29.89 32.41
CA HIS C 464 -33.43 -29.40 33.63
C HIS C 464 -34.62 -30.30 34.00
N ASN D 30 25.42 10.66 59.24
CA ASN D 30 24.12 10.01 59.62
C ASN D 30 22.94 11.02 59.67
N TYR D 31 22.11 11.06 58.62
CA TYR D 31 21.01 12.05 58.47
C TYR D 31 19.71 11.51 59.03
N GLU D 32 19.04 12.33 59.83
CA GLU D 32 17.87 11.89 60.59
C GLU D 32 16.75 11.46 59.63
N ASN D 33 16.29 12.40 58.82
CA ASN D 33 15.15 12.17 57.95
C ASN D 33 15.52 12.21 56.48
N LEU D 34 14.53 12.36 55.61
CA LEU D 34 14.73 12.25 54.18
C LEU D 34 14.82 13.59 53.48
N SER D 35 14.12 14.62 53.96
CA SER D 35 14.18 15.93 53.32
C SER D 35 15.62 16.45 53.38
N LYS D 36 16.25 16.25 54.53
CA LYS D 36 17.60 16.72 54.72
C LYS D 36 18.60 15.88 53.88
N LEU D 37 18.15 14.74 53.42
CA LEU D 37 18.95 13.89 52.57
C LEU D 37 18.82 14.20 51.08
N LEU D 38 17.60 14.51 50.66
CA LEU D 38 17.32 14.81 49.25
C LEU D 38 17.70 16.24 48.91
N THR D 39 17.87 17.05 49.95
CA THR D 39 18.54 18.33 49.81
C THR D 39 19.97 18.10 49.34
N ARG D 40 20.71 17.27 50.08
CA ARG D 40 22.12 17.01 49.74
C ARG D 40 22.33 16.27 48.41
N TYR D 41 21.56 15.22 48.19
CA TYR D 41 21.71 14.41 46.99
C TYR D 41 20.53 14.60 46.04
N SER D 42 20.49 15.76 45.39
CA SER D 42 19.37 16.19 44.55
C SER D 42 19.01 15.24 43.42
N THR D 43 19.98 14.53 42.85
CA THR D 43 19.66 13.61 41.77
C THR D 43 18.73 12.48 42.24
N LEU D 44 18.80 12.15 43.52
CA LEU D 44 18.02 11.12 44.15
C LEU D 44 16.57 11.55 44.30
N ASN D 45 16.38 12.84 44.57
CA ASN D 45 15.04 13.42 44.52
C ASN D 45 14.40 13.31 43.13
N THR D 46 15.22 13.42 42.11
CA THR D 46 14.76 13.22 40.76
C THR D 46 14.41 11.77 40.53
N LEU D 47 15.27 10.90 41.02
CA LEU D 47 15.10 9.46 40.81
C LEU D 47 13.76 9.00 41.38
N ILE D 48 13.45 9.53 42.55
CA ILE D 48 12.23 9.18 43.23
C ILE D 48 10.98 9.74 42.54
N LYS D 49 11.03 10.98 42.05
CA LYS D 49 9.92 11.55 41.28
C LYS D 49 9.58 10.64 40.12
N LEU D 50 10.62 10.22 39.41
CA LEU D 50 10.48 9.32 38.25
C LEU D 50 9.97 7.91 38.54
N SER D 51 10.43 7.33 39.63
CA SER D 51 10.10 5.99 40.01
C SER D 51 8.67 5.87 40.49
N ALA D 52 8.02 7.01 40.70
CA ALA D 52 6.60 7.03 41.02
C ALA D 52 5.80 7.55 39.86
N ASP D 53 6.40 7.65 38.68
CA ASP D 53 5.72 8.17 37.48
C ASP D 53 5.68 7.09 36.40
N PRO D 54 4.50 6.54 36.13
CA PRO D 54 4.46 5.45 35.16
C PRO D 54 4.95 5.86 33.82
N SER D 55 4.67 7.09 33.41
CA SER D 55 5.12 7.51 32.08
C SER D 55 6.65 7.43 32.00
N ALA D 56 7.33 7.88 33.05
CA ALA D 56 8.79 7.84 33.11
C ALA D 56 9.39 6.42 33.15
N ILE D 57 8.74 5.56 33.93
CA ILE D 57 9.08 4.16 33.97
C ILE D 57 8.85 3.54 32.59
N ASN D 58 7.69 3.79 32.02
CA ASN D 58 7.40 3.22 30.71
C ASN D 58 8.45 3.65 29.69
N ALA D 59 8.88 4.91 29.76
CA ALA D 59 9.93 5.39 28.88
C ALA D 59 11.20 4.60 29.17
N ALA D 60 11.51 4.42 30.46
CA ALA D 60 12.76 3.74 30.77
C ALA D 60 12.74 2.35 30.19
N ARG D 61 11.57 1.72 30.27
CA ARG D 61 11.39 0.38 29.70
C ARG D 61 11.47 0.40 28.20
N GLU D 62 10.89 1.39 27.53
CA GLU D 62 11.08 1.46 26.06
C GLU D 62 12.57 1.46 25.78
N ASN D 63 13.29 2.29 26.52
CA ASN D 63 14.70 2.43 26.36
C ASN D 63 15.48 1.14 26.44
N LEU D 64 15.25 0.36 27.48
CA LEU D 64 15.89 -0.95 27.53
C LEU D 64 15.57 -1.79 26.30
N GLY D 65 14.37 -1.69 25.76
CA GLY D 65 14.03 -2.38 24.51
C GLY D 65 14.95 -1.96 23.39
N ALA D 66 15.15 -0.65 23.25
CA ALA D 66 15.95 -0.12 22.14
C ALA D 66 17.47 -0.43 22.30
N SER D 67 18.01 -0.28 23.50
CA SER D 67 19.39 -0.64 23.79
C SER D 67 19.59 -2.16 23.70
N ALA D 68 18.59 -2.94 24.11
CA ALA D 68 18.64 -4.41 23.92
C ALA D 68 18.77 -4.75 22.45
N LYS D 69 17.87 -4.23 21.62
CA LYS D 69 18.04 -4.31 20.18
C LYS D 69 19.47 -3.97 19.78
N ASN D 70 19.94 -2.76 20.08
CA ASN D 70 21.34 -2.38 19.81
C ASN D 70 22.38 -3.46 20.16
N LEU D 71 22.32 -4.04 21.34
CA LEU D 71 23.33 -5.02 21.76
C LEU D 71 23.20 -6.39 21.12
N ILE D 72 21.98 -6.95 21.19
CA ILE D 72 21.77 -8.31 20.74
C ILE D 72 21.11 -8.43 19.37
N GLY D 73 20.79 -7.33 18.72
CA GLY D 73 20.17 -7.41 17.41
C GLY D 73 20.92 -6.71 16.28
N ASP D 74 21.80 -5.79 16.59
CA ASP D 74 22.57 -5.17 15.54
C ASP D 74 23.86 -5.92 15.55
N THR D 75 24.72 -5.62 14.59
CA THR D 75 26.07 -6.21 14.58
C THR D 75 27.18 -5.13 14.59
N LYS D 76 27.30 -4.38 13.49
CA LYS D 76 28.22 -3.25 13.43
C LYS D 76 28.18 -2.35 14.70
N ASN D 77 26.99 -1.98 15.12
CA ASN D 77 26.84 -0.97 16.16
C ASN D 77 26.93 -1.57 17.55
N SER D 78 27.09 -2.87 17.67
CA SER D 78 27.01 -3.53 18.97
C SER D 78 28.39 -3.78 19.62
N PRO D 79 28.61 -3.24 20.81
CA PRO D 79 29.82 -3.57 21.51
C PRO D 79 29.92 -5.04 21.78
N ALA D 80 28.76 -5.64 22.07
CA ALA D 80 28.78 -7.04 22.48
C ALA D 80 29.19 -7.83 21.26
N TYR D 81 28.65 -7.48 20.11
CA TYR D 81 29.03 -8.14 18.88
C TYR D 81 30.50 -7.97 18.57
N GLN D 82 30.99 -6.74 18.63
CA GLN D 82 32.40 -6.51 18.34
C GLN D 82 33.25 -7.30 19.35
N ALA D 83 32.85 -7.34 20.62
CA ALA D 83 33.64 -8.09 21.63
C ALA D 83 33.77 -9.56 21.26
N VAL D 84 32.64 -10.18 20.92
CA VAL D 84 32.62 -11.60 20.56
C VAL D 84 33.47 -11.87 19.34
N LEU D 85 33.26 -11.06 18.31
CA LEU D 85 34.11 -11.15 17.13
C LEU D 85 35.58 -11.16 17.49
N LEU D 86 35.97 -10.23 18.36
CA LEU D 86 37.36 -10.05 18.76
C LEU D 86 37.89 -11.23 19.54
N ALA D 87 37.10 -11.76 20.47
CA ALA D 87 37.57 -12.94 21.19
C ALA D 87 38.00 -13.97 20.19
N ILE D 88 37.16 -14.19 19.20
CA ILE D 88 37.39 -15.22 18.21
C ILE D 88 38.54 -14.89 17.30
N ASN D 89 38.58 -13.68 16.80
CA ASN D 89 39.71 -13.29 15.94
C ASN D 89 41.08 -13.34 16.64
N ALA D 90 41.10 -13.13 17.94
CA ALA D 90 42.35 -13.24 18.65
C ALA D 90 42.77 -14.70 18.66
N ALA D 91 41.81 -15.61 18.84
CA ALA D 91 42.16 -17.01 18.89
C ALA D 91 42.68 -17.46 17.56
N VAL D 92 41.95 -17.15 16.51
CA VAL D 92 42.32 -17.55 15.16
C VAL D 92 43.65 -16.94 14.80
N GLY D 93 43.79 -15.65 15.06
CA GLY D 93 45.02 -14.92 14.80
C GLY D 93 46.21 -15.57 15.45
N PHE D 94 46.01 -16.07 16.66
CA PHE D 94 47.10 -16.71 17.38
C PHE D 94 47.59 -17.92 16.61
N TRP D 95 46.70 -18.67 15.99
CA TRP D 95 47.20 -19.82 15.23
C TRP D 95 47.82 -19.43 13.88
N ASN D 96 47.26 -18.43 13.22
CA ASN D 96 47.87 -17.90 11.99
C ASN D 96 49.33 -17.44 12.19
N VAL D 97 49.58 -16.73 13.29
CA VAL D 97 50.94 -16.30 13.64
C VAL D 97 51.88 -17.49 13.80
N LEU D 98 51.48 -18.54 14.54
CA LEU D 98 52.43 -19.59 14.94
C LEU D 98 52.22 -21.00 14.38
N GLY D 99 51.07 -21.31 13.80
CA GLY D 99 50.87 -22.67 13.30
C GLY D 99 52.03 -23.21 12.46
N TYR D 100 52.57 -22.39 11.54
CA TYR D 100 53.63 -22.81 10.58
C TYR D 100 54.95 -23.22 11.26
N ALA D 101 55.21 -22.63 12.41
CA ALA D 101 56.41 -22.93 13.13
C ALA D 101 56.21 -24.12 14.08
N THR D 102 55.05 -24.77 14.03
CA THR D 102 54.67 -25.66 15.11
C THR D 102 54.98 -27.10 14.76
N GLN D 103 55.88 -27.71 15.50
CA GLN D 103 56.25 -29.07 15.19
C GLN D 103 55.03 -30.01 15.28
N CYS D 104 54.95 -30.98 14.38
CA CYS D 104 53.85 -31.97 14.43
C CYS D 104 54.13 -33.20 13.59
N GLY D 105 53.63 -34.35 14.03
CA GLY D 105 53.73 -35.61 13.28
C GLY D 105 53.24 -36.83 14.04
N GLY D 106 53.62 -38.03 13.57
CA GLY D 106 53.23 -39.27 14.23
C GLY D 106 52.06 -39.97 13.56
N ASN D 107 51.49 -40.96 14.24
CA ASN D 107 50.38 -41.75 13.73
C ASN D 107 49.19 -41.65 14.67
N ALA D 108 48.09 -42.30 14.32
CA ALA D 108 46.89 -42.30 15.17
C ALA D 108 47.20 -42.46 16.66
N ASN D 109 46.26 -42.04 17.50
CA ASN D 109 46.39 -42.14 18.97
C ASN D 109 47.76 -41.69 19.46
N GLY D 110 48.29 -40.62 18.87
CA GLY D 110 49.54 -40.06 19.34
C GLY D 110 50.74 -40.98 19.42
N GLN D 111 50.79 -42.01 18.58
CA GLN D 111 51.99 -42.84 18.45
C GLN D 111 53.04 -42.08 17.64
N GLU D 112 54.30 -42.36 17.88
CA GLU D 112 55.35 -41.88 16.98
C GLU D 112 55.22 -42.65 15.68
N SER D 113 55.91 -42.21 14.64
CA SER D 113 55.81 -42.88 13.35
C SER D 113 57.19 -43.12 12.74
N THR D 114 57.30 -44.17 11.92
CA THR D 114 58.55 -44.44 11.19
C THR D 114 58.70 -43.49 9.99
N SER D 115 57.68 -43.42 9.15
CA SER D 115 57.70 -42.52 7.96
C SER D 115 56.30 -42.06 7.58
N SER D 116 55.83 -40.99 8.21
CA SER D 116 54.51 -40.45 7.89
C SER D 116 54.63 -38.96 7.55
N THR D 117 54.11 -38.58 6.38
CA THR D 117 53.92 -37.18 6.06
C THR D 117 52.40 -37.04 6.04
N THR D 118 51.88 -36.17 6.91
CA THR D 118 50.45 -35.93 6.96
C THR D 118 50.22 -34.44 6.77
N ILE D 119 49.33 -34.09 5.82
CA ILE D 119 49.15 -32.72 5.35
C ILE D 119 47.72 -32.26 5.43
N PHE D 120 47.53 -31.12 6.05
CA PHE D 120 46.23 -30.54 6.21
C PHE D 120 46.18 -29.31 5.40
N ASN D 121 45.11 -29.21 4.62
CA ASN D 121 44.93 -28.13 3.66
C ASN D 121 44.24 -26.96 4.31
N ASN D 122 44.43 -25.79 3.70
CA ASN D 122 43.82 -24.58 4.20
C ASN D 122 44.27 -24.34 5.66
N GLU D 123 45.57 -24.45 5.87
CA GLU D 123 46.21 -24.15 7.13
C GLU D 123 47.36 -23.22 6.80
N PRO D 124 47.71 -22.29 7.71
CA PRO D 124 48.74 -21.29 7.39
C PRO D 124 50.18 -21.82 7.53
N GLY D 125 50.60 -22.56 6.51
CA GLY D 125 51.93 -23.11 6.41
C GLY D 125 52.96 -22.13 5.90
N TYR D 126 54.23 -22.56 5.97
CA TYR D 126 55.34 -21.75 5.49
C TYR D 126 55.18 -21.62 4.00
N ARG D 127 55.12 -20.37 3.56
CA ARG D 127 54.99 -20.08 2.16
C ARG D 127 54.01 -21.09 1.58
N SER D 128 52.88 -21.31 2.24
CA SER D 128 51.95 -22.36 1.84
C SER D 128 50.54 -22.21 2.45
N THR D 129 49.56 -22.76 1.73
CA THR D 129 48.19 -22.81 2.21
C THR D 129 47.91 -24.16 2.83
N SER D 130 48.96 -24.92 3.08
CA SER D 130 48.82 -26.15 3.84
C SER D 130 49.87 -26.21 4.93
N ILE D 131 49.53 -26.88 6.02
CA ILE D 131 50.53 -27.27 7.01
C ILE D 131 50.76 -28.76 6.90
N THR D 132 52.03 -29.11 6.74
CA THR D 132 52.42 -30.50 6.56
C THR D 132 53.07 -30.94 7.87
N CYS D 133 52.82 -32.15 8.31
CA CYS D 133 53.27 -32.48 9.63
C CYS D 133 54.54 -33.29 9.68
N SER D 134 54.45 -34.57 9.46
CA SER D 134 55.62 -35.36 9.06
C SER D 134 56.76 -35.67 10.01
N LEU D 135 56.82 -35.10 11.22
CA LEU D 135 57.97 -35.41 12.09
C LEU D 135 57.96 -36.83 12.67
N ASN D 136 58.97 -37.62 12.29
CA ASN D 136 59.01 -39.03 12.61
C ASN D 136 59.85 -39.34 13.80
N ARG D 137 59.62 -40.54 14.32
CA ARG D 137 60.43 -41.20 15.37
C ARG D 137 60.18 -40.67 16.76
N TYR D 138 60.05 -39.35 16.90
CA TYR D 138 59.76 -38.75 18.21
C TYR D 138 58.30 -38.93 18.63
N LYS D 139 58.08 -39.08 19.93
CA LYS D 139 56.75 -39.21 20.51
C LYS D 139 56.02 -37.84 20.52
N PRO D 140 54.76 -37.81 20.01
CA PRO D 140 53.93 -36.61 20.16
C PRO D 140 53.61 -36.26 21.61
N GLY D 141 53.60 -34.97 21.94
CA GLY D 141 53.25 -34.49 23.30
C GLY D 141 53.99 -33.21 23.74
N TYR D 142 54.05 -33.00 25.06
CA TYR D 142 54.58 -31.77 25.63
C TYR D 142 55.99 -31.56 25.18
N TYR D 143 56.21 -30.37 24.60
CA TYR D 143 57.49 -29.91 24.13
C TYR D 143 58.03 -30.89 23.12
N GLY D 144 57.11 -31.50 22.39
CA GLY D 144 57.45 -32.33 21.25
C GLY D 144 56.50 -32.01 20.12
N PRO D 145 56.26 -32.98 19.23
CA PRO D 145 55.33 -32.73 18.13
C PRO D 145 53.90 -32.76 18.59
N MET D 146 53.03 -31.98 17.92
CA MET D 146 51.60 -32.13 18.15
C MET D 146 51.13 -33.39 17.46
N SER D 147 50.37 -34.19 18.18
CA SER D 147 49.87 -35.41 17.63
C SER D 147 48.89 -35.06 16.57
N ILE D 148 48.72 -35.96 15.63
CA ILE D 148 47.76 -35.75 14.57
C ILE D 148 46.35 -35.68 15.15
N GLU D 149 45.97 -36.63 16.01
CA GLU D 149 44.76 -36.56 16.83
C GLU D 149 44.47 -35.10 17.28
N ASN D 150 45.49 -34.43 17.82
CA ASN D 150 45.35 -33.07 18.29
C ASN D 150 45.16 -32.11 17.15
N PHE D 151 45.97 -32.25 16.12
CA PHE D 151 45.85 -31.38 14.99
C PHE D 151 44.46 -31.47 14.34
N LYS D 152 43.90 -32.66 14.19
CA LYS D 152 42.56 -32.78 13.61
C LYS D 152 41.53 -31.97 14.39
N LYS D 153 41.57 -32.12 15.72
CA LYS D 153 40.74 -31.34 16.63
C LYS D 153 40.95 -29.84 16.46
N LEU D 154 42.21 -29.43 16.37
CA LEU D 154 42.56 -28.03 16.12
C LEU D 154 42.06 -27.61 14.77
N ASN D 155 42.32 -28.46 13.80
CA ASN D 155 42.10 -28.11 12.41
C ASN D 155 40.66 -27.86 12.13
N GLU D 156 39.82 -28.82 12.53
CA GLU D 156 38.39 -28.71 12.36
C GLU D 156 37.83 -27.40 12.96
N ALA D 157 38.28 -27.08 14.17
CA ALA D 157 37.82 -25.89 14.80
C ALA D 157 38.19 -24.68 13.95
N TYR D 158 39.40 -24.70 13.41
CA TYR D 158 39.92 -23.59 12.63
C TYR D 158 39.10 -23.46 11.39
N GLN D 159 38.81 -24.58 10.73
CA GLN D 159 38.01 -24.52 9.50
C GLN D 159 36.63 -23.99 9.77
N ILE D 160 35.99 -24.47 10.83
CA ILE D 160 34.65 -23.96 11.13
C ILE D 160 34.68 -22.43 11.39
N LEU D 161 35.71 -21.98 12.09
CA LEU D 161 35.79 -20.59 12.48
C LEU D 161 36.14 -19.69 11.34
N GLN D 162 37.13 -20.08 10.56
CA GLN D 162 37.52 -19.29 9.42
C GLN D 162 36.39 -19.22 8.36
N THR D 163 35.56 -20.26 8.24
CA THR D 163 34.38 -20.20 7.38
C THR D 163 33.34 -19.23 7.94
N ALA D 164 32.96 -19.44 9.20
CA ALA D 164 32.06 -18.51 9.90
C ALA D 164 32.47 -17.04 9.71
N LEU D 165 33.77 -16.79 9.84
CA LEU D 165 34.27 -15.41 9.75
C LEU D 165 34.08 -14.80 8.34
N ASN D 166 34.40 -15.55 7.32
CA ASN D 166 34.28 -15.11 5.96
C ASN D 166 32.81 -14.91 5.55
N LYS D 167 31.93 -15.77 6.04
CA LYS D 167 30.49 -15.60 5.87
C LYS D 167 29.94 -14.36 6.59
N GLY D 168 30.52 -14.05 7.76
CA GLY D 168 29.96 -13.06 8.68
C GLY D 168 29.30 -13.71 9.89
N LEU D 169 29.38 -13.01 11.00
CA LEU D 169 28.80 -13.51 12.24
C LEU D 169 27.41 -12.95 12.48
N PRO D 170 26.44 -13.83 12.78
CA PRO D 170 25.12 -13.29 13.12
C PRO D 170 25.18 -12.48 14.41
N ALA D 171 24.14 -11.69 14.63
CA ALA D 171 23.92 -11.05 15.91
C ALA D 171 23.80 -12.10 17.02
N LEU D 172 23.69 -11.66 18.26
CA LEU D 172 23.74 -12.60 19.36
C LEU D 172 22.36 -13.17 19.71
N LYS D 173 21.32 -12.49 19.24
CA LYS D 173 20.00 -12.99 19.45
C LYS D 173 19.82 -14.19 18.55
N GLU D 174 20.55 -14.26 17.42
CA GLU D 174 20.40 -15.34 16.42
C GLU D 174 21.07 -16.65 16.83
N ASN D 175 20.46 -17.33 17.80
CA ASN D 175 20.93 -18.62 18.26
C ASN D 175 20.61 -19.77 17.33
N ASN D 176 19.86 -19.56 16.25
CA ASN D 176 19.41 -20.72 15.42
C ASN D 176 20.03 -20.86 14.02
N GLY D 177 20.74 -19.83 13.54
CA GLY D 177 21.31 -19.87 12.20
C GLY D 177 22.42 -20.92 12.09
N THR D 178 22.93 -21.11 10.88
CA THR D 178 23.84 -22.22 10.59
C THR D 178 24.71 -21.87 9.41
N ILE D 179 25.80 -22.60 9.27
CA ILE D 179 26.70 -22.40 8.16
C ILE D 179 26.23 -23.38 7.11
N LYS D 180 26.04 -22.91 5.88
CA LYS D 180 25.54 -23.78 4.83
C LYS D 180 26.42 -25.03 4.82
N ASP D 181 27.70 -24.81 4.53
CA ASP D 181 28.66 -25.87 4.38
C ASP D 181 30.10 -25.44 4.75
N VAL D 182 30.76 -26.25 5.58
CA VAL D 182 32.17 -26.08 5.90
C VAL D 182 32.83 -27.39 5.50
N THR D 183 33.82 -27.31 4.62
CA THR D 183 34.47 -28.47 4.02
C THR D 183 35.98 -28.32 4.05
N TYR D 184 36.69 -29.41 4.29
CA TYR D 184 38.14 -29.35 4.44
C TYR D 184 38.72 -30.72 4.22
N SER D 185 40.03 -30.82 4.04
CA SER D 185 40.65 -32.10 3.70
C SER D 185 42.10 -32.24 4.13
N TYR D 186 42.52 -33.49 4.25
CA TYR D 186 43.92 -33.83 4.56
C TYR D 186 44.39 -35.10 3.88
N ILE D 187 45.65 -35.11 3.45
CA ILE D 187 46.22 -36.28 2.80
C ILE D 187 47.32 -36.89 3.66
N CYS D 188 47.55 -38.20 3.47
CA CYS D 188 48.55 -39.00 4.21
C CYS D 188 49.37 -39.86 3.25
N TYR D 189 50.67 -39.96 3.49
CA TYR D 189 51.52 -40.82 2.67
C TYR D 189 52.77 -41.31 3.39
N GLY D 190 53.29 -42.45 2.96
CA GLY D 190 54.50 -43.05 3.51
C GLY D 190 54.22 -44.36 4.19
N GLU D 191 55.24 -45.20 4.29
CA GLU D 191 55.09 -46.51 4.91
C GLU D 191 54.46 -46.40 6.32
N GLY D 192 53.40 -47.16 6.55
CA GLY D 192 52.85 -47.32 7.90
C GLY D 192 52.11 -46.10 8.44
N ASN D 193 51.51 -45.32 7.56
CA ASN D 193 50.82 -44.10 7.96
C ASN D 193 49.31 -44.34 8.00
N ASN D 194 48.79 -44.51 9.20
CA ASN D 194 47.37 -44.80 9.40
C ASN D 194 46.52 -43.57 9.74
N ASN D 195 47.04 -42.37 9.52
CA ASN D 195 46.34 -41.18 9.98
C ASN D 195 45.05 -40.91 9.24
N CYS D 196 44.85 -41.55 8.09
CA CYS D 196 43.54 -41.53 7.48
C CYS D 196 42.93 -42.89 7.29
N GLU D 197 43.00 -43.68 8.36
CA GLU D 197 42.16 -44.85 8.58
C GLU D 197 41.04 -44.35 9.46
N ILE D 198 39.79 -44.58 9.07
CA ILE D 198 38.64 -44.13 9.86
C ILE D 198 37.77 -45.29 10.33
N LYS D 199 37.75 -45.52 11.65
CA LYS D 199 36.76 -46.40 12.30
C LYS D 199 35.39 -45.73 12.19
N LEU D 200 34.46 -46.38 11.49
CA LEU D 200 33.09 -45.85 11.36
C LEU D 200 32.33 -46.26 12.63
N ALA D 201 31.21 -45.56 12.90
CA ALA D 201 30.41 -45.69 14.14
C ALA D 201 30.14 -47.16 14.58
N ASP D 202 29.53 -47.96 13.70
CA ASP D 202 29.36 -49.41 13.94
C ASP D 202 30.66 -50.14 14.31
N GLY D 203 31.78 -49.73 13.70
CA GLY D 203 33.07 -50.35 13.90
C GLY D 203 33.44 -51.09 12.63
N GLN D 204 33.84 -50.34 11.61
CA GLN D 204 34.21 -50.92 10.32
C GLN D 204 34.90 -49.84 9.47
N LYS D 205 36.16 -50.08 9.14
CA LYS D 205 36.97 -49.15 8.35
C LYS D 205 36.25 -48.65 7.09
N LEU D 206 36.27 -47.33 6.88
CA LEU D 206 35.69 -46.75 5.67
C LEU D 206 36.44 -47.26 4.45
N GLN D 207 35.71 -47.54 3.37
CA GLN D 207 36.35 -47.97 2.13
C GLN D 207 37.47 -46.99 1.81
N GLN D 208 38.73 -47.45 1.92
CA GLN D 208 39.88 -46.57 1.74
C GLN D 208 39.91 -45.94 0.36
N ASN D 209 39.60 -46.71 -0.68
CA ASN D 209 39.42 -46.11 -1.98
C ASN D 209 37.95 -45.80 -2.26
N GLY D 210 37.63 -44.50 -2.28
CA GLY D 210 36.33 -44.04 -2.71
C GLY D 210 35.21 -44.25 -1.72
N GLY D 211 35.51 -44.50 -0.45
CA GLY D 211 34.45 -44.54 0.54
C GLY D 211 33.65 -43.25 0.58
N SER D 212 32.51 -43.29 1.27
CA SER D 212 31.75 -42.07 1.55
C SER D 212 30.56 -42.38 2.47
N GLU D 213 30.78 -42.37 3.80
CA GLU D 213 29.67 -42.55 4.77
C GLU D 213 29.47 -41.29 5.66
N THR D 214 28.29 -41.20 6.28
CA THR D 214 27.77 -39.97 6.87
C THR D 214 27.62 -40.07 8.39
N THR D 215 28.55 -39.45 9.11
CA THR D 215 28.61 -39.54 10.59
C THR D 215 28.12 -38.25 11.27
N THR D 216 27.16 -38.39 12.19
CA THR D 216 26.53 -37.23 12.82
C THR D 216 26.86 -37.19 14.32
N GLN D 217 27.30 -36.02 14.78
CA GLN D 217 27.66 -35.80 16.17
C GLN D 217 27.09 -34.45 16.65
N THR D 218 27.37 -34.07 17.91
CA THR D 218 26.66 -32.97 18.57
C THR D 218 27.42 -31.61 18.71
N ILE D 219 26.67 -30.51 18.62
CA ILE D 219 27.19 -29.13 18.79
C ILE D 219 26.09 -28.25 19.39
N ASP D 220 26.38 -27.64 20.54
CA ASP D 220 25.38 -27.19 21.56
C ASP D 220 23.86 -27.28 21.21
N GLY D 221 23.20 -28.27 21.85
CA GLY D 221 21.77 -28.49 21.71
C GLY D 221 21.34 -29.36 20.53
N LYS D 222 22.24 -29.50 19.53
CA LYS D 222 21.86 -29.94 18.17
C LYS D 222 22.58 -31.22 17.72
N THR D 223 22.21 -31.69 16.52
CA THR D 223 22.95 -32.73 15.78
C THR D 223 23.36 -32.18 14.39
N VAL D 224 24.56 -32.57 13.95
CA VAL D 224 25.18 -32.00 12.76
C VAL D 224 25.78 -33.09 11.86
N SER D 225 25.40 -33.05 10.60
CA SER D 225 25.87 -34.03 9.61
C SER D 225 27.30 -33.79 9.15
N THR D 226 28.12 -34.84 9.20
CA THR D 226 29.40 -34.86 8.49
C THR D 226 29.46 -35.99 7.44
N THR D 227 29.57 -35.62 6.18
CA THR D 227 29.93 -36.57 5.12
C THR D 227 31.45 -36.67 5.09
N ILE D 228 31.95 -37.89 5.05
CA ILE D 228 33.37 -38.10 5.01
C ILE D 228 33.69 -39.16 3.96
N SER D 229 34.71 -38.89 3.17
CA SER D 229 34.94 -39.65 1.96
C SER D 229 36.44 -39.84 1.71
N SER D 230 36.85 -41.09 1.57
CA SER D 230 38.24 -41.44 1.33
C SER D 230 38.43 -41.62 -0.17
N LYS D 231 39.69 -41.73 -0.58
CA LYS D 231 40.07 -41.63 -1.97
C LYS D 231 41.58 -41.82 -2.06
N VAL D 232 42.04 -42.64 -3.00
CA VAL D 232 43.48 -42.85 -3.18
C VAL D 232 43.94 -42.15 -4.47
N VAL D 233 45.22 -41.76 -4.52
CA VAL D 233 45.82 -41.07 -5.67
C VAL D 233 47.28 -41.50 -5.76
N ASP D 234 47.60 -42.40 -6.70
CA ASP D 234 48.90 -43.12 -6.76
C ASP D 234 50.12 -42.28 -7.18
N SER D 235 51.31 -42.80 -6.92
CA SER D 235 52.59 -42.16 -7.30
C SER D 235 52.64 -41.79 -8.77
N THR D 236 52.58 -42.82 -9.62
CA THR D 236 52.65 -42.64 -11.05
C THR D 236 51.44 -41.90 -11.65
N ALA D 237 50.28 -41.92 -10.98
CA ALA D 237 49.06 -41.29 -11.53
C ALA D 237 49.21 -39.78 -11.82
N ALA D 238 48.41 -39.30 -12.76
CA ALA D 238 48.56 -37.96 -13.34
C ALA D 238 48.65 -36.81 -12.32
N ASP D 239 49.59 -35.89 -12.52
CA ASP D 239 49.66 -34.59 -11.80
C ASP D 239 49.86 -34.70 -10.30
N ASN D 240 50.65 -35.69 -9.88
CA ASN D 240 50.87 -35.94 -8.45
C ASN D 240 51.68 -34.87 -7.73
N THR D 241 52.04 -33.78 -8.41
CA THR D 241 52.75 -32.62 -7.82
C THR D 241 53.70 -32.98 -6.69
N TYR D 242 53.25 -33.75 -5.69
CA TYR D 242 54.17 -34.54 -4.82
C TYR D 242 54.80 -35.59 -5.72
N LYS D 243 55.16 -36.76 -5.19
CA LYS D 243 55.57 -37.82 -6.11
C LYS D 243 55.21 -39.25 -5.69
N GLN D 244 54.81 -39.44 -4.42
CA GLN D 244 54.39 -40.77 -3.92
C GLN D 244 52.87 -40.84 -3.76
N SER D 245 52.39 -42.02 -3.35
CA SER D 245 50.95 -42.32 -3.34
C SER D 245 50.24 -41.87 -2.06
N TYR D 246 49.04 -41.32 -2.21
CA TYR D 246 48.35 -40.75 -1.06
C TYR D 246 46.87 -41.09 -0.90
N THR D 247 46.42 -41.02 0.35
CA THR D 247 45.02 -41.14 0.73
C THR D 247 44.58 -39.74 1.10
N GLU D 248 43.40 -39.34 0.68
CA GLU D 248 42.90 -37.98 0.92
C GLU D 248 41.53 -38.07 1.57
N ILE D 249 41.42 -37.51 2.78
CA ILE D 249 40.15 -37.49 3.46
C ILE D 249 39.48 -36.13 3.28
N THR D 250 38.19 -36.19 2.92
CA THR D 250 37.37 -35.01 2.81
C THR D 250 36.27 -35.11 3.87
N ASN D 251 36.03 -33.98 4.53
CA ASN D 251 35.05 -33.85 5.60
C ASN D 251 34.14 -32.74 5.18
N ALA D 252 32.88 -33.07 4.93
CA ALA D 252 31.86 -32.08 4.54
C ALA D 252 30.77 -32.02 5.61
N LEU D 253 30.77 -30.93 6.38
CA LEU D 253 29.85 -30.77 7.48
C LEU D 253 28.75 -29.83 7.07
N LYS D 254 27.51 -30.23 7.35
CA LYS D 254 26.33 -29.57 6.81
C LYS D 254 25.50 -29.00 7.92
N ASP D 255 25.20 -27.70 7.78
CA ASP D 255 24.42 -26.93 8.76
C ASP D 255 25.10 -26.87 10.14
N VAL D 256 26.26 -26.24 10.14
CA VAL D 256 27.07 -26.09 11.33
C VAL D 256 26.59 -24.83 12.06
N PRO D 257 26.23 -24.95 13.36
CA PRO D 257 25.74 -23.78 14.07
C PRO D 257 26.75 -22.63 14.07
N ASP D 258 26.25 -21.41 13.89
CA ASP D 258 27.09 -20.21 13.80
C ASP D 258 26.74 -19.18 14.92
N SER D 259 26.09 -19.66 15.97
CA SER D 259 25.68 -18.79 17.03
C SER D 259 26.93 -18.36 17.78
N ALA D 260 26.88 -17.24 18.50
CA ALA D 260 28.02 -16.89 19.29
C ALA D 260 28.39 -18.05 20.25
N GLN D 261 27.41 -18.71 20.85
CA GLN D 261 27.77 -19.68 21.86
C GLN D 261 28.63 -20.74 21.18
N ALA D 262 28.22 -21.16 19.98
CA ALA D 262 28.88 -22.26 19.30
C ALA D 262 30.24 -21.90 18.78
N LEU D 263 30.37 -20.70 18.24
CA LEU D 263 31.69 -20.31 17.69
C LEU D 263 32.71 -20.08 18.78
N LEU D 264 32.26 -19.56 19.91
CA LEU D 264 33.11 -19.39 21.06
C LEU D 264 33.60 -20.73 21.58
N ALA D 265 32.71 -21.74 21.54
CA ALA D 265 33.09 -23.12 21.91
C ALA D 265 34.24 -23.63 21.03
N GLN D 266 34.14 -23.34 19.73
CA GLN D 266 35.22 -23.68 18.79
C GLN D 266 36.50 -22.91 19.06
N ALA D 267 36.39 -21.62 19.34
CA ALA D 267 37.58 -20.85 19.63
C ALA D 267 38.27 -21.42 20.85
N SER D 268 37.46 -21.76 21.83
CA SER D 268 37.99 -22.31 23.08
C SER D 268 38.79 -23.55 22.82
N THR D 269 38.30 -24.36 21.91
CA THR D 269 38.87 -25.63 21.61
C THR D 269 40.18 -25.45 20.92
N LEU D 270 40.14 -24.56 19.93
CA LEU D 270 41.33 -24.17 19.22
C LEU D 270 42.45 -23.77 20.19
N ILE D 271 42.20 -22.81 21.05
CA ILE D 271 43.28 -22.32 21.88
C ILE D 271 43.66 -23.34 22.95
N ASN D 272 42.67 -23.99 23.56
CA ASN D 272 42.98 -24.94 24.63
C ASN D 272 43.68 -26.20 24.10
N THR D 273 43.47 -26.50 22.83
CA THR D 273 44.08 -27.68 22.26
C THR D 273 45.54 -27.39 22.12
N ILE D 274 45.85 -26.23 21.58
CA ILE D 274 47.21 -25.78 21.46
C ILE D 274 47.84 -25.68 22.83
N ASN D 275 47.13 -25.09 23.75
CA ASN D 275 47.69 -24.88 25.07
C ASN D 275 48.04 -26.14 25.82
N THR D 276 47.10 -27.08 25.84
CA THR D 276 47.24 -28.42 26.45
C THR D 276 48.24 -29.34 25.69
N ALA D 277 48.18 -29.34 24.37
CA ALA D 277 49.10 -30.16 23.63
C ALA D 277 50.53 -29.58 23.75
N CYS D 278 50.60 -28.26 23.99
CA CYS D 278 51.86 -27.59 24.22
C CYS D 278 53.04 -28.12 23.39
N PRO D 279 52.90 -28.17 22.06
CA PRO D 279 53.98 -28.65 21.20
C PRO D 279 55.17 -27.70 21.07
N TYR D 280 56.30 -28.26 20.65
CA TYR D 280 57.46 -27.47 20.29
C TYR D 280 57.16 -26.56 19.12
N PHE D 281 57.85 -25.41 19.06
CA PHE D 281 57.84 -24.59 17.83
C PHE D 281 59.14 -23.89 17.61
N SER D 282 59.35 -23.48 16.37
CA SER D 282 60.61 -22.92 15.98
C SER D 282 60.34 -22.08 14.77
N VAL D 283 60.50 -20.76 14.93
CA VAL D 283 60.27 -19.79 13.85
C VAL D 283 61.55 -19.61 13.06
N THR D 284 61.44 -19.05 11.86
CA THR D 284 62.63 -18.73 11.07
C THR D 284 63.13 -17.31 11.46
N ASN D 285 62.19 -16.37 11.55
CA ASN D 285 62.34 -15.01 12.15
C ASN D 285 62.58 -13.90 11.14
N LYS D 286 63.75 -13.90 10.51
CA LYS D 286 64.07 -12.97 9.42
C LYS D 286 64.44 -11.57 9.88
N SER D 287 64.97 -10.80 8.93
CA SER D 287 65.50 -9.47 9.19
C SER D 287 64.62 -8.43 8.53
N GLY D 288 64.75 -7.21 9.03
CA GLY D 288 63.90 -6.10 8.66
C GLY D 288 62.73 -6.03 9.61
N GLY D 289 61.81 -6.98 9.47
CA GLY D 289 60.52 -6.96 10.14
C GLY D 289 60.57 -7.16 11.63
N PRO D 290 59.47 -7.65 12.21
CA PRO D 290 59.37 -7.73 13.65
C PRO D 290 59.99 -9.05 14.14
N GLN D 291 60.59 -9.04 15.32
CA GLN D 291 61.27 -10.22 15.86
C GLN D 291 60.35 -10.95 16.84
N MET D 292 60.12 -12.23 16.59
CA MET D 292 59.41 -13.09 17.52
C MET D 292 60.29 -13.40 18.74
N GLU D 293 59.74 -13.22 19.94
CA GLU D 293 60.44 -13.61 21.19
C GLU D 293 59.62 -14.54 22.11
N PRO D 294 60.24 -15.68 22.54
CA PRO D 294 61.54 -16.20 22.05
C PRO D 294 61.41 -16.80 20.62
N THR D 295 62.53 -17.26 20.04
CA THR D 295 62.55 -17.77 18.64
C THR D 295 62.13 -19.24 18.48
N ARG D 296 61.87 -19.88 19.61
CA ARG D 296 61.94 -21.33 19.72
C ARG D 296 61.46 -21.71 21.13
N GLY D 297 60.76 -22.82 21.25
CA GLY D 297 60.25 -23.22 22.55
C GLY D 297 58.96 -23.99 22.49
N LYS D 298 58.11 -23.78 23.50
CA LYS D 298 56.85 -24.50 23.64
C LYS D 298 55.68 -23.53 23.62
N LEU D 299 54.64 -23.89 22.88
CA LEU D 299 53.54 -22.98 22.63
C LEU D 299 52.79 -22.54 23.87
N CYS D 300 52.74 -23.38 24.90
CA CYS D 300 52.08 -22.94 26.14
C CYS D 300 52.99 -21.97 26.91
N GLY D 301 54.25 -21.85 26.47
CA GLY D 301 55.18 -20.80 26.91
C GLY D 301 54.69 -19.38 26.71
N PHE D 302 53.80 -19.17 25.74
CA PHE D 302 53.18 -17.87 25.60
C PHE D 302 52.07 -17.75 26.62
N THR D 303 52.40 -17.64 27.89
CA THR D 303 51.39 -17.77 28.90
C THR D 303 50.52 -16.54 28.94
N GLU D 304 51.13 -15.38 28.66
CA GLU D 304 50.38 -14.13 28.71
C GLU D 304 49.33 -14.03 27.58
N GLU D 305 49.74 -14.38 26.37
CA GLU D 305 48.89 -14.32 25.21
C GLU D 305 47.74 -15.35 25.30
N ILE D 306 48.07 -16.60 25.62
CA ILE D 306 47.07 -17.63 25.83
C ILE D 306 46.12 -17.29 26.98
N SER D 307 46.64 -16.86 28.13
CA SER D 307 45.74 -16.42 29.19
C SER D 307 44.79 -15.35 28.69
N ALA D 308 45.31 -14.41 27.91
CA ALA D 308 44.51 -13.29 27.45
C ALA D 308 43.36 -13.81 26.61
N ILE D 309 43.67 -14.58 25.58
CA ILE D 309 42.67 -15.15 24.69
C ILE D 309 41.65 -16.04 25.39
N GLN D 310 42.08 -16.90 26.30
CA GLN D 310 41.12 -17.69 27.12
C GLN D 310 40.13 -16.83 27.94
N LYS D 311 40.67 -15.78 28.54
CA LYS D 311 39.86 -14.79 29.26
C LYS D 311 38.91 -14.05 28.32
N MET D 312 39.36 -13.70 27.12
CA MET D 312 38.53 -12.92 26.20
C MET D 312 37.32 -13.76 25.82
N ILE D 313 37.59 -15.05 25.62
CA ILE D 313 36.59 -16.06 25.34
C ILE D 313 35.71 -16.31 26.53
N THR D 314 36.31 -16.46 27.70
CA THR D 314 35.56 -16.60 28.92
C THR D 314 34.64 -15.38 29.08
N ASP D 315 35.21 -14.18 29.07
CA ASP D 315 34.41 -12.97 29.16
C ASP D 315 33.32 -12.87 28.06
N ALA D 316 33.59 -13.29 26.84
CA ALA D 316 32.58 -13.22 25.80
C ALA D 316 31.48 -14.25 26.03
N GLN D 317 31.82 -15.38 26.62
CA GLN D 317 30.81 -16.36 26.96
C GLN D 317 29.89 -15.82 28.05
N GLU D 318 30.40 -15.19 29.12
CA GLU D 318 29.55 -14.56 30.14
CA GLU D 318 29.45 -14.67 30.10
C GLU D 318 28.66 -13.56 29.40
N LEU D 319 29.29 -12.85 28.51
CA LEU D 319 28.63 -11.85 27.69
C LEU D 319 27.35 -12.41 27.04
N VAL D 320 27.49 -13.53 26.36
CA VAL D 320 26.43 -14.10 25.59
C VAL D 320 25.34 -14.68 26.49
N ASN D 321 25.71 -15.31 27.61
CA ASN D 321 24.72 -15.77 28.62
C ASN D 321 23.79 -14.68 29.08
N GLN D 322 24.25 -13.45 29.06
CA GLN D 322 23.42 -12.30 29.41
C GLN D 322 22.29 -12.17 28.43
N THR D 323 22.54 -12.55 27.18
CA THR D 323 21.46 -12.55 26.20
C THR D 323 20.19 -13.21 26.73
N SER D 324 20.29 -14.39 27.35
CA SER D 324 19.03 -15.09 27.71
C SER D 324 18.30 -14.39 28.87
N VAL D 325 19.04 -13.72 29.75
CA VAL D 325 18.44 -12.89 30.80
C VAL D 325 17.70 -11.70 30.20
N ILE D 326 18.32 -11.03 29.25
CA ILE D 326 17.58 -9.99 28.53
C ILE D 326 16.25 -10.50 27.91
N ASN D 327 16.31 -11.62 27.19
CA ASN D 327 15.10 -12.21 26.53
C ASN D 327 14.04 -12.67 27.51
N GLU D 328 14.50 -13.27 28.58
CA GLU D 328 13.65 -13.82 29.59
C GLU D 328 12.92 -12.73 30.38
N HIS D 329 13.38 -11.47 30.31
CA HIS D 329 12.70 -10.39 31.02
C HIS D 329 12.46 -9.21 30.10
N GLU D 330 11.68 -9.44 29.04
CA GLU D 330 11.34 -8.36 28.11
C GLU D 330 10.59 -7.27 28.87
N GLN D 331 10.55 -6.09 28.27
CA GLN D 331 10.14 -4.87 28.93
C GLN D 331 9.09 -4.12 28.12
N SER D 332 8.33 -4.83 27.29
CA SER D 332 7.39 -4.18 26.37
C SER D 332 5.96 -4.07 26.89
N THR D 333 5.60 -4.86 27.91
CA THR D 333 4.29 -4.69 28.53
C THR D 333 4.31 -3.37 29.31
N PRO D 334 3.37 -2.45 29.03
CA PRO D 334 3.31 -1.23 29.87
C PRO D 334 2.91 -1.47 31.32
N VAL D 335 3.15 -0.47 32.15
CA VAL D 335 2.92 -0.53 33.60
C VAL D 335 2.05 0.64 33.99
N GLY D 336 1.32 0.47 35.08
CA GLY D 336 0.43 1.53 35.58
C GLY D 336 -0.27 0.99 36.80
N GLY D 337 -1.21 1.75 37.33
CA GLY D 337 -2.03 1.29 38.44
C GLY D 337 -2.92 0.18 37.96
N ASN D 338 -3.66 -0.44 38.88
CA ASN D 338 -4.78 -1.32 38.50
C ASN D 338 -6.13 -0.75 39.04
N ASN D 339 -7.22 -1.28 38.49
CA ASN D 339 -8.59 -0.73 38.63
C ASN D 339 -8.90 0.39 37.66
N GLY D 340 -8.03 1.38 37.64
CA GLY D 340 -8.43 2.73 37.34
C GLY D 340 -7.83 3.64 38.40
N LYS D 341 -7.38 3.06 39.51
CA LYS D 341 -6.73 3.84 40.56
C LYS D 341 -5.26 4.18 40.23
N PRO D 342 -4.70 5.15 40.96
CA PRO D 342 -3.38 5.67 40.61
C PRO D 342 -2.26 4.75 41.04
N PHE D 343 -1.16 4.81 40.28
CA PHE D 343 0.04 3.95 40.46
C PHE D 343 0.65 4.05 41.83
N ASN D 344 0.88 2.90 42.43
CA ASN D 344 1.45 2.79 43.75
C ASN D 344 2.83 2.12 43.65
N PRO D 345 3.87 2.88 43.94
CA PRO D 345 5.19 2.31 43.74
C PRO D 345 5.52 1.22 44.78
N PHE D 346 4.76 1.16 45.85
CA PHE D 346 4.99 0.16 46.87
C PHE D 346 4.28 -1.15 46.57
N THR D 347 3.40 -1.17 45.57
CA THR D 347 2.51 -2.35 45.39
C THR D 347 2.22 -2.71 43.94
N ASP D 348 2.31 -1.76 43.00
CA ASP D 348 2.09 -2.10 41.61
C ASP D 348 3.36 -2.42 40.86
N ALA D 349 4.44 -2.83 41.55
CA ALA D 349 5.74 -2.85 40.88
C ALA D 349 6.47 -4.16 40.93
N SER D 350 5.75 -5.25 40.82
CA SER D 350 6.40 -6.56 40.82
C SER D 350 7.23 -6.81 39.55
N PHE D 351 6.97 -6.05 38.48
CA PHE D 351 7.82 -6.02 37.27
C PHE D 351 9.27 -5.51 37.47
N ALA D 352 9.56 -4.86 38.62
CA ALA D 352 10.83 -4.23 38.82
C ALA D 352 11.96 -5.22 38.99
N GLN D 353 11.69 -6.39 39.56
CA GLN D 353 12.70 -7.43 39.52
C GLN D 353 13.19 -7.66 38.10
N GLY D 354 12.25 -7.81 37.17
CA GLY D 354 12.57 -8.13 35.80
C GLY D 354 13.30 -7.02 35.11
N MET D 355 12.92 -5.80 35.42
CA MET D 355 13.48 -4.67 34.76
C MET D 355 14.92 -4.54 35.28
N LEU D 356 15.09 -4.69 36.58
CA LEU D 356 16.41 -4.60 37.16
C LEU D 356 17.29 -5.67 36.60
N ALA D 357 16.75 -6.88 36.40
CA ALA D 357 17.55 -7.97 35.85
C ALA D 357 18.05 -7.61 34.45
N ASN D 358 17.08 -7.32 33.60
CA ASN D 358 17.35 -6.87 32.25
C ASN D 358 18.43 -5.75 32.17
N ALA D 359 18.25 -4.67 32.94
CA ALA D 359 19.13 -3.51 32.87
C ALA D 359 20.54 -3.89 33.28
N SER D 360 20.65 -4.63 34.39
CA SER D 360 21.94 -5.11 34.90
C SER D 360 22.59 -6.01 33.90
N ALA D 361 21.76 -6.75 33.18
CA ALA D 361 22.30 -7.70 32.23
C ALA D 361 22.90 -6.96 31.07
N GLN D 362 22.23 -5.90 30.66
CA GLN D 362 22.71 -5.08 29.58
C GLN D 362 24.01 -4.36 30.00
N ALA D 363 24.02 -3.84 31.22
CA ALA D 363 25.20 -3.16 31.69
C ALA D 363 26.32 -4.18 31.78
N LYS D 364 26.00 -5.41 32.14
CA LYS D 364 27.01 -6.38 32.22
C LYS D 364 27.52 -6.76 30.83
N MET D 365 26.67 -6.77 29.81
CA MET D 365 27.18 -7.03 28.45
C MET D 365 28.19 -5.95 28.02
N LEU D 366 27.85 -4.72 28.32
CA LEU D 366 28.64 -3.62 27.90
C LEU D 366 29.96 -3.63 28.61
N ASN D 367 29.95 -3.78 29.93
CA ASN D 367 31.23 -3.85 30.68
C ASN D 367 32.09 -5.03 30.22
N LEU D 368 31.47 -6.19 30.03
CA LEU D 368 32.24 -7.34 29.57
C LEU D 368 32.83 -7.04 28.21
N ALA D 369 32.04 -6.49 27.30
CA ALA D 369 32.50 -6.20 25.97
C ALA D 369 33.75 -5.32 26.05
N HIS D 370 33.67 -4.31 26.90
CA HIS D 370 34.81 -3.44 27.20
C HIS D 370 36.02 -4.19 27.68
N GLN D 371 35.80 -5.03 28.70
CA GLN D 371 36.88 -5.80 29.30
C GLN D 371 37.62 -6.63 28.23
N VAL D 372 36.85 -7.18 27.30
CA VAL D 372 37.43 -8.02 26.26
C VAL D 372 38.47 -7.24 25.46
N GLY D 373 38.08 -6.06 25.01
CA GLY D 373 38.99 -5.15 24.35
C GLY D 373 40.16 -4.70 25.20
N GLN D 374 39.96 -4.35 26.46
CA GLN D 374 41.09 -3.96 27.29
C GLN D 374 42.08 -5.11 27.49
N THR D 375 41.58 -6.34 27.46
CA THR D 375 42.44 -7.51 27.61
C THR D 375 43.54 -7.60 26.52
N ILE D 376 43.26 -7.10 25.33
CA ILE D 376 44.15 -7.31 24.21
C ILE D 376 44.72 -6.03 23.59
N ASN D 377 44.15 -4.89 23.92
CA ASN D 377 44.49 -3.65 23.29
C ASN D 377 45.92 -3.24 23.62
N PRO D 378 46.77 -3.21 22.61
CA PRO D 378 48.18 -2.94 22.89
C PRO D 378 48.46 -1.59 23.55
N ASP D 379 47.49 -0.68 23.60
CA ASP D 379 47.70 0.58 24.29
C ASP D 379 47.96 0.34 25.79
N ASN D 380 47.53 -0.80 26.32
CA ASN D 380 47.80 -1.13 27.72
C ASN D 380 48.66 -2.36 27.88
N LEU D 381 49.51 -2.69 26.92
CA LEU D 381 50.35 -3.90 27.03
C LEU D 381 51.83 -3.56 27.05
N THR D 382 52.61 -4.49 27.60
CA THR D 382 54.03 -4.31 27.81
C THR D 382 54.82 -5.47 27.25
N GLY D 383 56.08 -5.20 26.91
CA GLY D 383 57.05 -6.24 26.66
C GLY D 383 56.73 -7.18 25.51
N THR D 384 57.11 -8.45 25.69
CA THR D 384 56.97 -9.46 24.64
C THR D 384 55.54 -9.56 24.17
N PHE D 385 54.61 -9.30 25.09
CA PHE D 385 53.18 -9.39 24.80
C PHE D 385 52.76 -8.20 23.92
N LYS D 386 53.06 -6.98 24.31
CA LYS D 386 52.82 -5.85 23.42
C LYS D 386 53.40 -6.13 22.03
N ASN D 387 54.65 -6.56 21.99
CA ASN D 387 55.26 -6.74 20.69
CA ASN D 387 55.34 -6.82 20.71
C ASN D 387 54.73 -7.99 19.98
N PHE D 388 54.03 -8.87 20.71
CA PHE D 388 53.32 -9.95 20.05
C PHE D 388 52.13 -9.39 19.26
N VAL D 389 51.40 -8.49 19.87
CA VAL D 389 50.16 -8.02 19.32
C VAL D 389 50.41 -7.02 18.19
N THR D 390 51.21 -6.00 18.45
CA THR D 390 51.52 -4.99 17.42
C THR D 390 52.41 -5.60 16.33
N GLY D 391 53.29 -6.50 16.70
CA GLY D 391 54.19 -7.09 15.71
C GLY D 391 53.58 -8.15 14.81
N PHE D 392 52.58 -8.89 15.30
CA PHE D 392 52.13 -10.13 14.62
C PHE D 392 50.64 -10.42 14.58
N LEU D 393 50.03 -10.46 15.75
CA LEU D 393 48.62 -10.72 15.86
C LEU D 393 47.81 -9.67 15.15
N ALA D 394 48.16 -8.42 15.31
CA ALA D 394 47.40 -7.33 14.73
C ALA D 394 48.06 -6.84 13.44
N THR D 395 48.52 -7.80 12.63
CA THR D 395 48.99 -7.52 11.29
C THR D 395 48.42 -8.59 10.33
N CYS D 396 48.42 -8.33 9.03
CA CYS D 396 48.20 -9.37 8.02
C CYS D 396 49.13 -9.20 6.83
N ASN D 397 49.77 -10.30 6.40
CA ASN D 397 50.67 -10.30 5.26
C ASN D 397 50.09 -10.90 3.97
N ASN D 398 48.76 -10.91 3.83
CA ASN D 398 48.13 -11.20 2.54
C ASN D 398 48.12 -9.93 1.73
N LYS D 399 47.55 -9.94 0.52
CA LYS D 399 47.44 -8.73 -0.33
C LYS D 399 45.98 -8.27 -0.55
N GLY D 409 42.24 -6.03 3.66
CA GLY D 409 42.06 -6.05 2.20
C GLY D 409 41.16 -7.18 1.75
N SER D 410 41.75 -8.39 1.62
CA SER D 410 41.02 -9.62 1.25
C SER D 410 40.21 -10.10 2.46
N PRO D 411 39.08 -10.81 2.23
CA PRO D 411 38.12 -10.99 3.32
C PRO D 411 38.62 -11.85 4.52
N PRO D 412 37.87 -11.82 5.63
CA PRO D 412 38.03 -12.78 6.70
C PRO D 412 37.98 -14.20 6.17
N GLY D 413 38.64 -15.13 6.88
CA GLY D 413 38.61 -16.56 6.54
C GLY D 413 39.62 -17.04 5.54
N THR D 414 40.37 -16.10 4.97
CA THR D 414 41.21 -16.38 3.84
C THR D 414 42.63 -16.71 4.24
N VAL D 415 42.99 -17.98 4.06
CA VAL D 415 44.37 -18.44 4.15
C VAL D 415 45.06 -18.24 2.82
N THR D 416 46.26 -17.68 2.83
CA THR D 416 47.08 -17.57 1.65
C THR D 416 48.48 -18.05 1.98
N THR D 417 49.37 -18.00 1.01
CA THR D 417 50.72 -18.50 1.19
C THR D 417 51.58 -17.49 1.94
N GLN D 418 51.05 -16.30 2.20
CA GLN D 418 51.76 -15.37 3.06
C GLN D 418 50.96 -15.08 4.36
N THR D 419 49.93 -15.88 4.62
CA THR D 419 49.16 -15.73 5.86
C THR D 419 50.00 -16.05 7.08
N PHE D 420 50.85 -17.05 6.96
CA PHE D 420 51.66 -17.43 8.09
C PHE D 420 52.36 -16.25 8.78
N ALA D 421 52.54 -16.40 10.09
CA ALA D 421 53.34 -15.49 10.89
C ALA D 421 52.71 -14.12 10.97
N SER D 422 51.43 -14.07 10.68
CA SER D 422 50.66 -12.88 10.89
C SER D 422 49.25 -13.28 11.31
N GLY D 423 48.58 -12.40 12.04
CA GLY D 423 47.20 -12.67 12.48
C GLY D 423 46.20 -12.92 11.36
N CYS D 424 46.18 -12.06 10.37
CA CYS D 424 45.18 -12.17 9.31
C CYS D 424 43.76 -12.50 9.81
N ALA D 425 43.30 -11.68 10.73
CA ALA D 425 41.99 -11.82 11.30
C ALA D 425 41.46 -10.52 11.88
N TYR D 426 41.82 -9.38 11.28
CA TYR D 426 41.18 -8.09 11.57
C TYR D 426 41.17 -7.65 13.06
N VAL D 427 42.21 -8.02 13.79
CA VAL D 427 42.23 -7.77 15.22
C VAL D 427 42.19 -6.29 15.57
N GLU D 428 42.99 -5.50 14.87
CA GLU D 428 42.99 -4.05 15.01
C GLU D 428 41.74 -3.35 14.52
N GLN D 429 41.18 -3.83 13.43
CA GLN D 429 39.95 -3.25 12.95
C GLN D 429 38.88 -3.60 13.99
N THR D 430 38.89 -4.82 14.49
CA THR D 430 37.89 -5.17 15.48
C THR D 430 38.04 -4.32 16.77
N ILE D 431 39.27 -4.04 17.18
CA ILE D 431 39.43 -3.19 18.34
C ILE D 431 38.90 -1.79 18.10
N THR D 432 39.28 -1.19 16.99
CA THR D 432 38.76 0.11 16.65
C THR D 432 37.23 0.14 16.59
N ASN D 433 36.62 -0.91 16.02
CA ASN D 433 35.15 -0.93 15.87
C ASN D 433 34.45 -1.13 17.18
N LEU D 434 35.06 -1.95 18.04
CA LEU D 434 34.65 -2.03 19.43
C LEU D 434 34.58 -0.64 20.10
N ASN D 435 35.65 0.14 19.93
CA ASN D 435 35.72 1.44 20.52
C ASN D 435 34.72 2.34 19.84
N ASN D 436 34.59 2.20 18.54
CA ASN D 436 33.58 3.04 17.89
C ASN D 436 32.18 2.71 18.40
N SER D 437 31.92 1.42 18.61
CA SER D 437 30.57 1.01 18.98
C SER D 437 30.27 1.51 20.39
N ILE D 438 31.25 1.46 21.26
CA ILE D 438 31.08 1.96 22.62
C ILE D 438 30.89 3.48 22.69
N ALA D 439 31.70 4.24 21.97
CA ALA D 439 31.47 5.68 21.84
C ALA D 439 30.05 6.01 21.42
N HIS D 440 29.53 5.22 20.48
CA HIS D 440 28.17 5.46 19.97
C HIS D 440 27.09 4.89 20.85
N PHE D 441 27.50 4.28 21.97
CA PHE D 441 26.60 3.78 22.99
C PHE D 441 26.54 4.68 24.21
N GLY D 442 27.09 5.88 24.13
CA GLY D 442 26.96 6.83 25.21
C GLY D 442 25.59 7.00 25.82
N THR D 443 24.60 7.35 25.02
CA THR D 443 23.24 7.61 25.52
C THR D 443 22.64 6.35 26.12
N GLN D 444 22.66 5.27 25.35
CA GLN D 444 22.05 4.01 25.75
C GLN D 444 22.58 3.61 27.10
N GLU D 445 23.89 3.73 27.25
CA GLU D 445 24.53 3.47 28.53
C GLU D 445 23.94 4.27 29.67
N GLN D 446 23.65 5.55 29.47
CA GLN D 446 23.02 6.31 30.56
C GLN D 446 21.58 5.86 30.80
N GLN D 447 20.89 5.53 29.71
CA GLN D 447 19.53 5.03 29.81
C GLN D 447 19.46 3.72 30.57
N ILE D 448 20.37 2.82 30.29
CA ILE D 448 20.41 1.57 31.02
C ILE D 448 20.61 1.82 32.51
N GLN D 449 21.57 2.69 32.82
CA GLN D 449 21.85 3.09 34.18
C GLN D 449 20.64 3.68 34.85
N GLN D 450 19.94 4.56 34.13
CA GLN D 450 18.75 5.20 34.71
C GLN D 450 17.66 4.15 34.96
N ALA D 451 17.47 3.22 34.04
CA ALA D 451 16.54 2.11 34.26
C ALA D 451 16.96 1.24 35.43
N GLU D 452 18.26 0.94 35.53
CA GLU D 452 18.76 0.14 36.63
C GLU D 452 18.38 0.82 37.96
N ASN D 453 18.66 2.11 38.03
CA ASN D 453 18.33 2.89 39.22
C ASN D 453 16.83 3.01 39.52
N ILE D 454 16.01 3.12 38.48
CA ILE D 454 14.58 3.21 38.68
C ILE D 454 14.07 1.87 39.20
N ALA D 455 14.36 0.80 38.49
CA ALA D 455 13.92 -0.51 38.95
C ALA D 455 14.39 -0.70 40.35
N ASP D 456 15.64 -0.31 40.62
CA ASP D 456 16.23 -0.55 41.92
C ASP D 456 15.51 0.19 43.00
N THR D 457 15.04 1.39 42.71
CA THR D 457 14.26 2.15 43.69
C THR D 457 12.95 1.45 43.98
N LEU D 458 12.27 1.01 42.93
CA LEU D 458 11.00 0.33 43.06
C LEU D 458 11.15 -0.99 43.75
N VAL D 459 12.22 -1.70 43.47
CA VAL D 459 12.43 -2.98 44.16
C VAL D 459 12.46 -2.79 45.66
N ASN D 460 13.33 -1.88 46.06
CA ASN D 460 13.47 -1.46 47.44
C ASN D 460 12.15 -1.01 48.10
N PHE D 461 11.33 -0.26 47.37
CA PHE D 461 10.02 0.15 47.92
C PHE D 461 9.08 -1.01 48.16
N GLY D 462 9.03 -1.93 47.20
CA GLY D 462 8.12 -3.06 47.26
C GLY D 462 8.60 -4.22 48.11
N SER D 463 9.57 -3.99 48.99
CA SER D 463 10.17 -5.05 49.81
C SER D 463 9.90 -4.81 51.30
N HIS D 464 8.88 -3.98 51.61
CA HIS D 464 8.65 -3.50 52.99
C HIS D 464 7.35 -4.05 53.60
N VAL E 2 5.41 24.93 -32.02
CA VAL E 2 6.79 25.07 -32.49
C VAL E 2 6.87 25.25 -34.02
N GLN E 3 6.57 26.46 -34.47
CA GLN E 3 6.87 26.92 -35.83
C GLN E 3 6.97 28.45 -35.76
N LEU E 4 7.79 29.01 -36.63
CA LEU E 4 8.12 30.39 -36.60
C LEU E 4 8.22 30.81 -38.02
N GLN E 5 7.46 31.84 -38.39
CA GLN E 5 7.40 32.26 -39.76
C GLN E 5 7.29 33.76 -39.89
N GLU E 6 8.37 34.34 -40.40
CA GLU E 6 8.50 35.76 -40.60
C GLU E 6 8.21 36.13 -42.07
N SER E 7 7.66 37.31 -42.26
CA SER E 7 7.33 37.80 -43.59
C SER E 7 7.29 39.32 -43.48
N GLY E 8 7.17 40.02 -44.59
CA GLY E 8 6.97 41.46 -44.54
C GLY E 8 8.17 42.31 -44.93
N GLY E 9 9.33 41.69 -45.02
CA GLY E 9 10.55 42.41 -45.35
C GLY E 9 10.71 42.67 -46.84
N GLY E 10 11.65 43.55 -47.15
CA GLY E 10 11.96 43.91 -48.50
C GLY E 10 13.12 44.87 -48.60
N LEU E 11 13.18 45.57 -49.72
CA LEU E 11 14.21 46.55 -49.99
C LEU E 11 13.62 47.97 -49.85
N VAL E 12 14.31 48.87 -49.16
CA VAL E 12 13.84 50.26 -48.98
C VAL E 12 14.95 51.29 -49.01
N GLN E 13 14.51 52.54 -49.21
CA GLN E 13 15.38 53.68 -49.26
C GLN E 13 15.47 54.16 -47.81
N PRO E 14 16.49 54.96 -47.49
CA PRO E 14 16.59 55.27 -46.07
C PRO E 14 15.57 56.31 -45.65
N GLY E 15 15.04 56.11 -44.46
CA GLY E 15 13.90 56.88 -43.98
C GLY E 15 12.65 56.07 -44.17
N GLY E 16 12.75 54.98 -44.94
CA GLY E 16 11.62 54.09 -45.14
C GLY E 16 11.14 53.40 -43.87
N SER E 17 9.93 52.85 -43.95
CA SER E 17 9.45 52.02 -42.86
C SER E 17 9.03 50.64 -43.37
N LEU E 18 8.84 49.66 -42.48
CA LEU E 18 8.36 48.32 -42.86
C LEU E 18 7.60 47.70 -41.72
N ARG E 19 6.67 46.81 -42.02
CA ARG E 19 6.01 46.05 -40.97
C ARG E 19 6.30 44.56 -41.06
N LEU E 20 7.16 44.08 -40.15
CA LEU E 20 7.49 42.66 -40.12
C LEU E 20 6.40 41.93 -39.37
N SER E 21 6.10 40.71 -39.79
CA SER E 21 5.13 39.84 -39.14
C SER E 21 5.76 38.49 -38.81
N CYS E 22 5.29 37.88 -37.73
CA CYS E 22 5.68 36.53 -37.41
C CYS E 22 4.47 35.80 -36.92
N ALA E 23 4.09 34.75 -37.64
CA ALA E 23 3.12 33.78 -37.14
C ALA E 23 3.88 32.80 -36.28
N ALA E 24 3.51 32.71 -35.02
CA ALA E 24 4.10 31.71 -34.16
C ALA E 24 3.08 30.65 -33.74
N SER E 25 3.53 29.43 -33.56
CA SER E 25 2.66 28.42 -33.02
C SER E 25 2.31 28.85 -31.63
N GLY E 26 1.19 28.35 -31.13
CA GLY E 26 0.73 28.70 -29.80
C GLY E 26 1.62 28.16 -28.72
N SER E 27 2.29 27.05 -28.98
CA SER E 27 3.24 26.45 -28.04
C SER E 27 4.33 27.49 -27.78
N ILE E 28 4.84 28.06 -28.87
CA ILE E 28 5.86 29.08 -28.78
C ILE E 28 5.32 30.31 -28.09
N PHE E 29 4.16 30.77 -28.51
CA PHE E 29 3.76 32.15 -28.24
C PHE E 29 3.10 32.30 -26.91
N SER E 30 2.26 31.34 -26.59
CA SER E 30 1.27 31.54 -25.55
C SER E 30 1.90 31.62 -24.17
N GLY E 31 1.63 32.72 -23.48
CA GLY E 31 2.20 32.91 -22.17
C GLY E 31 3.68 33.18 -22.17
N ASN E 32 4.30 33.39 -23.34
CA ASN E 32 5.71 33.65 -23.42
C ASN E 32 6.10 35.05 -23.84
N VAL E 33 7.23 35.49 -23.34
CA VAL E 33 7.85 36.68 -23.85
C VAL E 33 8.24 36.31 -25.26
N MET E 34 7.94 37.19 -26.22
CA MET E 34 8.40 37.04 -27.60
C MET E 34 9.33 38.19 -27.95
N GLY E 35 10.11 37.99 -29.01
CA GLY E 35 11.09 38.97 -29.39
C GLY E 35 11.56 38.88 -30.82
N TRP E 36 12.20 39.96 -31.29
CA TRP E 36 12.76 40.02 -32.63
C TRP E 36 14.28 39.98 -32.57
N TYR E 37 14.86 39.44 -33.64
CA TYR E 37 16.31 39.36 -33.79
C TYR E 37 16.70 39.72 -35.22
N ARG E 38 17.94 40.13 -35.42
CA ARG E 38 18.45 40.32 -36.78
C ARG E 38 19.86 39.84 -36.87
N GLN E 39 20.28 39.50 -38.07
CA GLN E 39 21.60 38.99 -38.33
C GLN E 39 22.17 39.70 -39.56
N ALA E 40 23.07 40.66 -39.32
CA ALA E 40 23.69 41.41 -40.43
C ALA E 40 24.86 40.65 -41.06
N PRO E 41 25.21 40.98 -42.32
CA PRO E 41 26.37 40.27 -42.93
C PRO E 41 27.65 40.43 -42.07
N GLY E 42 28.39 39.34 -41.88
CA GLY E 42 29.58 39.38 -41.03
C GLY E 42 29.37 39.48 -39.52
N LYS E 43 28.13 39.39 -39.05
CA LYS E 43 27.85 39.41 -37.62
C LYS E 43 26.94 38.27 -37.24
N LEU E 44 26.83 38.07 -35.93
CA LEU E 44 26.01 37.04 -35.38
C LEU E 44 24.73 37.67 -34.88
N ARG E 45 23.70 36.84 -34.77
CA ARG E 45 22.39 37.29 -34.40
C ARG E 45 22.47 38.19 -33.20
N GLU E 46 21.76 39.30 -33.25
CA GLU E 46 21.75 40.29 -32.20
C GLU E 46 20.31 40.41 -31.81
N TRP E 47 20.03 40.52 -30.53
CA TRP E 47 18.65 40.70 -30.06
C TRP E 47 18.25 42.11 -30.33
N VAL E 48 17.01 42.29 -30.77
CA VAL E 48 16.52 43.63 -31.15
C VAL E 48 15.41 44.15 -30.25
N ALA E 49 14.48 43.31 -29.84
CA ALA E 49 13.37 43.76 -29.01
C ALA E 49 12.69 42.58 -28.40
N ALA E 50 11.82 42.85 -27.44
CA ALA E 50 11.08 41.85 -26.72
C ALA E 50 9.84 42.51 -26.18
N ILE E 51 8.88 41.68 -25.77
CA ILE E 51 7.58 42.16 -25.28
C ILE E 51 6.97 41.04 -24.47
N THR E 52 6.51 41.35 -23.26
CA THR E 52 6.00 40.32 -22.37
C THR E 52 4.61 39.89 -22.81
N PRO E 53 4.11 38.84 -22.21
CA PRO E 53 2.73 38.54 -22.56
C PRO E 53 1.72 39.64 -22.23
N GLN E 54 2.03 40.53 -21.28
CA GLN E 54 1.16 41.69 -20.98
C GLN E 54 1.40 42.91 -21.85
N GLY E 55 2.31 42.82 -22.79
CA GLY E 55 2.47 43.89 -23.73
C GLY E 55 3.54 44.89 -23.39
N VAL E 56 4.27 44.67 -22.30
CA VAL E 56 5.41 45.55 -21.97
C VAL E 56 6.56 45.31 -22.95
N PRO E 57 6.90 46.31 -23.78
CA PRO E 57 8.00 46.16 -24.76
C PRO E 57 9.31 46.64 -24.18
N ASN E 58 10.43 46.17 -24.72
CA ASN E 58 11.75 46.78 -24.47
C ASN E 58 12.61 46.54 -25.68
N TYR E 59 13.67 47.33 -25.82
CA TYR E 59 14.38 47.46 -27.08
C TYR E 59 15.86 47.51 -26.87
N ALA E 60 16.59 47.34 -27.94
CA ALA E 60 18.03 47.41 -27.91
C ALA E 60 18.39 48.85 -28.20
N ASP E 61 19.41 49.40 -27.57
CA ASP E 61 19.82 50.79 -27.80
C ASP E 61 19.91 51.11 -29.31
N SER E 62 20.47 50.19 -30.09
CA SER E 62 20.57 50.44 -31.55
C SER E 62 19.26 50.75 -32.27
N VAL E 63 18.10 50.47 -31.67
CA VAL E 63 16.80 50.71 -32.35
C VAL E 63 15.71 51.43 -31.54
N LYS E 64 15.98 51.77 -30.29
CA LYS E 64 15.00 52.45 -29.47
C LYS E 64 14.64 53.79 -30.06
N GLY E 65 13.33 54.06 -30.09
CA GLY E 65 12.83 55.30 -30.70
C GLY E 65 12.39 55.06 -32.12
N ARG E 66 13.03 54.12 -32.82
CA ARG E 66 12.69 53.87 -34.23
C ARG E 66 11.74 52.67 -34.46
N PHE E 67 11.85 51.65 -33.64
CA PHE E 67 11.13 50.38 -33.87
C PHE E 67 10.00 50.19 -32.86
N THR E 68 8.95 49.48 -33.21
CA THR E 68 7.92 49.19 -32.20
C THR E 68 7.51 47.75 -32.34
N ILE E 69 7.44 47.08 -31.19
CA ILE E 69 7.12 45.67 -31.14
C ILE E 69 5.76 45.53 -30.52
N SER E 70 4.94 44.67 -31.09
CA SER E 70 3.60 44.42 -30.53
C SER E 70 3.20 42.99 -30.78
N ARG E 71 2.17 42.54 -30.07
CA ARG E 71 1.72 41.17 -30.17
C ARG E 71 0.20 41.17 -30.18
N ASP E 72 -0.39 40.36 -31.03
CA ASP E 72 -1.80 40.07 -30.95
C ASP E 72 -2.02 38.74 -30.22
N ASN E 73 -2.40 38.82 -28.95
CA ASN E 73 -2.51 37.59 -28.14
C ASN E 73 -3.57 36.63 -28.61
N ALA E 74 -4.51 37.11 -29.42
CA ALA E 74 -5.61 36.29 -29.92
C ALA E 74 -5.24 35.55 -31.21
N LYS E 75 -4.23 36.06 -31.93
CA LYS E 75 -3.85 35.45 -33.20
C LYS E 75 -2.45 34.85 -33.22
N ASN E 76 -1.80 34.75 -32.06
CA ASN E 76 -0.42 34.25 -31.95
C ASN E 76 0.51 34.91 -32.95
N MET E 77 0.44 36.23 -33.01
CA MET E 77 1.09 36.98 -34.05
C MET E 77 1.98 37.99 -33.37
N LEU E 78 3.12 38.28 -34.01
CA LEU E 78 4.09 39.23 -33.50
C LEU E 78 4.52 40.17 -34.62
N TYR E 79 4.74 41.44 -34.31
CA TYR E 79 4.95 42.43 -35.35
C TYR E 79 6.07 43.33 -34.95
N LEU E 80 6.80 43.81 -35.94
CA LEU E 80 7.83 44.82 -35.73
C LEU E 80 7.57 45.93 -36.69
N GLN E 81 7.18 47.06 -36.15
CA GLN E 81 7.00 48.27 -36.92
C GLN E 81 8.33 48.96 -36.92
N MET E 82 8.91 49.13 -38.10
CA MET E 82 10.25 49.67 -38.26
C MET E 82 10.16 51.00 -38.98
N SER E 83 10.62 52.08 -38.35
CA SER E 83 10.72 53.41 -38.97
C SER E 83 12.14 53.87 -39.17
N SER E 84 12.31 54.99 -39.87
CA SER E 84 13.63 55.63 -39.99
C SER E 84 14.73 54.61 -40.15
N LEU E 85 14.68 53.89 -41.27
CA LEU E 85 15.62 52.81 -41.51
C LEU E 85 16.94 53.30 -42.10
N LYS E 86 18.03 52.98 -41.41
CA LYS E 86 19.38 53.25 -41.88
C LYS E 86 19.92 52.01 -42.58
N PRO E 87 20.92 52.18 -43.43
CA PRO E 87 21.65 51.05 -44.01
C PRO E 87 22.16 50.04 -42.98
N GLU E 88 22.46 50.51 -41.77
CA GLU E 88 22.90 49.67 -40.65
C GLU E 88 21.86 48.61 -40.22
N ASP E 89 20.59 48.83 -40.54
CA ASP E 89 19.56 47.87 -40.19
C ASP E 89 19.38 46.77 -41.23
N THR E 90 20.26 46.71 -42.22
CA THR E 90 20.16 45.65 -43.24
C THR E 90 20.50 44.30 -42.60
N ALA E 91 19.55 43.38 -42.62
CA ALA E 91 19.76 42.06 -42.03
C ALA E 91 18.58 41.12 -42.26
N LEU E 92 18.84 39.83 -42.08
CA LEU E 92 17.76 38.86 -41.96
C LEU E 92 17.13 39.06 -40.61
N TYR E 93 15.81 39.20 -40.57
CA TYR E 93 15.12 39.41 -39.31
C TYR E 93 14.43 38.12 -38.91
N TYR E 94 14.47 37.81 -37.61
CA TYR E 94 13.95 36.57 -37.07
C TYR E 94 13.14 36.85 -35.82
N CYS E 95 12.11 36.04 -35.61
CA CYS E 95 11.27 36.12 -34.44
C CYS E 95 11.40 34.82 -33.63
N ASN E 96 11.14 34.90 -32.33
CA ASN E 96 11.32 33.74 -31.45
C ASN E 96 10.83 34.11 -30.07
N ARG E 97 10.58 33.09 -29.26
CA ARG E 97 10.31 33.33 -27.87
C ARG E 97 11.60 33.52 -27.13
N LEU E 98 11.45 34.07 -25.91
CA LEU E 98 12.53 34.26 -24.95
C LEU E 98 12.27 33.50 -23.67
N PRO E 99 13.18 32.63 -23.26
CA PRO E 99 14.35 32.18 -23.99
C PRO E 99 13.95 31.47 -25.28
N ASN E 100 14.90 31.32 -26.19
CA ASN E 100 14.68 30.87 -27.55
C ASN E 100 14.33 29.40 -27.74
N TYR E 101 13.42 29.11 -28.67
CA TYR E 101 13.21 27.78 -29.18
C TYR E 101 14.40 27.55 -30.07
N ARG E 102 15.06 26.39 -29.97
CA ARG E 102 16.30 26.18 -30.68
C ARG E 102 16.20 25.99 -32.21
N SER E 103 15.02 25.81 -32.77
CA SER E 103 14.92 25.83 -34.23
C SER E 103 14.31 27.13 -34.74
N TRP E 104 15.14 27.92 -35.41
CA TRP E 104 14.72 29.19 -35.90
C TRP E 104 13.92 29.15 -37.21
N GLY E 105 13.05 30.11 -37.44
CA GLY E 105 12.33 30.17 -38.69
C GLY E 105 13.28 30.64 -39.77
N GLN E 106 12.73 30.75 -40.98
CA GLN E 106 13.46 31.17 -42.16
C GLN E 106 13.92 32.64 -42.08
N GLY E 107 13.24 33.46 -41.30
CA GLY E 107 13.58 34.87 -41.25
C GLY E 107 13.16 35.55 -42.54
N THR E 108 13.20 36.89 -42.52
CA THR E 108 12.77 37.74 -43.66
C THR E 108 13.83 38.80 -43.92
N GLN E 109 14.20 38.96 -45.17
CA GLN E 109 15.34 39.80 -45.51
C GLN E 109 14.90 41.26 -45.54
N VAL E 110 15.62 42.10 -44.81
CA VAL E 110 15.44 43.53 -44.89
C VAL E 110 16.73 44.12 -45.43
N THR E 111 16.63 44.85 -46.52
CA THR E 111 17.77 45.49 -47.15
C THR E 111 17.48 46.99 -47.26
N VAL E 112 18.33 47.82 -46.68
CA VAL E 112 18.22 49.28 -46.79
C VAL E 112 19.38 49.84 -47.61
N SER E 113 19.09 50.60 -48.67
CA SER E 113 20.16 51.22 -49.48
C SER E 113 19.62 52.35 -50.30
N SER E 114 20.44 53.38 -50.47
CA SER E 114 20.08 54.78 -50.92
C SER E 114 19.32 55.01 -52.26
N HIS E 115 19.11 56.27 -52.65
CA HIS E 115 18.52 56.70 -53.97
C HIS E 115 17.01 56.46 -54.03
N VAL F 2 -44.85 6.63 -36.78
CA VAL F 2 -43.74 6.35 -37.74
C VAL F 2 -42.95 7.66 -37.98
N GLN F 3 -43.46 8.55 -38.84
CA GLN F 3 -42.60 9.40 -39.69
C GLN F 3 -42.75 10.95 -39.69
N LEU F 4 -41.97 11.57 -40.58
CA LEU F 4 -41.81 13.01 -40.71
C LEU F 4 -41.74 13.41 -42.19
N GLN F 5 -42.45 14.46 -42.56
CA GLN F 5 -42.53 14.82 -43.95
C GLN F 5 -42.64 16.29 -44.11
N GLU F 6 -41.55 16.88 -44.53
CA GLU F 6 -41.47 18.31 -44.65
C GLU F 6 -41.85 18.60 -46.09
N SER F 7 -42.50 19.73 -46.34
CA SER F 7 -42.75 20.22 -47.71
C SER F 7 -42.78 21.74 -47.70
N GLY F 8 -42.83 22.35 -48.87
CA GLY F 8 -43.05 23.79 -48.97
C GLY F 8 -41.80 24.64 -49.04
N GLY F 9 -40.70 24.02 -49.43
CA GLY F 9 -39.47 24.76 -49.72
C GLY F 9 -39.48 25.28 -51.14
N GLY F 10 -38.33 25.74 -51.62
CA GLY F 10 -38.24 26.28 -52.97
C GLY F 10 -37.18 27.34 -53.08
N LEU F 11 -37.06 27.93 -54.27
CA LEU F 11 -36.05 28.95 -54.53
C LEU F 11 -36.68 30.33 -54.35
N VAL F 12 -35.99 31.23 -53.65
CA VAL F 12 -36.47 32.63 -53.52
C VAL F 12 -35.34 33.64 -53.53
N GLN F 13 -35.72 34.90 -53.59
CA GLN F 13 -34.79 36.02 -53.64
C GLN F 13 -34.63 36.62 -52.26
N PRO F 14 -33.57 37.39 -52.05
CA PRO F 14 -33.40 37.90 -50.71
C PRO F 14 -34.53 38.83 -50.32
N GLY F 15 -34.91 38.79 -49.04
CA GLY F 15 -36.07 39.50 -48.53
C GLY F 15 -37.34 38.68 -48.67
N GLY F 16 -37.23 37.52 -49.32
CA GLY F 16 -38.37 36.71 -49.67
C GLY F 16 -38.92 36.02 -48.46
N SER F 17 -39.86 35.11 -48.67
CA SER F 17 -40.65 34.59 -47.57
C SER F 17 -41.32 33.24 -47.93
N LEU F 18 -41.34 32.28 -46.99
CA LEU F 18 -41.78 30.89 -47.26
C LEU F 18 -42.45 30.26 -46.06
N ARG F 19 -43.39 29.36 -46.30
CA ARG F 19 -44.07 28.64 -45.24
C ARG F 19 -43.76 27.15 -45.38
N LEU F 20 -42.96 26.62 -44.47
CA LEU F 20 -42.66 25.20 -44.50
C LEU F 20 -43.69 24.46 -43.69
N SER F 21 -44.00 23.25 -44.14
CA SER F 21 -44.93 22.38 -43.44
C SER F 21 -44.21 21.10 -43.09
N CYS F 22 -44.68 20.49 -42.01
CA CYS F 22 -44.21 19.19 -41.65
C CYS F 22 -45.39 18.43 -41.11
N ALA F 23 -45.77 17.40 -41.82
CA ALA F 23 -46.79 16.51 -41.29
C ALA F 23 -46.12 15.38 -40.50
N ALA F 24 -46.43 15.33 -39.22
CA ALA F 24 -45.87 14.35 -38.34
C ALA F 24 -46.92 13.31 -37.93
N SER F 25 -46.47 12.11 -37.61
CA SER F 25 -47.29 11.09 -37.02
C SER F 25 -47.56 11.47 -35.58
N GLY F 26 -48.62 10.89 -35.01
CA GLY F 26 -49.07 11.19 -33.65
C GLY F 26 -48.10 10.73 -32.56
N SER F 27 -47.46 9.59 -32.76
CA SER F 27 -46.56 9.13 -31.73
C SER F 27 -45.34 10.10 -31.63
N ILE F 28 -44.92 10.69 -32.74
CA ILE F 28 -43.89 11.73 -32.72
C ILE F 28 -44.37 13.03 -32.10
N PHE F 29 -45.62 13.36 -32.34
CA PHE F 29 -46.08 14.72 -32.17
C PHE F 29 -46.83 14.94 -30.85
N SER F 30 -47.66 13.97 -30.48
CA SER F 30 -48.56 14.15 -29.35
C SER F 30 -47.79 14.28 -28.05
N GLY F 31 -47.91 15.46 -27.45
CA GLY F 31 -47.33 15.69 -26.16
C GLY F 31 -45.84 16.04 -26.24
N ASN F 32 -45.29 16.17 -27.44
CA ASN F 32 -43.88 16.49 -27.57
C ASN F 32 -43.60 17.90 -27.94
N VAL F 33 -42.43 18.35 -27.53
CA VAL F 33 -41.85 19.56 -28.01
C VAL F 33 -41.50 19.19 -29.44
N MET F 34 -41.79 20.08 -30.41
CA MET F 34 -41.39 19.91 -31.81
C MET F 34 -40.51 21.09 -32.25
N GLY F 35 -39.72 20.85 -33.29
CA GLY F 35 -38.80 21.88 -33.73
C GLY F 35 -38.38 21.74 -35.17
N TRP F 36 -37.71 22.80 -35.65
CA TRP F 36 -37.15 22.84 -37.00
C TRP F 36 -35.63 22.89 -36.96
N TYR F 37 -35.06 22.23 -37.95
CA TYR F 37 -33.65 22.07 -38.09
C TYR F 37 -33.29 22.38 -39.52
N ARG F 38 -32.05 22.75 -39.76
CA ARG F 38 -31.57 22.90 -41.13
C ARG F 38 -30.11 22.54 -41.23
N GLN F 39 -29.73 21.94 -42.36
CA GLN F 39 -28.37 21.51 -42.68
C GLN F 39 -27.92 22.21 -43.99
N ALA F 40 -26.90 23.03 -43.87
CA ALA F 40 -26.31 23.74 -45.00
C ALA F 40 -25.15 22.97 -45.65
N PRO F 41 -24.82 23.31 -46.90
CA PRO F 41 -23.62 22.81 -47.57
C PRO F 41 -22.39 22.74 -46.67
N GLY F 42 -21.72 21.57 -46.65
CA GLY F 42 -20.53 21.36 -45.81
C GLY F 42 -20.67 21.68 -44.32
N LYS F 43 -21.88 21.52 -43.78
CA LYS F 43 -22.11 21.80 -42.37
C LYS F 43 -23.04 20.76 -41.79
N LEU F 44 -23.13 20.72 -40.48
CA LEU F 44 -23.89 19.69 -39.81
C LEU F 44 -25.19 20.31 -39.38
N ARG F 45 -26.17 19.47 -39.16
CA ARG F 45 -27.49 19.95 -38.83
C ARG F 45 -27.45 21.04 -37.73
N GLU F 46 -28.18 22.13 -37.97
CA GLU F 46 -28.30 23.26 -37.06
C GLU F 46 -29.74 23.37 -36.59
N TRP F 47 -29.95 23.48 -35.29
CA TRP F 47 -31.27 23.69 -34.70
C TRP F 47 -31.71 25.13 -34.95
N VAL F 48 -32.97 25.32 -35.32
CA VAL F 48 -33.45 26.63 -35.72
C VAL F 48 -34.53 27.18 -34.80
N ALA F 49 -35.52 26.34 -34.45
CA ALA F 49 -36.58 26.76 -33.55
C ALA F 49 -37.21 25.59 -32.87
N ALA F 50 -37.99 25.86 -31.83
CA ALA F 50 -38.75 24.82 -31.13
C ALA F 50 -40.07 25.37 -30.61
N ILE F 51 -40.99 24.47 -30.28
CA ILE F 51 -42.29 24.89 -29.75
C ILE F 51 -42.86 23.79 -28.88
N THR F 52 -43.27 24.13 -27.67
CA THR F 52 -43.78 23.13 -26.72
C THR F 52 -45.20 22.82 -27.05
N PRO F 53 -45.76 21.78 -26.42
CA PRO F 53 -47.17 21.49 -26.73
C PRO F 53 -48.12 22.64 -26.40
N GLN F 54 -47.86 23.43 -25.35
CA GLN F 54 -48.71 24.59 -25.04
C GLN F 54 -48.58 25.73 -26.03
N GLY F 55 -47.64 25.63 -26.95
CA GLY F 55 -47.46 26.64 -27.99
C GLY F 55 -46.38 27.68 -27.72
N VAL F 56 -45.50 27.48 -26.76
CA VAL F 56 -44.45 28.45 -26.52
C VAL F 56 -43.29 28.15 -27.46
N PRO F 57 -42.88 29.12 -28.27
CA PRO F 57 -41.77 29.01 -29.19
C PRO F 57 -40.49 29.65 -28.68
N ASN F 58 -39.36 29.21 -29.23
CA ASN F 58 -38.02 29.78 -28.99
C ASN F 58 -37.18 29.50 -30.21
N TYR F 59 -36.10 30.28 -30.40
CA TYR F 59 -35.36 30.33 -31.68
C TYR F 59 -33.85 30.48 -31.51
N ALA F 60 -33.07 30.04 -32.49
CA ALA F 60 -31.64 30.34 -32.47
C ALA F 60 -31.45 31.80 -32.86
N ASP F 61 -30.42 32.44 -32.32
CA ASP F 61 -30.16 33.83 -32.64
C ASP F 61 -30.12 34.08 -34.14
N SER F 62 -29.54 33.17 -34.90
CA SER F 62 -29.47 33.35 -36.36
C SER F 62 -30.80 33.59 -37.06
N VAL F 63 -31.92 33.17 -36.46
CA VAL F 63 -33.24 33.45 -37.06
C VAL F 63 -34.23 34.27 -36.21
N LYS F 64 -33.85 34.69 -35.01
CA LYS F 64 -34.80 35.35 -34.13
C LYS F 64 -35.25 36.56 -34.87
N GLY F 65 -36.52 36.94 -34.68
CA GLY F 65 -37.11 38.10 -35.34
C GLY F 65 -37.67 37.85 -36.73
N ARG F 66 -37.26 36.75 -37.36
CA ARG F 66 -37.57 36.50 -38.76
C ARG F 66 -38.42 35.28 -39.00
N PHE F 67 -38.21 34.21 -38.23
CA PHE F 67 -39.05 33.02 -38.39
C PHE F 67 -40.06 32.92 -37.27
N THR F 68 -41.06 32.10 -37.48
CA THR F 68 -42.12 31.93 -36.50
C THR F 68 -42.55 30.50 -36.61
N ILE F 69 -42.34 29.74 -35.56
CA ILE F 69 -42.79 28.38 -35.53
C ILE F 69 -44.20 28.33 -34.97
N SER F 70 -45.00 27.38 -35.43
CA SER F 70 -46.33 27.16 -34.88
C SER F 70 -46.69 25.70 -35.07
N ARG F 71 -47.77 25.27 -34.44
CA ARG F 71 -48.17 23.87 -34.53
C ARG F 71 -49.66 23.78 -34.45
N ASP F 72 -50.23 22.86 -35.20
CA ASP F 72 -51.64 22.59 -35.10
C ASP F 72 -51.83 21.28 -34.33
N ASN F 73 -52.24 21.35 -33.07
CA ASN F 73 -52.37 20.11 -32.32
C ASN F 73 -53.53 19.25 -32.78
N ALA F 74 -54.58 19.86 -33.31
CA ALA F 74 -55.66 19.11 -33.96
C ALA F 74 -55.15 18.28 -35.16
N LYS F 75 -54.11 18.74 -35.86
CA LYS F 75 -53.73 18.13 -37.14
C LYS F 75 -52.34 17.49 -37.22
N ASN F 76 -51.58 17.52 -36.12
CA ASN F 76 -50.18 17.00 -36.09
C ASN F 76 -49.31 17.64 -37.13
N MET F 77 -49.39 18.96 -37.22
CA MET F 77 -48.69 19.72 -38.23
C MET F 77 -47.80 20.71 -37.54
N LEU F 78 -46.63 20.88 -38.09
CA LEU F 78 -45.74 21.90 -37.65
C LEU F 78 -45.48 22.80 -38.84
N TYR F 79 -45.25 24.07 -38.57
CA TYR F 79 -45.04 25.02 -39.61
C TYR F 79 -43.89 25.92 -39.18
N LEU F 80 -43.13 26.35 -40.17
CA LEU F 80 -42.13 27.39 -40.03
C LEU F 80 -42.40 28.49 -41.06
N GLN F 81 -42.80 29.66 -40.56
CA GLN F 81 -43.04 30.85 -41.39
C GLN F 81 -41.72 31.64 -41.47
N MET F 82 -41.13 31.73 -42.67
CA MET F 82 -39.86 32.45 -42.88
C MET F 82 -40.05 33.84 -43.50
N SER F 83 -39.30 34.83 -43.00
CA SER F 83 -39.28 36.19 -43.57
C SER F 83 -37.86 36.68 -43.79
N SER F 84 -37.73 37.68 -44.65
CA SER F 84 -36.46 38.33 -44.84
C SER F 84 -35.38 37.28 -45.04
N LEU F 85 -35.65 36.32 -45.92
CA LEU F 85 -34.69 35.26 -46.19
C LEU F 85 -33.40 35.81 -46.82
N LYS F 86 -32.26 35.25 -46.43
CA LYS F 86 -30.95 35.72 -46.88
C LYS F 86 -30.24 34.52 -47.45
N PRO F 87 -29.17 34.75 -48.19
CA PRO F 87 -28.43 33.60 -48.74
C PRO F 87 -27.91 32.65 -47.67
N GLU F 88 -27.33 33.20 -46.61
CA GLU F 88 -27.01 32.43 -45.41
C GLU F 88 -28.08 31.40 -44.99
N ASP F 89 -29.35 31.61 -45.35
CA ASP F 89 -30.44 30.70 -44.95
C ASP F 89 -30.68 29.48 -45.85
N THR F 90 -29.89 29.34 -46.88
CA THR F 90 -29.94 28.19 -47.75
C THR F 90 -29.58 26.92 -47.00
N ALA F 91 -30.50 25.96 -47.04
CA ALA F 91 -30.30 24.66 -46.44
C ALA F 91 -31.47 23.72 -46.72
N LEU F 92 -31.30 22.46 -46.37
CA LEU F 92 -32.42 21.53 -46.27
C LEU F 92 -32.98 21.69 -44.88
N TYR F 93 -34.29 21.85 -44.80
CA TYR F 93 -34.92 22.08 -43.54
C TYR F 93 -35.66 20.81 -43.21
N TYR F 94 -35.50 20.37 -41.96
CA TYR F 94 -36.11 19.14 -41.43
C TYR F 94 -36.83 19.47 -40.15
N CYS F 95 -37.92 18.77 -39.92
CA CYS F 95 -38.69 18.93 -38.73
C CYS F 95 -38.41 17.66 -37.96
N ASN F 96 -38.64 17.71 -36.66
CA ASN F 96 -38.45 16.55 -35.77
C ASN F 96 -38.95 16.97 -34.40
N ARG F 97 -39.17 15.98 -33.54
CA ARG F 97 -39.47 16.24 -32.14
C ARG F 97 -38.19 16.46 -31.39
N LEU F 98 -38.32 16.93 -30.15
CA LEU F 98 -37.19 17.12 -29.26
C LEU F 98 -37.47 16.42 -27.95
N PRO F 99 -36.56 15.55 -27.50
CA PRO F 99 -35.34 15.11 -28.21
C PRO F 99 -35.68 14.36 -29.49
N ASN F 100 -34.74 14.28 -30.42
CA ASN F 100 -35.06 13.84 -31.76
C ASN F 100 -35.42 12.38 -31.85
N TYR F 101 -36.36 12.05 -32.73
CA TYR F 101 -36.54 10.67 -33.20
C TYR F 101 -35.32 10.31 -34.03
N ARG F 102 -34.79 9.11 -33.88
CA ARG F 102 -33.49 8.80 -34.51
C ARG F 102 -33.43 8.77 -36.07
N SER F 103 -34.57 8.61 -36.77
CA SER F 103 -34.61 8.67 -38.23
C SER F 103 -35.32 9.92 -38.69
N TRP F 104 -34.78 10.57 -39.70
CA TRP F 104 -35.17 11.91 -40.06
C TRP F 104 -35.98 11.88 -41.34
N GLY F 105 -36.78 12.91 -41.58
CA GLY F 105 -37.47 13.01 -42.86
C GLY F 105 -36.53 13.38 -43.97
N GLN F 106 -37.08 13.44 -45.20
CA GLN F 106 -36.33 13.82 -46.39
C GLN F 106 -35.97 15.30 -46.45
N GLY F 107 -36.75 16.13 -45.79
CA GLY F 107 -36.48 17.56 -45.74
C GLY F 107 -37.15 18.29 -46.89
N THR F 108 -36.81 19.56 -47.02
CA THR F 108 -37.35 20.34 -48.09
C THR F 108 -36.34 21.43 -48.34
N GLN F 109 -35.82 21.47 -49.57
CA GLN F 109 -34.73 22.38 -49.92
C GLN F 109 -35.22 23.81 -49.97
N VAL F 110 -34.40 24.69 -49.40
CA VAL F 110 -34.66 26.10 -49.44
C VAL F 110 -33.41 26.80 -49.90
N THR F 111 -33.55 27.54 -51.00
CA THR F 111 -32.44 28.21 -51.67
C THR F 111 -32.71 29.71 -51.81
N VAL F 112 -31.71 30.50 -51.43
CA VAL F 112 -31.85 31.95 -51.46
C VAL F 112 -30.68 32.59 -52.19
N SER F 113 -31.03 33.56 -53.06
CA SER F 113 -30.15 34.50 -53.80
C SER F 113 -30.69 34.42 -55.19
N SER F 114 -30.42 35.42 -56.06
CA SER F 114 -29.78 36.72 -55.74
C SER F 114 -30.44 37.95 -56.41
N HIS F 115 -31.59 37.73 -57.05
CA HIS F 115 -32.44 38.70 -57.81
C HIS F 115 -32.27 38.59 -59.32
N HIS F 116 -33.33 38.11 -59.96
CA HIS F 116 -33.35 37.81 -61.38
C HIS F 116 -34.36 38.70 -62.06
N VAL G 2 -0.32 -19.20 18.41
CA VAL G 2 -0.63 -18.86 19.82
C VAL G 2 -1.68 -17.76 19.82
N GLN G 3 -1.43 -16.67 19.06
CA GLN G 3 -2.24 -15.49 19.16
C GLN G 3 -2.42 -14.61 17.92
N LEU G 4 -3.32 -13.67 18.12
CA LEU G 4 -3.81 -12.81 17.11
C LEU G 4 -3.98 -11.44 17.78
N GLN G 5 -3.54 -10.41 17.08
CA GLN G 5 -3.63 -9.06 17.59
C GLN G 5 -3.97 -8.17 16.43
N GLU G 6 -5.17 -7.60 16.43
CA GLU G 6 -5.58 -6.79 15.32
C GLU G 6 -5.33 -5.33 15.71
N SER G 7 -5.11 -4.46 14.73
CA SER G 7 -5.01 -3.01 14.97
C SER G 7 -5.35 -2.34 13.66
N GLY G 8 -5.42 -1.02 13.66
CA GLY G 8 -5.61 -0.30 12.40
C GLY G 8 -6.87 0.50 12.37
N GLY G 9 -7.76 0.16 13.28
CA GLY G 9 -9.11 0.67 13.24
C GLY G 9 -9.23 2.04 13.82
N GLY G 10 -10.45 2.55 13.80
CA GLY G 10 -10.77 3.91 14.14
C GLY G 10 -12.10 4.27 13.50
N LEU G 11 -12.53 5.51 13.71
CA LEU G 11 -13.77 6.04 13.22
C LEU G 11 -13.43 6.89 12.01
N VAL G 12 -14.15 6.71 10.91
CA VAL G 12 -13.96 7.49 9.74
C VAL G 12 -15.29 7.96 9.18
N GLN G 13 -15.23 9.01 8.37
CA GLN G 13 -16.40 9.44 7.63
C GLN G 13 -16.63 8.48 6.46
N PRO G 14 -17.90 8.33 6.04
CA PRO G 14 -18.24 7.54 4.86
C PRO G 14 -17.43 7.99 3.66
N GLY G 15 -17.06 7.03 2.82
CA GLY G 15 -16.21 7.31 1.64
C GLY G 15 -14.75 7.03 1.98
N GLY G 16 -14.46 6.93 3.29
CA GLY G 16 -13.09 6.95 3.77
C GLY G 16 -12.41 5.61 3.66
N SER G 17 -11.24 5.52 4.23
CA SER G 17 -10.44 4.33 4.05
C SER G 17 -9.53 4.06 5.27
N LEU G 18 -9.26 2.78 5.58
CA LEU G 18 -8.35 2.33 6.67
C LEU G 18 -7.53 1.09 6.25
N ARG G 19 -6.41 0.87 6.90
CA ARG G 19 -5.68 -0.34 6.69
C ARG G 19 -5.66 -1.07 8.00
N LEU G 20 -6.27 -2.25 8.05
CA LEU G 20 -6.18 -3.03 9.26
C LEU G 20 -5.01 -3.96 9.12
N SER G 21 -4.44 -4.30 10.25
CA SER G 21 -3.29 -5.16 10.30
C SER G 21 -3.59 -6.28 11.25
N CYS G 22 -3.03 -7.44 11.01
CA CYS G 22 -3.10 -8.46 12.01
C CYS G 22 -1.77 -9.16 12.15
N ALA G 23 -1.27 -9.18 13.40
CA ALA G 23 -0.01 -9.82 13.73
C ALA G 23 -0.39 -11.14 14.29
N ALA G 24 0.01 -12.20 13.59
CA ALA G 24 -0.33 -13.54 14.04
C ALA G 24 0.92 -14.36 14.25
N SER G 25 0.81 -15.31 15.16
CA SER G 25 1.92 -16.20 15.43
C SER G 25 2.13 -17.12 14.24
N GLY G 26 3.35 -17.60 14.09
CA GLY G 26 3.71 -18.57 13.08
C GLY G 26 2.84 -19.81 13.03
N SER G 27 2.40 -20.35 14.17
CA SER G 27 1.70 -21.62 14.08
C SER G 27 0.34 -21.45 13.41
N ILE G 28 -0.30 -20.31 13.68
CA ILE G 28 -1.56 -19.90 13.03
C ILE G 28 -1.30 -19.66 11.57
N PHE G 29 -0.28 -18.87 11.28
CA PHE G 29 -0.17 -18.31 9.96
C PHE G 29 0.44 -19.26 8.95
N SER G 30 1.51 -19.92 9.37
CA SER G 30 2.34 -20.67 8.42
C SER G 30 1.57 -21.78 7.71
N GLY G 31 1.38 -21.62 6.40
CA GLY G 31 0.78 -22.67 5.58
C GLY G 31 -0.72 -22.73 5.68
N ASN G 32 -1.32 -21.68 6.22
CA ASN G 32 -2.75 -21.61 6.46
C ASN G 32 -3.44 -20.46 5.75
N VAL G 33 -4.61 -20.80 5.23
CA VAL G 33 -5.55 -19.81 4.78
C VAL G 33 -5.77 -18.95 5.98
N MET G 34 -5.67 -17.66 5.78
CA MET G 34 -5.93 -16.62 6.80
C MET G 34 -7.05 -15.74 6.31
N GLY G 35 -7.82 -15.14 7.21
CA GLY G 35 -8.92 -14.28 6.77
C GLY G 35 -9.43 -13.33 7.81
N TRP G 36 -10.23 -12.36 7.36
CA TRP G 36 -10.85 -11.37 8.25
C TRP G 36 -12.32 -11.62 8.51
N TYR G 37 -12.76 -11.15 9.66
CA TYR G 37 -14.14 -11.32 10.12
C TYR G 37 -14.59 -10.04 10.75
N ARG G 38 -15.88 -9.87 10.91
CA ARG G 38 -16.38 -8.70 11.64
C ARG G 38 -17.64 -8.98 12.36
N GLN G 39 -17.81 -8.32 13.49
CA GLN G 39 -18.94 -8.52 14.35
C GLN G 39 -19.60 -7.17 14.59
N ALA G 40 -20.76 -6.99 13.97
CA ALA G 40 -21.54 -5.75 14.06
C ALA G 40 -22.58 -5.75 15.19
N PRO G 41 -22.94 -4.55 15.62
CA PRO G 41 -23.87 -4.43 16.74
C PRO G 41 -25.11 -5.25 16.54
N GLY G 42 -25.45 -6.07 17.53
CA GLY G 42 -26.65 -6.88 17.48
C GLY G 42 -26.57 -8.13 16.61
N LYS G 43 -25.42 -8.40 16.00
CA LYS G 43 -25.25 -9.58 15.15
C LYS G 43 -24.04 -10.43 15.55
N LEU G 44 -23.93 -11.58 14.92
CA LEU G 44 -22.84 -12.46 15.25
C LEU G 44 -21.76 -12.25 14.23
N ARG G 45 -20.60 -12.79 14.55
CA ARG G 45 -19.46 -12.69 13.70
C ARG G 45 -19.80 -13.10 12.25
N GLU G 46 -19.29 -12.36 11.29
CA GLU G 46 -19.58 -12.54 9.88
C GLU G 46 -18.21 -12.66 9.14
N TRP G 47 -18.04 -13.65 8.26
CA TRP G 47 -16.84 -13.75 7.45
C TRP G 47 -16.79 -12.66 6.39
N VAL G 48 -15.62 -12.06 6.18
CA VAL G 48 -15.46 -10.94 5.24
C VAL G 48 -14.51 -11.28 4.07
N ALA G 49 -13.39 -11.94 4.36
CA ALA G 49 -12.39 -12.24 3.33
C ALA G 49 -11.37 -13.25 3.80
N ALA G 50 -10.70 -13.87 2.82
CA ALA G 50 -9.71 -14.91 3.08
C ALA G 50 -8.64 -14.87 2.00
N ILE G 51 -7.52 -15.52 2.28
CA ILE G 51 -6.39 -15.48 1.35
C ILE G 51 -5.55 -16.72 1.63
N THR G 52 -5.17 -17.41 0.56
CA THR G 52 -4.43 -18.64 0.69
C THR G 52 -2.98 -18.32 0.93
N PRO G 53 -2.18 -19.33 1.24
CA PRO G 53 -0.76 -19.02 1.42
C PRO G 53 -0.06 -18.57 0.14
N GLN G 54 -0.56 -19.02 -1.02
CA GLN G 54 -0.07 -18.52 -2.30
C GLN G 54 -0.54 -17.13 -2.62
N GLY G 55 -1.53 -16.67 -1.86
CA GLY G 55 -1.95 -15.29 -1.92
C GLY G 55 -3.20 -15.03 -2.75
N VAL G 56 -3.98 -16.07 -3.04
CA VAL G 56 -5.27 -15.87 -3.69
C VAL G 56 -6.33 -15.37 -2.70
N PRO G 57 -6.86 -14.17 -2.92
CA PRO G 57 -7.89 -13.63 -2.05
C PRO G 57 -9.28 -13.96 -2.55
N ASN G 58 -10.25 -13.88 -1.67
CA ASN G 58 -11.65 -14.00 -2.06
C ASN G 58 -12.48 -13.34 -0.98
N TYR G 59 -13.68 -12.91 -1.32
CA TYR G 59 -14.37 -11.93 -0.53
C TYR G 59 -15.86 -12.23 -0.33
N ALA G 60 -16.46 -11.70 0.72
CA ALA G 60 -17.92 -11.65 0.82
C ALA G 60 -18.45 -10.60 -0.13
N ASP G 61 -19.60 -10.91 -0.76
CA ASP G 61 -20.31 -9.99 -1.65
C ASP G 61 -20.45 -8.59 -1.13
N SER G 62 -20.70 -8.43 0.16
CA SER G 62 -20.84 -7.06 0.72
C SER G 62 -19.58 -6.21 0.62
N VAL G 63 -18.42 -6.80 0.37
CA VAL G 63 -17.18 -6.03 0.32
C VAL G 63 -16.37 -6.24 -0.95
N LYS G 64 -16.77 -7.18 -1.80
CA LYS G 64 -16.14 -7.34 -3.09
C LYS G 64 -16.07 -5.95 -3.72
N GLY G 65 -14.88 -5.56 -4.20
CA GLY G 65 -14.71 -4.26 -4.85
C GLY G 65 -14.16 -3.16 -3.97
N ARG G 66 -14.44 -3.18 -2.69
CA ARG G 66 -13.98 -2.09 -1.83
C ARG G 66 -12.78 -2.42 -0.97
N PHE G 67 -12.68 -3.67 -0.55
CA PHE G 67 -11.72 -4.16 0.43
C PHE G 67 -10.66 -5.04 -0.21
N THR G 68 -9.41 -4.95 0.19
CA THR G 68 -8.41 -5.82 -0.40
C THR G 68 -7.68 -6.50 0.73
N ILE G 69 -7.64 -7.82 0.72
CA ILE G 69 -6.91 -8.59 1.73
C ILE G 69 -5.55 -8.94 1.22
N SER G 70 -4.56 -8.92 2.09
CA SER G 70 -3.24 -9.31 1.65
C SER G 70 -2.49 -9.90 2.81
N ARG G 71 -1.36 -10.55 2.50
CA ARG G 71 -0.56 -11.18 3.55
C ARG G 71 0.89 -11.07 3.17
N ASP G 72 1.71 -11.14 4.20
CA ASP G 72 3.15 -11.03 4.08
C ASP G 72 3.79 -12.25 4.77
N ASN G 73 4.24 -13.21 3.98
CA ASN G 73 4.68 -14.48 4.54
C ASN G 73 6.05 -14.39 5.22
N ALA G 74 6.79 -13.31 4.97
CA ALA G 74 8.04 -13.12 5.69
C ALA G 74 7.78 -12.70 7.13
N LYS G 75 6.66 -12.04 7.39
CA LYS G 75 6.46 -11.37 8.67
C LYS G 75 5.25 -11.85 9.45
N ASN G 76 4.56 -12.88 8.96
CA ASN G 76 3.31 -13.35 9.58
C ASN G 76 2.29 -12.25 9.85
N MET G 77 2.07 -11.44 8.83
CA MET G 77 1.14 -10.33 8.90
C MET G 77 -0.02 -10.49 7.93
N LEU G 78 -1.20 -10.14 8.41
CA LEU G 78 -2.35 -10.08 7.53
C LEU G 78 -2.86 -8.63 7.50
N TYR G 79 -3.33 -8.21 6.32
CA TYR G 79 -3.87 -6.87 6.18
C TYR G 79 -5.17 -6.82 5.42
N LEU G 80 -6.02 -5.89 5.85
CA LEU G 80 -7.22 -5.53 5.12
C LEU G 80 -7.21 -4.06 4.72
N GLN G 81 -7.03 -3.80 3.44
CA GLN G 81 -7.13 -2.46 2.90
C GLN G 81 -8.58 -2.17 2.61
N MET G 82 -9.19 -1.28 3.39
CA MET G 82 -10.60 -0.93 3.22
C MET G 82 -10.77 0.44 2.54
N SER G 83 -11.60 0.49 1.49
CA SER G 83 -11.92 1.75 0.81
C SER G 83 -13.41 1.87 0.57
N SER G 84 -13.82 3.07 0.18
CA SER G 84 -15.23 3.40 0.00
C SER G 84 -16.02 2.82 1.18
N LEU G 85 -15.57 3.14 2.40
CA LEU G 85 -16.24 2.65 3.59
C LEU G 85 -17.68 3.17 3.74
N LYS G 86 -18.56 2.30 4.21
CA LYS G 86 -19.95 2.63 4.42
C LYS G 86 -20.31 2.39 5.85
N PRO G 87 -21.38 3.03 6.32
CA PRO G 87 -21.88 2.76 7.68
C PRO G 87 -22.11 1.29 7.99
N GLU G 88 -22.59 0.54 7.01
CA GLU G 88 -22.80 -0.91 7.13
C GLU G 88 -21.49 -1.56 7.59
N ASP G 89 -20.31 -0.95 7.33
CA ASP G 89 -19.08 -1.62 7.67
C ASP G 89 -18.67 -1.40 9.12
N THR G 90 -19.47 -0.65 9.87
CA THR G 90 -19.29 -0.59 11.30
C THR G 90 -19.36 -2.01 11.97
N ALA G 91 -18.35 -2.31 12.79
CA ALA G 91 -18.15 -3.60 13.47
C ALA G 91 -16.80 -3.67 14.16
N LEU G 92 -16.65 -4.65 15.05
CA LEU G 92 -15.34 -5.03 15.50
C LEU G 92 -14.80 -5.98 14.47
N TYR G 93 -13.61 -5.70 13.93
CA TYR G 93 -12.98 -6.62 12.99
C TYR G 93 -11.97 -7.55 13.66
N TYR G 94 -11.96 -8.81 13.24
CA TYR G 94 -11.04 -9.83 13.77
C TYR G 94 -10.35 -10.59 12.63
N CYS G 95 -9.11 -11.04 12.86
CA CYS G 95 -8.45 -12.00 11.98
C CYS G 95 -8.36 -13.35 12.69
N ASN G 96 -8.19 -14.37 11.87
CA ASN G 96 -7.98 -15.72 12.29
C ASN G 96 -7.50 -16.50 11.10
N ARG G 97 -7.02 -17.72 11.34
CA ARG G 97 -6.82 -18.64 10.22
C ARG G 97 -8.17 -19.22 9.92
N LEU G 98 -8.22 -19.95 8.81
CA LEU G 98 -9.35 -20.76 8.39
C LEU G 98 -8.86 -22.19 8.21
N PRO G 99 -9.50 -23.16 8.90
CA PRO G 99 -10.58 -22.95 9.85
C PRO G 99 -10.03 -22.30 11.10
N ASN G 100 -10.91 -21.78 11.94
CA ASN G 100 -10.56 -20.90 13.02
C ASN G 100 -9.88 -21.60 14.19
N TYR G 101 -8.77 -21.04 14.63
CA TYR G 101 -8.29 -21.27 16.00
C TYR G 101 -9.38 -20.70 16.86
N ARG G 102 -9.73 -21.35 17.95
CA ARG G 102 -10.98 -20.98 18.64
C ARG G 102 -10.82 -19.95 19.72
N SER G 103 -9.61 -19.44 19.89
CA SER G 103 -9.38 -18.28 20.75
C SER G 103 -9.13 -17.06 19.88
N TRP G 104 -10.15 -16.25 19.76
CA TRP G 104 -10.05 -15.05 18.98
C TRP G 104 -9.25 -13.98 19.70
N GLY G 105 -8.60 -13.12 18.92
CA GLY G 105 -8.00 -11.91 19.45
C GLY G 105 -9.04 -10.91 19.90
N GLN G 106 -8.52 -9.77 20.35
CA GLN G 106 -9.33 -8.67 20.87
C GLN G 106 -10.05 -7.91 19.75
N GLY G 107 -9.62 -8.06 18.53
CA GLY G 107 -10.24 -7.32 17.44
C GLY G 107 -9.89 -5.84 17.49
N THR G 108 -10.25 -5.12 16.43
CA THR G 108 -10.05 -3.69 16.32
C THR G 108 -11.32 -3.01 15.79
N GLN G 109 -11.78 -1.98 16.49
CA GLN G 109 -13.07 -1.34 16.22
C GLN G 109 -12.95 -0.45 15.02
N VAL G 110 -13.94 -0.59 14.14
CA VAL G 110 -14.09 0.24 12.96
C VAL G 110 -15.49 0.85 12.95
N THR G 111 -15.55 2.17 12.85
CA THR G 111 -16.82 2.89 12.92
C THR G 111 -16.93 3.88 11.76
N VAL G 112 -18.07 3.89 11.09
CA VAL G 112 -18.17 4.68 9.88
C VAL G 112 -19.39 5.52 10.01
N SER G 113 -19.16 6.79 10.27
CA SER G 113 -20.21 7.68 10.61
C SER G 113 -19.89 9.14 10.16
N SER G 114 -20.92 9.85 9.67
CA SER G 114 -20.79 11.19 9.13
C SER G 114 -20.60 12.28 10.18
N HIS G 115 -20.19 13.46 9.71
CA HIS G 115 -20.11 14.70 10.51
C HIS G 115 -21.49 15.40 10.53
N VAL H 2 41.73 5.60 38.47
CA VAL H 2 41.81 6.13 39.85
C VAL H 2 41.00 7.41 39.88
N GLN H 3 41.34 8.42 39.07
CA GLN H 3 40.50 9.61 39.05
C GLN H 3 40.34 10.55 37.85
N LEU H 4 39.44 11.50 38.08
CA LEU H 4 38.92 12.40 37.10
C LEU H 4 38.74 13.74 37.78
N GLN H 5 39.27 14.81 37.18
CA GLN H 5 39.24 16.14 37.77
C GLN H 5 38.89 17.15 36.73
N GLU H 6 37.65 17.59 36.72
CA GLU H 6 37.26 18.55 35.68
C GLU H 6 37.61 19.98 36.15
N SER H 7 37.87 20.87 35.20
CA SER H 7 37.97 22.29 35.51
C SER H 7 37.63 23.10 34.26
N GLY H 8 37.51 24.41 34.45
CA GLY H 8 37.36 25.35 33.34
C GLY H 8 36.04 26.08 33.27
N GLY H 9 35.13 25.71 34.16
CA GLY H 9 33.78 26.27 34.17
C GLY H 9 33.65 27.63 34.82
N GLY H 10 32.50 28.24 34.63
CA GLY H 10 32.17 29.47 35.29
C GLY H 10 30.83 29.93 34.75
N LEU H 11 30.55 31.21 34.99
CA LEU H 11 29.34 31.84 34.53
C LEU H 11 29.68 32.65 33.29
N VAL H 12 29.22 32.19 32.14
CA VAL H 12 29.36 32.97 30.92
C VAL H 12 28.00 33.50 30.49
N GLN H 13 28.00 34.06 29.30
CA GLN H 13 26.95 34.89 28.78
C GLN H 13 26.51 34.26 27.44
N PRO H 14 25.22 34.29 27.13
CA PRO H 14 24.89 33.55 25.90
C PRO H 14 25.74 34.00 24.71
N GLY H 15 26.28 33.06 23.92
CA GLY H 15 27.20 33.37 22.81
C GLY H 15 28.64 33.12 23.20
N GLY H 16 28.88 33.01 24.51
CA GLY H 16 30.21 32.81 25.03
C GLY H 16 30.83 31.49 24.64
N SER H 17 32.10 31.36 25.01
CA SER H 17 32.87 30.14 24.84
C SER H 17 33.48 29.76 26.18
N LEU H 18 33.73 28.48 26.33
CA LEU H 18 34.50 27.98 27.45
C LEU H 18 35.24 26.77 27.00
N ARG H 19 36.36 26.55 27.64
CA ARG H 19 37.08 25.33 27.46
C ARG H 19 37.07 24.63 28.79
N LEU H 20 36.57 23.41 28.78
CA LEU H 20 36.69 22.55 29.93
C LEU H 20 37.83 21.58 29.72
N SER H 21 38.36 21.14 30.82
CA SER H 21 39.47 20.21 30.83
C SER H 21 39.14 19.16 31.84
N CYS H 22 39.66 17.99 31.57
CA CYS H 22 39.56 16.98 32.54
C CYS H 22 40.84 16.22 32.49
N ALA H 23 41.39 16.02 33.66
CA ALA H 23 42.65 15.33 33.80
C ALA H 23 42.35 13.98 34.42
N ALA H 24 42.71 12.92 33.72
CA ALA H 24 42.32 11.61 34.15
C ALA H 24 43.52 10.71 34.26
N SER H 25 43.51 9.80 35.21
CA SER H 25 44.56 8.79 35.31
C SER H 25 44.66 7.85 34.07
N GLY H 26 45.87 7.38 33.80
CA GLY H 26 46.15 6.45 32.72
C GLY H 26 45.26 5.21 32.73
N SER H 27 45.01 4.62 33.91
CA SER H 27 44.16 3.42 33.98
C SER H 27 42.82 3.70 33.30
N ILE H 28 42.24 4.86 33.57
CA ILE H 28 41.02 5.31 32.90
C ILE H 28 41.24 5.76 31.43
N PHE H 29 42.27 6.55 31.20
CA PHE H 29 42.41 7.22 29.92
C PHE H 29 42.99 6.36 28.81
N SER H 30 43.95 5.54 29.18
CA SER H 30 44.74 4.81 28.22
C SER H 30 43.90 3.77 27.48
N GLY H 31 43.83 3.90 26.18
CA GLY H 31 43.23 2.87 25.33
C GLY H 31 41.74 2.81 25.51
N ASN H 32 41.17 3.87 26.08
CA ASN H 32 39.75 3.94 26.37
C ASN H 32 39.07 5.09 25.64
N VAL H 33 37.82 4.85 25.34
CA VAL H 33 36.95 5.86 24.87
C VAL H 33 36.73 6.71 26.10
N MET H 34 36.77 8.03 25.90
CA MET H 34 36.47 9.02 26.94
C MET H 34 35.30 9.89 26.49
N GLY H 35 34.67 10.60 27.42
CA GLY H 35 33.60 11.49 27.09
C GLY H 35 33.13 12.42 28.17
N TRP H 36 32.32 13.38 27.77
CA TRP H 36 31.75 14.35 28.68
C TRP H 36 30.27 14.10 28.91
N TYR H 37 29.78 14.58 30.05
CA TYR H 37 28.44 14.38 30.52
C TYR H 37 28.05 15.64 31.22
N ARG H 38 26.76 15.85 31.42
CA ARG H 38 26.36 16.99 32.23
C ARG H 38 25.09 16.69 32.94
N GLN H 39 24.84 17.46 33.97
CA GLN H 39 23.77 17.18 34.83
C GLN H 39 23.22 18.50 35.29
N ALA H 40 21.99 18.76 34.84
CA ALA H 40 21.32 20.03 34.97
C ALA H 40 20.29 19.92 36.09
N PRO H 41 19.80 21.06 36.58
CA PRO H 41 18.94 21.00 37.77
C PRO H 41 17.66 20.25 37.46
N GLY H 42 17.27 19.36 38.37
CA GLY H 42 16.05 18.57 38.25
C GLY H 42 16.05 17.48 37.19
N LYS H 43 17.15 17.35 36.46
CA LYS H 43 17.26 16.33 35.41
C LYS H 43 18.26 15.29 35.87
N LEU H 44 18.33 14.20 35.13
CA LEU H 44 19.35 13.20 35.29
C LEU H 44 20.47 13.47 34.32
N ARG H 45 21.57 12.80 34.55
CA ARG H 45 22.79 13.04 33.84
C ARG H 45 22.62 12.68 32.37
N GLU H 46 23.15 13.53 31.49
CA GLU H 46 23.01 13.43 30.05
C GLU H 46 24.39 13.23 29.42
N TRP H 47 24.57 12.19 28.62
CA TRP H 47 25.73 12.05 27.76
C TRP H 47 25.80 13.16 26.72
N VAL H 48 26.97 13.73 26.56
CA VAL H 48 27.16 14.91 25.71
C VAL H 48 28.12 14.71 24.54
N ALA H 49 29.23 14.04 24.76
CA ALA H 49 30.20 13.73 23.70
C ALA H 49 31.15 12.65 24.18
N ALA H 50 31.88 12.12 23.22
CA ALA H 50 32.77 11.00 23.43
C ALA H 50 33.78 11.00 22.28
N ILE H 51 34.90 10.33 22.50
CA ILE H 51 36.00 10.37 21.57
C ILE H 51 36.82 9.10 21.75
N THR H 52 37.11 8.42 20.65
CA THR H 52 37.84 7.14 20.73
C THR H 52 39.29 7.40 21.09
N PRO H 53 40.08 6.34 21.36
CA PRO H 53 41.52 6.53 21.51
C PRO H 53 42.17 7.20 20.28
N GLN H 54 41.69 6.87 19.09
CA GLN H 54 42.21 7.43 17.85
C GLN H 54 41.66 8.77 17.51
N GLY H 55 40.87 9.36 18.39
CA GLY H 55 40.43 10.74 18.20
C GLY H 55 39.15 10.92 17.40
N VAL H 56 38.46 9.85 16.97
CA VAL H 56 37.16 10.04 16.33
C VAL H 56 36.14 10.52 17.41
N PRO H 57 35.42 11.63 17.17
CA PRO H 57 34.45 12.16 18.13
C PRO H 57 32.99 12.00 17.74
N ASN H 58 32.07 12.12 18.67
CA ASN H 58 30.66 12.09 18.31
C ASN H 58 29.83 12.78 19.41
N TYR H 59 28.68 13.28 19.03
CA TYR H 59 28.01 14.22 19.91
C TYR H 59 26.53 13.93 20.13
N ALA H 60 26.00 14.40 21.23
CA ALA H 60 24.58 14.44 21.37
C ALA H 60 24.00 15.53 20.47
N ASP H 61 22.76 15.35 20.05
CA ASP H 61 22.16 16.27 19.11
C ASP H 61 22.03 17.66 19.76
N SER H 62 21.91 17.72 21.07
CA SER H 62 21.70 19.00 21.72
C SER H 62 22.93 19.95 21.67
N VAL H 63 24.08 19.43 21.26
CA VAL H 63 25.33 20.18 21.23
C VAL H 63 26.08 20.03 19.91
N LYS H 64 25.54 19.23 18.98
CA LYS H 64 26.19 19.06 17.69
C LYS H 64 26.36 20.45 17.09
N GLY H 65 27.53 20.70 16.48
CA GLY H 65 27.81 22.01 15.86
C GLY H 65 28.23 23.16 16.81
N ARG H 66 28.33 22.89 18.10
CA ARG H 66 28.61 23.94 19.06
C ARG H 66 29.73 23.56 19.99
N PHE H 67 29.87 22.28 20.36
CA PHE H 67 30.97 21.79 21.19
C PHE H 67 31.95 20.92 20.43
N THR H 68 33.20 20.95 20.83
CA THR H 68 34.18 20.07 20.24
C THR H 68 34.86 19.32 21.33
N ILE H 69 34.96 18.01 21.13
CA ILE H 69 35.65 17.17 22.09
C ILE H 69 37.01 16.80 21.53
N SER H 70 38.02 16.85 22.38
CA SER H 70 39.36 16.53 21.93
C SER H 70 40.06 15.89 23.10
N ARG H 71 41.08 15.09 22.77
CA ARG H 71 41.90 14.39 23.74
C ARG H 71 43.38 14.55 23.39
N ASP H 72 44.22 14.58 24.41
CA ASP H 72 45.66 14.71 24.21
C ASP H 72 46.22 13.48 24.86
N ASN H 73 46.50 12.52 24.01
CA ASN H 73 46.83 11.20 24.48
C ASN H 73 48.14 11.14 25.21
N ALA H 74 48.98 12.18 25.10
CA ALA H 74 50.30 12.21 25.78
C ALA H 74 50.26 12.70 27.24
N LYS H 75 49.19 13.40 27.60
CA LYS H 75 49.05 14.03 28.93
C LYS H 75 47.78 13.56 29.68
N ASN H 76 47.18 12.46 29.26
CA ASN H 76 45.88 12.03 29.78
C ASN H 76 44.92 13.19 29.98
N MET H 77 44.78 14.05 28.99
CA MET H 77 43.83 15.15 29.13
C MET H 77 42.72 14.99 28.13
N LEU H 78 41.55 15.43 28.57
CA LEU H 78 40.37 15.56 27.77
C LEU H 78 39.85 17.00 27.83
N TYR H 79 39.27 17.43 26.72
CA TYR H 79 38.83 18.78 26.60
C TYR H 79 37.47 18.88 25.94
N LEU H 80 36.68 19.82 26.41
CA LEU H 80 35.45 20.17 25.73
C LEU H 80 35.41 21.65 25.39
N GLN H 81 35.48 21.95 24.12
CA GLN H 81 35.45 23.33 23.69
C GLN H 81 33.99 23.66 23.46
N MET H 82 33.50 24.71 24.12
CA MET H 82 32.10 25.05 24.06
C MET H 82 31.90 26.39 23.37
N SER H 83 31.20 26.40 22.23
CA SER H 83 30.83 27.65 21.54
C SER H 83 29.32 27.95 21.60
N SER H 84 28.96 29.22 21.44
CA SER H 84 27.58 29.63 21.25
C SER H 84 26.76 29.08 22.40
N LEU H 85 27.31 29.24 23.59
CA LEU H 85 26.63 28.77 24.76
C LEU H 85 25.25 29.40 24.88
N LYS H 86 24.32 28.62 25.43
CA LYS H 86 22.95 29.03 25.65
C LYS H 86 22.59 28.70 27.09
N PRO H 87 21.54 29.31 27.63
CA PRO H 87 21.18 28.99 29.01
C PRO H 87 20.96 27.49 29.27
N GLU H 88 20.47 26.78 28.26
CA GLU H 88 20.17 25.37 28.33
C GLU H 88 21.39 24.54 28.57
N ASP H 89 22.56 25.12 28.32
CA ASP H 89 23.82 24.43 28.60
C ASP H 89 24.22 24.50 30.07
N THR H 90 23.44 25.19 30.90
CA THR H 90 23.75 25.35 32.30
C THR H 90 23.68 23.97 32.91
N ALA H 91 24.77 23.58 33.59
CA ALA H 91 24.87 22.30 34.32
C ALA H 91 26.26 22.02 34.88
N LEU H 92 26.34 20.98 35.71
CA LEU H 92 27.62 20.42 36.11
C LEU H 92 28.11 19.48 35.00
N TYR H 93 29.34 19.68 34.57
CA TYR H 93 29.91 18.89 33.46
C TYR H 93 30.93 17.99 34.12
N TYR H 94 30.99 16.73 33.65
CA TYR H 94 31.79 15.66 34.22
C TYR H 94 32.41 14.85 33.07
N CYS H 95 33.64 14.37 33.26
CA CYS H 95 34.27 13.45 32.31
C CYS H 95 34.30 12.10 32.96
N ASN H 96 34.50 11.10 32.12
CA ASN H 96 34.60 9.71 32.53
C ASN H 96 35.01 8.95 31.31
N ARG H 97 35.35 7.68 31.50
CA ARG H 97 35.42 6.79 30.35
C ARG H 97 34.06 6.20 29.98
N LEU H 98 34.03 5.59 28.80
CA LEU H 98 32.92 4.77 28.31
C LEU H 98 33.41 3.34 28.04
N PRO H 99 32.73 2.35 28.64
CA PRO H 99 31.69 2.48 29.64
C PRO H 99 32.23 3.14 30.92
N ASN H 100 31.36 3.63 31.79
CA ASN H 100 31.72 4.55 32.87
C ASN H 100 32.39 3.84 33.99
N TYR H 101 33.38 4.48 34.59
CA TYR H 101 33.98 4.01 35.83
C TYR H 101 33.06 4.54 36.91
N ARG H 102 32.66 3.74 37.88
CA ARG H 102 31.50 4.21 38.66
C ARG H 102 31.78 5.18 39.81
N SER H 103 33.01 5.64 39.94
CA SER H 103 33.29 6.83 40.72
C SER H 103 33.42 8.06 39.83
N TRP H 104 32.57 9.06 40.06
CA TRP H 104 32.66 10.31 39.37
C TRP H 104 33.55 11.36 40.10
N GLY H 105 34.18 12.22 39.32
CA GLY H 105 34.83 13.41 39.84
C GLY H 105 33.80 14.43 40.31
N GLN H 106 34.27 15.55 40.82
CA GLN H 106 33.41 16.57 41.39
C GLN H 106 32.71 17.38 40.29
N GLY H 107 33.22 17.28 39.07
CA GLY H 107 32.68 18.12 38.03
C GLY H 107 32.97 19.62 38.17
N THR H 108 32.74 20.32 37.06
CA THR H 108 32.90 21.73 36.98
C THR H 108 31.59 22.38 36.55
N GLN H 109 31.14 23.39 37.28
CA GLN H 109 29.86 24.06 37.03
C GLN H 109 29.95 25.06 35.88
N VAL H 110 29.00 24.94 34.96
CA VAL H 110 28.82 25.93 33.93
C VAL H 110 27.46 26.59 34.02
N THR H 111 27.47 27.91 33.85
CA THR H 111 26.27 28.68 33.97
C THR H 111 26.25 29.69 32.83
N VAL H 112 25.13 29.70 32.11
CA VAL H 112 24.96 30.50 30.91
C VAL H 112 23.70 31.32 31.11
N SER H 113 23.89 32.64 31.19
CA SER H 113 22.87 33.51 31.72
C SER H 113 23.19 35.01 31.47
N SER H 114 22.19 35.77 31.02
CA SER H 114 22.22 37.22 30.97
C SER H 114 22.05 37.84 32.34
#